data_2KMD
#
_entry.id   2KMD
#
_entity_poly.entity_id   1
_entity_poly.type   'polypeptide(L)'
_entity_poly.pdbx_seq_one_letter_code
;GSHMECADVPLL(TPO)PS(SEP)KEMMSQALKATFSGFTKEQQRLGIPKDPRQWTETHVRDWVMWAVNEFSLKGVDFQK
FCMSGAALCALGKECFLELAPDFVGDILWEHLEILQKEDVK
;
_entity_poly.pdbx_strand_id   A
#
# COMPACT_ATOMS: atom_id res chain seq x y z
N HIS A 3 9.85 9.15 2.38
CA HIS A 3 8.96 8.02 2.02
C HIS A 3 9.78 6.81 1.55
N MET A 4 9.76 5.74 2.36
CA MET A 4 10.48 4.50 2.05
C MET A 4 12.00 4.69 2.21
N GLU A 5 12.62 5.42 1.29
CA GLU A 5 14.05 5.67 1.33
C GLU A 5 14.38 7.07 0.83
N CYS A 6 15.23 7.79 1.57
CA CYS A 6 15.63 9.14 1.20
C CYS A 6 17.14 9.23 0.97
N ALA A 7 17.53 9.30 -0.31
CA ALA A 7 18.94 9.39 -0.69
C ALA A 7 19.75 8.22 -0.10
N ASP A 8 19.68 7.08 -0.76
CA ASP A 8 20.39 5.88 -0.31
C ASP A 8 21.14 5.21 -1.46
N VAL A 9 22.46 5.04 -1.29
CA VAL A 9 23.29 4.40 -2.30
C VAL A 9 23.92 3.13 -1.73
N PRO A 10 23.24 1.97 -1.91
CA PRO A 10 23.73 0.68 -1.41
C PRO A 10 25.13 0.33 -1.92
N LEU A 11 26.12 0.45 -1.03
CA LEU A 11 27.50 0.15 -1.36
C LEU A 11 28.26 -0.33 -0.13
N LEU A 12 28.45 0.59 0.83
CA LEU A 12 29.14 0.26 2.07
C LEU A 12 28.58 1.08 3.24
N PRO A 14 25.76 -0.17 5.73
CA PRO A 14 24.76 -1.07 6.33
C PRO A 14 23.91 -0.36 7.37
N SER A 15 22.63 -0.16 7.04
CA SER A 15 21.70 0.51 7.93
C SER A 15 20.29 -0.06 7.80
N LYS A 17 17.57 1.33 7.40
CA LYS A 17 16.82 1.97 6.31
C LYS A 17 16.95 1.16 5.01
N GLU A 18 18.14 0.62 4.75
CA GLU A 18 18.37 -0.17 3.54
C GLU A 18 17.60 -1.48 3.60
N MET A 19 17.57 -2.11 4.78
CA MET A 19 16.85 -3.37 4.96
C MET A 19 15.35 -3.16 4.80
N MET A 20 14.86 -2.02 5.28
CA MET A 20 13.43 -1.69 5.18
C MET A 20 13.00 -1.64 3.71
N SER A 21 13.80 -0.99 2.87
CA SER A 21 13.49 -0.89 1.45
C SER A 21 13.60 -2.25 0.77
N GLN A 22 14.61 -3.04 1.18
CA GLN A 22 14.83 -4.38 0.64
C GLN A 22 13.54 -5.21 0.70
N ALA A 23 12.94 -5.29 1.88
CA ALA A 23 11.71 -6.05 2.08
C ALA A 23 10.58 -5.53 1.19
N LEU A 24 10.38 -4.21 1.22
CA LEU A 24 9.33 -3.56 0.41
C LEU A 24 9.53 -3.85 -1.08
N LYS A 25 10.78 -3.76 -1.54
CA LYS A 25 11.12 -3.99 -2.94
C LYS A 25 10.78 -5.42 -3.38
N ALA A 26 11.07 -6.40 -2.51
CA ALA A 26 10.80 -7.80 -2.82
C ALA A 26 9.31 -8.13 -2.68
N THR A 27 8.62 -7.44 -1.77
CA THR A 27 7.20 -7.67 -1.55
C THR A 27 6.35 -7.25 -2.76
N PHE A 28 6.74 -6.14 -3.40
CA PHE A 28 6.01 -5.64 -4.58
C PHE A 28 5.67 -6.76 -5.57
N SER A 29 6.68 -7.53 -5.97
CA SER A 29 6.48 -8.64 -6.91
C SER A 29 5.46 -9.65 -6.38
N GLY A 30 5.43 -9.85 -5.06
CA GLY A 30 4.49 -10.77 -4.44
C GLY A 30 3.09 -10.19 -4.28
N PHE A 31 2.91 -8.93 -4.71
CA PHE A 31 1.62 -8.27 -4.60
C PHE A 31 0.77 -8.56 -5.83
N THR A 32 1.32 -8.27 -7.02
CA THR A 32 0.62 -8.51 -8.29
C THR A 32 0.17 -9.97 -8.39
N LYS A 33 0.95 -10.88 -7.81
CA LYS A 33 0.61 -12.30 -7.82
C LYS A 33 -0.67 -12.55 -7.04
N GLU A 34 -0.90 -11.73 -6.02
CA GLU A 34 -2.09 -11.83 -5.19
C GLU A 34 -3.24 -11.02 -5.80
N GLN A 35 -2.91 -9.85 -6.35
CA GLN A 35 -3.88 -8.97 -6.99
C GLN A 35 -4.62 -9.69 -8.11
N GLN A 36 -3.93 -10.63 -8.77
CA GLN A 36 -4.54 -11.41 -9.85
C GLN A 36 -5.34 -12.59 -9.29
N ARG A 37 -4.86 -13.14 -8.18
CA ARG A 37 -5.52 -14.27 -7.53
C ARG A 37 -6.84 -13.85 -6.88
N LEU A 38 -6.87 -12.64 -6.32
CA LEU A 38 -8.07 -12.11 -5.66
C LEU A 38 -8.86 -11.17 -6.57
N GLY A 39 -8.14 -10.41 -7.40
CA GLY A 39 -8.80 -9.46 -8.30
C GLY A 39 -8.56 -8.01 -7.89
N ILE A 40 -7.81 -7.81 -6.80
CA ILE A 40 -7.50 -6.47 -6.29
C ILE A 40 -6.82 -5.63 -7.37
N PRO A 41 -7.38 -4.44 -7.68
CA PRO A 41 -6.83 -3.55 -8.70
C PRO A 41 -5.56 -2.84 -8.24
N LYS A 42 -4.84 -2.22 -9.18
CA LYS A 42 -3.60 -1.51 -8.87
C LYS A 42 -3.88 -0.16 -8.21
N ASP A 43 -5.00 0.47 -8.55
CA ASP A 43 -5.36 1.76 -7.98
C ASP A 43 -6.06 1.58 -6.63
N PRO A 44 -5.56 2.28 -5.58
CA PRO A 44 -6.12 2.20 -4.22
C PRO A 44 -7.46 2.93 -4.06
N ARG A 45 -7.73 3.92 -4.90
CA ARG A 45 -8.99 4.66 -4.83
C ARG A 45 -10.17 3.78 -5.26
N GLN A 46 -9.92 2.85 -6.18
CA GLN A 46 -10.96 1.94 -6.65
C GLN A 46 -10.93 0.63 -5.86
N TRP A 47 -10.65 0.73 -4.56
CA TRP A 47 -10.60 -0.45 -3.69
C TRP A 47 -11.86 -0.51 -2.81
N THR A 48 -12.10 -1.66 -2.18
CA THR A 48 -13.24 -1.80 -1.28
C THR A 48 -12.80 -2.48 0.01
N GLU A 49 -13.73 -2.67 0.95
CA GLU A 49 -13.41 -3.29 2.23
C GLU A 49 -12.64 -4.60 2.04
N THR A 50 -13.05 -5.40 1.06
CA THR A 50 -12.39 -6.67 0.78
C THR A 50 -10.94 -6.47 0.35
N HIS A 51 -10.73 -5.63 -0.68
CA HIS A 51 -9.39 -5.34 -1.19
C HIS A 51 -8.49 -4.76 -0.10
N VAL A 52 -9.06 -3.89 0.73
CA VAL A 52 -8.33 -3.26 1.83
C VAL A 52 -7.84 -4.31 2.84
N ARG A 53 -8.77 -5.15 3.30
CA ARG A 53 -8.46 -6.20 4.27
C ARG A 53 -7.59 -7.28 3.65
N ASP A 54 -7.97 -7.75 2.47
CA ASP A 54 -7.20 -8.80 1.78
C ASP A 54 -5.75 -8.35 1.57
N TRP A 55 -5.56 -7.05 1.32
CA TRP A 55 -4.22 -6.51 1.12
C TRP A 55 -3.49 -6.48 2.47
N VAL A 56 -4.03 -5.71 3.42
CA VAL A 56 -3.47 -5.62 4.77
C VAL A 56 -2.99 -6.98 5.26
N MET A 57 -3.89 -7.98 5.19
CA MET A 57 -3.56 -9.34 5.61
C MET A 57 -2.36 -9.87 4.83
N TRP A 58 -2.39 -9.69 3.51
CA TRP A 58 -1.30 -10.13 2.64
C TRP A 58 0.02 -9.43 3.03
N ALA A 59 -0.07 -8.14 3.37
CA ALA A 59 1.10 -7.36 3.76
C ALA A 59 1.68 -7.86 5.10
N VAL A 60 0.82 -8.49 5.90
CA VAL A 60 1.24 -9.03 7.19
C VAL A 60 2.02 -10.33 6.98
N ASN A 61 1.67 -11.06 5.93
CA ASN A 61 2.34 -12.32 5.59
C ASN A 61 3.65 -12.07 4.84
N GLU A 62 3.69 -10.99 4.05
CA GLU A 62 4.88 -10.64 3.27
C GLU A 62 6.01 -10.16 4.19
N PHE A 63 5.66 -9.35 5.19
CA PHE A 63 6.65 -8.81 6.13
C PHE A 63 6.54 -9.47 7.51
N SER A 64 5.75 -10.55 7.61
CA SER A 64 5.56 -11.26 8.88
C SER A 64 5.32 -10.26 10.02
N LEU A 65 4.33 -9.38 9.82
CA LEU A 65 4.01 -8.35 10.80
C LEU A 65 3.12 -8.90 11.93
N LYS A 66 2.80 -8.06 12.90
CA LYS A 66 1.97 -8.45 14.02
C LYS A 66 1.38 -7.25 14.76
N GLY A 67 0.21 -7.44 15.36
CA GLY A 67 -0.45 -6.37 16.10
C GLY A 67 -1.42 -5.55 15.26
N VAL A 68 -1.44 -5.78 13.95
CA VAL A 68 -2.34 -5.04 13.07
C VAL A 68 -3.73 -5.66 13.04
N ASP A 69 -4.76 -4.82 13.06
CA ASP A 69 -6.14 -5.29 13.05
C ASP A 69 -6.85 -4.82 11.78
N PHE A 70 -7.86 -5.59 11.37
CA PHE A 70 -8.64 -5.26 10.17
C PHE A 70 -9.92 -4.49 10.53
N GLN A 71 -10.23 -4.40 11.82
CA GLN A 71 -11.42 -3.67 12.28
C GLN A 71 -11.27 -2.19 11.93
N LYS A 72 -10.07 -1.65 12.18
CA LYS A 72 -9.76 -0.26 11.88
C LYS A 72 -9.79 0.01 10.37
N PHE A 73 -9.42 -0.99 9.58
CA PHE A 73 -9.41 -0.86 8.12
C PHE A 73 -10.66 -1.48 7.49
N CYS A 74 -11.79 -1.40 8.20
CA CYS A 74 -13.05 -1.95 7.68
C CYS A 74 -13.77 -0.91 6.84
N MET A 75 -13.16 -0.53 5.72
CA MET A 75 -13.72 0.46 4.81
C MET A 75 -13.15 0.30 3.40
N SER A 76 -13.74 1.01 2.44
CA SER A 76 -13.30 0.94 1.05
C SER A 76 -12.01 1.76 0.84
N GLY A 77 -11.37 1.54 -0.31
CA GLY A 77 -10.14 2.24 -0.62
C GLY A 77 -10.31 3.75 -0.64
N ALA A 78 -11.40 4.22 -1.25
CA ALA A 78 -11.68 5.65 -1.32
C ALA A 78 -11.64 6.29 0.07
N ALA A 79 -12.17 5.57 1.06
CA ALA A 79 -12.19 6.04 2.44
C ALA A 79 -10.79 5.98 3.05
N LEU A 80 -10.10 4.86 2.84
CA LEU A 80 -8.75 4.65 3.35
C LEU A 80 -7.80 5.76 2.87
N CYS A 81 -7.88 6.08 1.57
CA CYS A 81 -7.03 7.12 0.98
C CYS A 81 -7.41 8.50 1.54
N ALA A 82 -8.73 8.74 1.67
CA ALA A 82 -9.23 10.01 2.18
C ALA A 82 -8.75 10.26 3.61
N LEU A 83 -8.57 9.18 4.39
CA LEU A 83 -8.11 9.27 5.77
C LEU A 83 -6.73 9.93 5.87
N GLY A 84 -5.84 9.59 4.95
CA GLY A 84 -4.50 10.14 4.98
C GLY A 84 -3.53 9.28 5.78
N LYS A 85 -2.25 9.63 5.73
CA LYS A 85 -1.21 8.88 6.46
C LYS A 85 -1.47 8.85 7.96
N GLU A 86 -1.62 10.03 8.56
CA GLU A 86 -1.86 10.15 10.01
C GLU A 86 -3.04 9.28 10.46
N CYS A 87 -4.17 9.39 9.78
CA CYS A 87 -5.36 8.60 10.13
C CYS A 87 -5.09 7.11 9.95
N PHE A 88 -4.44 6.74 8.83
CA PHE A 88 -4.12 5.36 8.55
C PHE A 88 -3.15 4.79 9.60
N LEU A 89 -2.17 5.61 10.00
CA LEU A 89 -1.20 5.21 11.01
C LEU A 89 -1.87 5.01 12.37
N GLU A 90 -2.98 5.72 12.60
CA GLU A 90 -3.74 5.61 13.84
C GLU A 90 -4.57 4.31 13.84
N LEU A 91 -4.87 3.80 12.65
CA LEU A 91 -5.65 2.56 12.50
C LEU A 91 -4.77 1.33 12.70
N ALA A 92 -3.51 1.42 12.29
CA ALA A 92 -2.57 0.32 12.44
C ALA A 92 -1.51 0.62 13.50
N PRO A 93 -0.82 -0.43 14.01
CA PRO A 93 0.23 -0.28 15.02
C PRO A 93 1.27 0.78 14.66
N ASP A 94 2.06 1.17 15.66
CA ASP A 94 3.10 2.18 15.48
C ASP A 94 4.24 1.70 14.58
N PHE A 95 4.32 0.39 14.31
CA PHE A 95 5.39 -0.12 13.46
C PHE A 95 4.87 -0.57 12.09
N VAL A 96 3.96 -1.55 12.08
CA VAL A 96 3.40 -2.07 10.84
C VAL A 96 2.66 -1.00 10.03
N GLY A 97 2.02 -0.06 10.74
CA GLY A 97 1.29 1.01 10.08
C GLY A 97 2.12 1.74 9.03
N ASP A 98 3.41 1.91 9.31
CA ASP A 98 4.32 2.59 8.39
C ASP A 98 4.50 1.81 7.09
N ILE A 99 4.74 0.51 7.21
CA ILE A 99 4.93 -0.37 6.06
C ILE A 99 3.72 -0.32 5.12
N LEU A 100 2.54 -0.59 5.69
CA LEU A 100 1.30 -0.60 4.92
C LEU A 100 1.12 0.72 4.15
N TRP A 101 1.17 1.85 4.87
CA TRP A 101 1.01 3.15 4.22
C TRP A 101 2.13 3.40 3.21
N GLU A 102 3.32 2.84 3.44
CA GLU A 102 4.44 3.00 2.51
C GLU A 102 4.05 2.44 1.13
N HIS A 103 3.71 1.15 1.10
CA HIS A 103 3.32 0.49 -0.15
C HIS A 103 1.95 1.00 -0.61
N LEU A 104 1.06 1.27 0.34
CA LEU A 104 -0.28 1.77 0.04
C LEU A 104 -0.22 3.11 -0.70
N GLU A 105 0.67 4.01 -0.23
CA GLU A 105 0.83 5.32 -0.84
C GLU A 105 1.43 5.17 -2.24
N ILE A 106 2.30 4.16 -2.40
CA ILE A 106 2.93 3.88 -3.70
C ILE A 106 1.87 3.60 -4.74
N LEU A 107 0.86 2.82 -4.36
CA LEU A 107 -0.26 2.49 -5.25
C LEU A 107 -0.96 3.75 -5.75
N GLN A 108 -1.08 4.74 -4.85
CA GLN A 108 -1.71 6.01 -5.19
C GLN A 108 -0.89 6.78 -6.22
N LYS A 109 0.39 6.98 -5.92
CA LYS A 109 1.30 7.70 -6.81
C LYS A 109 1.44 6.98 -8.15
N GLU A 110 1.62 5.65 -8.09
CA GLU A 110 1.75 4.85 -9.30
C GLU A 110 0.47 4.90 -10.15
N ASP A 111 -0.67 4.84 -9.48
CA ASP A 111 -1.96 4.90 -10.16
C ASP A 111 -2.71 6.17 -9.78
N VAL A 112 -2.27 7.30 -10.37
CA VAL A 112 -2.89 8.60 -10.08
C VAL A 112 -4.39 8.57 -10.38
N LYS A 113 -5.19 8.93 -9.37
CA LYS A 113 -6.65 8.96 -9.48
C LYS A 113 -7.22 7.54 -9.56
N HIS A 3 11.24 3.58 1.51
CA HIS A 3 10.80 3.21 0.14
C HIS A 3 9.80 4.23 -0.40
N MET A 4 10.25 5.05 -1.36
CA MET A 4 9.42 6.09 -1.98
C MET A 4 9.15 7.24 -1.01
N GLU A 5 8.38 6.98 0.03
CA GLU A 5 8.05 8.00 1.04
C GLU A 5 9.15 8.12 2.08
N CYS A 6 9.27 9.31 2.68
CA CYS A 6 10.29 9.57 3.70
C CYS A 6 10.03 8.72 4.94
N ALA A 7 10.75 7.60 5.03
CA ALA A 7 10.63 6.68 6.16
C ALA A 7 11.80 5.71 6.21
N ASP A 8 12.07 5.04 5.09
CA ASP A 8 13.17 4.09 4.99
C ASP A 8 13.63 3.91 3.54
N VAL A 9 13.81 5.03 2.84
CA VAL A 9 14.24 5.01 1.44
C VAL A 9 15.67 4.51 1.31
N PRO A 10 15.86 3.33 0.67
CA PRO A 10 17.18 2.74 0.47
C PRO A 10 17.87 3.25 -0.79
N LEU A 11 19.20 3.25 -0.76
CA LEU A 11 19.99 3.71 -1.92
C LEU A 11 19.93 2.68 -3.05
N LEU A 12 20.06 3.16 -4.29
CA LEU A 12 20.01 2.29 -5.45
C LEU A 12 21.42 1.82 -5.84
N PRO A 14 23.62 -2.29 -5.39
CA PRO A 14 23.84 -3.59 -4.72
C PRO A 14 24.91 -3.49 -3.62
N SER A 15 24.45 -3.32 -2.39
CA SER A 15 25.34 -3.20 -1.24
C SER A 15 24.65 -3.69 0.04
N LYS A 17 23.46 -1.87 2.45
CA LYS A 17 22.29 -1.02 2.69
C LYS A 17 21.11 -1.44 1.81
N GLU A 18 21.41 -2.01 0.64
CA GLU A 18 20.37 -2.46 -0.29
C GLU A 18 19.70 -3.75 0.18
N MET A 19 20.40 -4.54 1.01
CA MET A 19 19.86 -5.80 1.52
C MET A 19 18.53 -5.60 2.26
N MET A 20 18.45 -4.53 3.06
CA MET A 20 17.23 -4.24 3.82
C MET A 20 16.05 -3.96 2.88
N SER A 21 16.35 -3.32 1.73
CA SER A 21 15.34 -2.99 0.73
C SER A 21 14.68 -4.26 0.18
N GLN A 22 15.48 -5.33 0.06
CA GLN A 22 15.00 -6.62 -0.46
C GLN A 22 13.65 -7.02 0.14
N ALA A 23 13.54 -7.01 1.48
CA ALA A 23 12.30 -7.38 2.16
C ALA A 23 11.08 -6.60 1.65
N LEU A 24 11.24 -5.29 1.44
CA LEU A 24 10.14 -4.46 0.96
C LEU A 24 9.99 -4.53 -0.56
N LYS A 25 11.12 -4.64 -1.27
CA LYS A 25 11.11 -4.70 -2.73
C LYS A 25 10.44 -5.98 -3.23
N ALA A 26 10.83 -7.12 -2.65
CA ALA A 26 10.27 -8.42 -3.03
C ALA A 26 8.75 -8.45 -2.82
N THR A 27 8.30 -7.87 -1.71
CA THR A 27 6.87 -7.83 -1.39
C THR A 27 6.06 -7.29 -2.56
N PHE A 28 6.51 -6.17 -3.14
CA PHE A 28 5.82 -5.56 -4.29
C PHE A 28 5.48 -6.61 -5.34
N SER A 29 6.48 -7.39 -5.78
CA SER A 29 6.26 -8.44 -6.78
C SER A 29 5.31 -9.52 -6.25
N GLY A 30 5.33 -9.73 -4.92
CA GLY A 30 4.45 -10.71 -4.31
C GLY A 30 3.01 -10.23 -4.19
N PHE A 31 2.76 -8.99 -4.65
CA PHE A 31 1.41 -8.41 -4.61
C PHE A 31 0.69 -8.63 -5.92
N THR A 32 1.40 -8.38 -7.03
CA THR A 32 0.84 -8.57 -8.37
C THR A 32 0.37 -10.01 -8.57
N LYS A 33 1.12 -10.97 -8.02
CA LYS A 33 0.75 -12.38 -8.13
C LYS A 33 -0.58 -12.63 -7.42
N GLU A 34 -0.85 -11.85 -6.38
CA GLU A 34 -2.11 -11.96 -5.63
C GLU A 34 -3.21 -11.20 -6.37
N GLN A 35 -2.87 -10.04 -6.91
CA GLN A 35 -3.82 -9.20 -7.64
C GLN A 35 -4.46 -9.96 -8.80
N GLN A 36 -3.75 -10.93 -9.35
CA GLN A 36 -4.27 -11.75 -10.46
C GLN A 36 -5.04 -12.96 -9.93
N ARG A 37 -4.55 -13.55 -8.83
CA ARG A 37 -5.19 -14.71 -8.23
C ARG A 37 -6.55 -14.35 -7.63
N LEU A 38 -6.62 -13.18 -7.00
CA LEU A 38 -7.84 -12.71 -6.36
C LEU A 38 -8.61 -11.72 -7.24
N GLY A 39 -7.88 -10.98 -8.08
CA GLY A 39 -8.51 -10.00 -8.96
C GLY A 39 -8.35 -8.56 -8.45
N ILE A 40 -7.69 -8.41 -7.30
CA ILE A 40 -7.46 -7.09 -6.71
C ILE A 40 -6.83 -6.14 -7.73
N PRO A 41 -7.46 -4.97 -7.98
CA PRO A 41 -6.95 -3.99 -8.93
C PRO A 41 -5.71 -3.26 -8.41
N LYS A 42 -5.05 -2.51 -9.29
CA LYS A 42 -3.85 -1.77 -8.94
C LYS A 42 -4.17 -0.31 -8.62
N ASP A 43 -5.29 -0.08 -7.93
CA ASP A 43 -5.71 1.27 -7.58
C ASP A 43 -6.38 1.29 -6.21
N PRO A 44 -5.74 1.97 -5.22
CA PRO A 44 -6.27 2.08 -3.85
C PRO A 44 -7.57 2.87 -3.80
N ARG A 45 -7.79 3.76 -4.76
CA ARG A 45 -9.02 4.56 -4.80
C ARG A 45 -10.18 3.73 -5.33
N GLN A 46 -9.88 2.77 -6.21
CA GLN A 46 -10.91 1.88 -6.76
C GLN A 46 -10.95 0.56 -5.99
N TRP A 47 -10.71 0.64 -4.68
CA TRP A 47 -10.72 -0.53 -3.81
C TRP A 47 -11.95 -0.53 -2.91
N THR A 48 -12.18 -1.63 -2.21
CA THR A 48 -13.30 -1.73 -1.28
C THR A 48 -12.85 -2.38 0.03
N GLU A 49 -13.78 -2.58 0.95
CA GLU A 49 -13.46 -3.19 2.26
C GLU A 49 -12.66 -4.48 2.10
N THR A 50 -13.06 -5.32 1.14
CA THR A 50 -12.38 -6.59 0.89
C THR A 50 -10.94 -6.36 0.41
N HIS A 51 -10.77 -5.53 -0.61
CA HIS A 51 -9.43 -5.25 -1.16
C HIS A 51 -8.52 -4.63 -0.10
N VAL A 52 -9.08 -3.71 0.69
CA VAL A 52 -8.34 -3.04 1.76
C VAL A 52 -7.82 -4.05 2.78
N ARG A 53 -8.74 -4.86 3.30
CA ARG A 53 -8.41 -5.86 4.31
C ARG A 53 -7.55 -6.98 3.74
N ASP A 54 -7.92 -7.50 2.57
CA ASP A 54 -7.14 -8.57 1.94
C ASP A 54 -5.69 -8.14 1.75
N TRP A 55 -5.50 -6.89 1.32
CA TRP A 55 -4.16 -6.37 1.12
C TRP A 55 -3.43 -6.31 2.46
N VAL A 56 -3.97 -5.51 3.39
CA VAL A 56 -3.41 -5.39 4.75
C VAL A 56 -2.98 -6.76 5.28
N MET A 57 -3.92 -7.72 5.24
CA MET A 57 -3.65 -9.08 5.70
C MET A 57 -2.50 -9.70 4.92
N TRP A 58 -2.55 -9.58 3.59
CA TRP A 58 -1.50 -10.10 2.72
C TRP A 58 -0.14 -9.52 3.09
N ALA A 59 -0.11 -8.24 3.45
CA ALA A 59 1.13 -7.56 3.85
C ALA A 59 1.65 -8.17 5.15
N VAL A 60 0.74 -8.37 6.10
CA VAL A 60 1.06 -8.97 7.39
C VAL A 60 1.79 -10.31 7.19
N ASN A 61 1.41 -11.04 6.13
CA ASN A 61 2.02 -12.32 5.81
C ASN A 61 3.37 -12.13 5.10
N GLU A 62 3.46 -11.10 4.25
CA GLU A 62 4.68 -10.80 3.50
C GLU A 62 5.81 -10.33 4.44
N PHE A 63 5.44 -9.51 5.43
CA PHE A 63 6.41 -8.97 6.38
C PHE A 63 6.28 -9.61 7.77
N SER A 64 5.45 -10.66 7.88
CA SER A 64 5.22 -11.35 9.15
C SER A 64 4.97 -10.32 10.27
N LEU A 65 4.05 -9.39 10.01
CA LEU A 65 3.73 -8.33 10.98
C LEU A 65 2.82 -8.85 12.09
N LYS A 66 2.50 -7.98 13.05
CA LYS A 66 1.65 -8.34 14.18
C LYS A 66 1.09 -7.09 14.88
N GLY A 67 -0.07 -7.25 15.49
CA GLY A 67 -0.70 -6.14 16.21
C GLY A 67 -1.62 -5.29 15.34
N VAL A 68 -1.59 -5.50 14.02
CA VAL A 68 -2.43 -4.73 13.11
C VAL A 68 -3.88 -5.20 13.18
N ASP A 69 -4.79 -4.23 13.30
CA ASP A 69 -6.21 -4.53 13.40
C ASP A 69 -6.92 -4.36 12.06
N PHE A 70 -7.75 -5.34 11.69
CA PHE A 70 -8.50 -5.28 10.44
C PHE A 70 -9.83 -4.54 10.64
N GLN A 71 -10.30 -4.50 11.88
CA GLN A 71 -11.54 -3.77 12.20
C GLN A 71 -11.35 -2.28 11.93
N LYS A 72 -10.12 -1.80 12.15
CA LYS A 72 -9.77 -0.40 11.90
C LYS A 72 -9.82 -0.08 10.41
N PHE A 73 -9.45 -1.06 9.57
CA PHE A 73 -9.44 -0.87 8.13
C PHE A 73 -10.67 -1.50 7.47
N CYS A 74 -11.81 -1.46 8.16
CA CYS A 74 -13.05 -2.01 7.63
C CYS A 74 -13.79 -0.96 6.80
N MET A 75 -13.16 -0.57 5.70
CA MET A 75 -13.73 0.45 4.80
C MET A 75 -13.17 0.29 3.38
N SER A 76 -13.80 0.99 2.43
CA SER A 76 -13.36 0.93 1.04
C SER A 76 -12.06 1.71 0.83
N GLY A 77 -11.37 1.39 -0.26
CA GLY A 77 -10.11 2.05 -0.58
C GLY A 77 -10.24 3.56 -0.65
N ALA A 78 -11.31 4.04 -1.30
CA ALA A 78 -11.56 5.47 -1.42
C ALA A 78 -11.52 6.15 -0.06
N ALA A 79 -12.05 5.48 0.97
CA ALA A 79 -12.08 6.02 2.33
C ALA A 79 -10.68 5.99 2.93
N LEU A 80 -9.99 4.86 2.78
CA LEU A 80 -8.63 4.69 3.29
C LEU A 80 -7.70 5.78 2.78
N CYS A 81 -7.79 6.07 1.47
CA CYS A 81 -6.96 7.11 0.86
C CYS A 81 -7.33 8.49 1.41
N ALA A 82 -8.63 8.74 1.56
CA ALA A 82 -9.13 10.00 2.09
C ALA A 82 -8.67 10.24 3.53
N LEU A 83 -8.50 9.15 4.28
CA LEU A 83 -8.06 9.22 5.68
C LEU A 83 -6.67 9.86 5.80
N GLY A 84 -5.78 9.56 4.85
CA GLY A 84 -4.44 10.10 4.88
C GLY A 84 -3.51 9.29 5.78
N LYS A 85 -2.23 9.68 5.80
CA LYS A 85 -1.22 9.00 6.61
C LYS A 85 -1.57 9.06 8.10
N GLU A 86 -1.84 10.27 8.61
CA GLU A 86 -2.17 10.46 10.03
C GLU A 86 -3.27 9.51 10.49
N CYS A 87 -4.40 9.48 9.78
CA CYS A 87 -5.52 8.62 10.16
C CYS A 87 -5.16 7.14 10.01
N PHE A 88 -4.48 6.79 8.92
CA PHE A 88 -4.08 5.40 8.67
C PHE A 88 -3.10 4.90 9.73
N LEU A 89 -2.14 5.76 10.11
CA LEU A 89 -1.16 5.41 11.13
C LEU A 89 -1.82 5.20 12.48
N GLU A 90 -2.93 5.91 12.72
CA GLU A 90 -3.69 5.78 13.96
C GLU A 90 -4.45 4.45 14.00
N LEU A 91 -4.69 3.88 12.81
CA LEU A 91 -5.42 2.61 12.69
C LEU A 91 -4.49 1.41 12.84
N ALA A 92 -3.23 1.56 12.39
CA ALA A 92 -2.26 0.46 12.48
C ALA A 92 -1.13 0.77 13.47
N PRO A 93 -0.56 -0.30 14.07
CA PRO A 93 0.55 -0.19 15.04
C PRO A 93 1.65 0.79 14.62
N ASP A 94 2.53 1.10 15.57
CA ASP A 94 3.64 2.03 15.36
C ASP A 94 4.65 1.52 14.31
N PHE A 95 4.72 0.21 14.08
CA PHE A 95 5.68 -0.32 13.12
C PHE A 95 5.02 -0.81 11.84
N VAL A 96 3.97 -1.63 11.96
CA VAL A 96 3.27 -2.15 10.79
C VAL A 96 2.62 -1.03 9.98
N GLY A 97 2.15 0.01 10.69
CA GLY A 97 1.53 1.14 10.02
C GLY A 97 2.41 1.79 8.97
N ASP A 98 3.71 1.92 9.29
CA ASP A 98 4.67 2.51 8.36
C ASP A 98 4.76 1.69 7.08
N ILE A 99 4.85 0.38 7.22
CA ILE A 99 4.95 -0.52 6.07
C ILE A 99 3.70 -0.42 5.17
N LEU A 100 2.54 -0.66 5.78
CA LEU A 100 1.27 -0.62 5.06
C LEU A 100 1.07 0.72 4.34
N TRP A 101 1.10 1.83 5.09
CA TRP A 101 0.92 3.15 4.49
C TRP A 101 2.01 3.46 3.46
N GLU A 102 3.24 3.01 3.70
CA GLU A 102 4.33 3.25 2.76
C GLU A 102 3.94 2.69 1.38
N HIS A 103 3.60 1.40 1.34
CA HIS A 103 3.20 0.74 0.10
C HIS A 103 1.81 1.23 -0.34
N LEU A 104 0.97 1.57 0.64
CA LEU A 104 -0.39 2.05 0.37
C LEU A 104 -0.37 3.31 -0.51
N GLU A 105 0.44 4.29 -0.11
CA GLU A 105 0.55 5.54 -0.87
C GLU A 105 1.19 5.28 -2.22
N ILE A 106 2.12 4.32 -2.26
CA ILE A 106 2.80 3.95 -3.50
C ILE A 106 1.79 3.50 -4.55
N LEU A 107 0.79 2.74 -4.10
CA LEU A 107 -0.27 2.27 -4.99
C LEU A 107 -1.05 3.45 -5.58
N GLN A 108 -1.28 4.47 -4.74
CA GLN A 108 -1.99 5.68 -5.16
C GLN A 108 -1.23 6.40 -6.27
N LYS A 109 0.06 6.65 -6.02
CA LYS A 109 0.93 7.32 -6.99
C LYS A 109 1.12 6.47 -8.24
N GLU A 110 1.18 5.15 -8.06
CA GLU A 110 1.34 4.21 -9.16
C GLU A 110 0.19 4.34 -10.16
N ASP A 111 -1.03 4.37 -9.63
CA ASP A 111 -2.23 4.49 -10.47
C ASP A 111 -3.32 5.26 -9.72
N VAL A 112 -3.61 6.46 -10.21
CA VAL A 112 -4.64 7.31 -9.60
C VAL A 112 -6.04 6.87 -10.01
N LYS A 113 -6.19 6.42 -11.25
CA LYS A 113 -7.48 5.97 -11.76
C LYS A 113 -7.31 4.75 -12.68
N HIS A 3 7.48 11.12 -14.47
CA HIS A 3 6.49 11.65 -15.45
C HIS A 3 6.33 13.17 -15.32
N MET A 4 5.65 13.78 -16.28
CA MET A 4 5.43 15.23 -16.27
C MET A 4 4.38 15.61 -15.22
N GLU A 5 3.16 15.09 -15.40
CA GLU A 5 2.06 15.38 -14.48
C GLU A 5 1.15 14.17 -14.29
N CYS A 6 0.85 13.47 -15.38
CA CYS A 6 0.00 12.28 -15.33
C CYS A 6 0.82 11.04 -15.03
N ALA A 7 0.56 10.43 -13.86
CA ALA A 7 1.27 9.23 -13.44
C ALA A 7 0.73 7.98 -14.14
N ASP A 8 -0.45 8.09 -14.76
CA ASP A 8 -1.08 6.97 -15.46
C ASP A 8 -0.62 6.92 -16.92
N VAL A 9 0.68 6.67 -17.12
CA VAL A 9 1.24 6.60 -18.46
C VAL A 9 2.26 5.45 -18.56
N PRO A 10 2.11 4.58 -19.59
CA PRO A 10 3.02 3.45 -19.80
C PRO A 10 4.39 3.88 -20.34
N LEU A 11 5.40 3.05 -20.11
CA LEU A 11 6.76 3.35 -20.58
C LEU A 11 7.29 2.23 -21.48
N LEU A 12 6.80 2.20 -22.71
CA LEU A 12 7.22 1.19 -23.68
C LEU A 12 8.24 1.78 -24.66
N PRO A 14 12.49 1.02 -25.01
CA PRO A 14 13.78 0.50 -24.56
C PRO A 14 14.81 1.60 -24.33
N SER A 15 14.93 2.01 -23.07
CA SER A 15 15.86 3.07 -22.67
C SER A 15 15.82 3.27 -21.15
N LYS A 17 14.01 5.29 -19.41
CA LYS A 17 12.63 5.38 -18.95
C LYS A 17 11.99 3.99 -18.80
N GLU A 18 12.27 3.09 -19.74
CA GLU A 18 11.73 1.73 -19.69
C GLU A 18 12.35 0.95 -18.52
N MET A 19 13.64 1.21 -18.26
CA MET A 19 14.35 0.56 -17.16
C MET A 19 13.66 0.82 -15.82
N MET A 20 13.05 2.00 -15.70
CA MET A 20 12.33 2.38 -14.48
C MET A 20 11.19 1.41 -14.20
N SER A 21 10.46 1.04 -15.25
CA SER A 21 9.33 0.11 -15.12
C SER A 21 9.80 -1.23 -14.55
N GLN A 22 10.90 -1.75 -15.11
CA GLN A 22 11.49 -3.02 -14.67
C GLN A 22 11.62 -3.08 -13.14
N ALA A 23 12.25 -2.05 -12.56
CA ALA A 23 12.45 -1.98 -11.12
C ALA A 23 11.13 -2.11 -10.35
N LEU A 24 10.12 -1.32 -10.74
CA LEU A 24 8.82 -1.35 -10.08
C LEU A 24 8.07 -2.66 -10.34
N LYS A 25 8.25 -3.22 -11.53
CA LYS A 25 7.60 -4.48 -11.92
C LYS A 25 8.01 -5.62 -11.00
N ALA A 26 9.30 -5.70 -10.68
CA ALA A 26 9.81 -6.76 -9.82
C ALA A 26 9.60 -6.45 -8.33
N THR A 27 9.61 -5.16 -7.97
CA THR A 27 9.43 -4.74 -6.59
C THR A 27 8.12 -5.30 -6.00
N PHE A 28 7.01 -5.13 -6.71
CA PHE A 28 5.72 -5.60 -6.24
C PHE A 28 5.31 -6.92 -6.91
N SER A 29 6.27 -7.83 -7.07
CA SER A 29 6.01 -9.13 -7.69
C SER A 29 5.19 -10.03 -6.77
N GLY A 30 5.39 -9.90 -5.46
CA GLY A 30 4.65 -10.70 -4.50
C GLY A 30 3.22 -10.21 -4.28
N PHE A 31 2.95 -8.97 -4.69
CA PHE A 31 1.62 -8.38 -4.54
C PHE A 31 0.76 -8.69 -5.76
N THR A 32 1.31 -8.48 -6.95
CA THR A 32 0.59 -8.74 -8.20
C THR A 32 0.08 -10.18 -8.26
N LYS A 33 0.81 -11.11 -7.64
CA LYS A 33 0.40 -12.52 -7.62
C LYS A 33 -0.93 -12.67 -6.89
N GLU A 34 -1.18 -11.78 -5.92
CA GLU A 34 -2.42 -11.78 -5.16
C GLU A 34 -3.49 -11.01 -5.92
N GLN A 35 -3.10 -9.88 -6.50
CA GLN A 35 -4.00 -9.03 -7.27
C GLN A 35 -4.62 -9.79 -8.45
N GLN A 36 -3.87 -10.74 -8.99
CA GLN A 36 -4.35 -11.55 -10.12
C GLN A 36 -5.23 -12.72 -9.64
N ARG A 37 -4.87 -13.29 -8.49
CA ARG A 37 -5.63 -14.42 -7.93
C ARG A 37 -7.04 -13.98 -7.51
N LEU A 38 -7.17 -12.75 -7.02
CA LEU A 38 -8.45 -12.22 -6.56
C LEU A 38 -9.06 -11.25 -7.56
N GLY A 39 -8.22 -10.51 -8.28
CA GLY A 39 -8.70 -9.53 -9.24
C GLY A 39 -8.53 -8.10 -8.76
N ILE A 40 -7.90 -7.92 -7.59
CA ILE A 40 -7.67 -6.60 -7.01
C ILE A 40 -6.93 -5.69 -7.98
N PRO A 41 -7.45 -4.48 -8.25
CA PRO A 41 -6.82 -3.53 -9.18
C PRO A 41 -5.63 -2.80 -8.56
N LYS A 42 -4.95 -2.01 -9.37
CA LYS A 42 -3.78 -1.25 -8.91
C LYS A 42 -4.18 0.21 -8.65
N ASP A 43 -5.30 0.40 -7.97
CA ASP A 43 -5.80 1.74 -7.66
C ASP A 43 -6.47 1.78 -6.28
N PRO A 44 -5.87 2.51 -5.32
CA PRO A 44 -6.41 2.63 -3.96
C PRO A 44 -7.79 3.30 -3.92
N ARG A 45 -8.07 4.18 -4.88
CA ARG A 45 -9.35 4.85 -4.95
C ARG A 45 -10.43 3.90 -5.46
N GLN A 46 -10.04 2.98 -6.35
CA GLN A 46 -10.97 2.00 -6.90
C GLN A 46 -10.90 0.67 -6.13
N TRP A 47 -10.68 0.77 -4.82
CA TRP A 47 -10.60 -0.41 -3.96
C TRP A 47 -11.81 -0.50 -3.04
N THR A 48 -12.07 -1.68 -2.51
CA THR A 48 -13.20 -1.87 -1.59
C THR A 48 -12.72 -2.53 -0.29
N GLU A 49 -13.64 -2.77 0.64
CA GLU A 49 -13.31 -3.37 1.93
C GLU A 49 -12.46 -4.63 1.75
N THR A 50 -12.91 -5.55 0.88
CA THR A 50 -12.19 -6.79 0.63
C THR A 50 -10.75 -6.52 0.17
N HIS A 51 -10.60 -5.59 -0.78
CA HIS A 51 -9.28 -5.26 -1.31
C HIS A 51 -8.40 -4.63 -0.22
N VAL A 52 -9.01 -3.75 0.58
CA VAL A 52 -8.30 -3.08 1.68
C VAL A 52 -7.81 -4.10 2.71
N ARG A 53 -8.73 -4.92 3.21
CA ARG A 53 -8.41 -5.93 4.22
C ARG A 53 -7.49 -7.00 3.65
N ASP A 54 -7.79 -7.50 2.45
CA ASP A 54 -6.96 -8.53 1.84
C ASP A 54 -5.53 -8.04 1.66
N TRP A 55 -5.37 -6.78 1.22
CA TRP A 55 -4.04 -6.21 1.03
C TRP A 55 -3.34 -6.15 2.39
N VAL A 56 -3.93 -5.40 3.32
CA VAL A 56 -3.40 -5.31 4.69
C VAL A 56 -2.95 -6.68 5.18
N MET A 57 -3.85 -7.65 5.12
CA MET A 57 -3.56 -9.03 5.53
C MET A 57 -2.35 -9.57 4.79
N TRP A 58 -2.34 -9.36 3.47
CA TRP A 58 -1.23 -9.81 2.61
C TRP A 58 0.10 -9.23 3.10
N ALA A 59 0.07 -7.98 3.58
CA ALA A 59 1.28 -7.32 4.08
C ALA A 59 1.67 -7.86 5.47
N VAL A 60 0.71 -8.47 6.17
CA VAL A 60 0.96 -9.04 7.49
C VAL A 60 1.68 -10.39 7.37
N ASN A 61 1.33 -11.14 6.32
CA ASN A 61 1.94 -12.45 6.08
C ASN A 61 3.28 -12.31 5.35
N GLU A 62 3.36 -11.35 4.42
CA GLU A 62 4.58 -11.11 3.66
C GLU A 62 5.68 -10.51 4.53
N PHE A 63 5.29 -9.65 5.47
CA PHE A 63 6.24 -8.99 6.37
C PHE A 63 6.12 -9.52 7.81
N SER A 64 5.34 -10.58 8.02
CA SER A 64 5.14 -11.15 9.35
C SER A 64 4.93 -10.03 10.38
N LEU A 65 3.85 -9.27 10.19
CA LEU A 65 3.53 -8.15 11.08
C LEU A 65 2.63 -8.59 12.24
N LYS A 66 2.73 -7.88 13.35
CA LYS A 66 1.92 -8.19 14.54
C LYS A 66 1.33 -6.93 15.15
N GLY A 67 0.17 -7.09 15.81
CA GLY A 67 -0.48 -5.96 16.45
C GLY A 67 -1.46 -5.22 15.54
N VAL A 68 -1.45 -5.54 14.24
CA VAL A 68 -2.34 -4.88 13.28
C VAL A 68 -3.73 -5.49 13.34
N ASP A 69 -4.75 -4.63 13.26
CA ASP A 69 -6.14 -5.07 13.31
C ASP A 69 -6.87 -4.75 12.01
N PHE A 70 -7.78 -5.64 11.61
CA PHE A 70 -8.56 -5.46 10.39
C PHE A 70 -9.85 -4.68 10.67
N GLN A 71 -10.26 -4.64 11.94
CA GLN A 71 -11.46 -3.90 12.33
C GLN A 71 -11.28 -2.41 12.03
N LYS A 72 -10.06 -1.92 12.21
CA LYS A 72 -9.71 -0.53 11.94
C LYS A 72 -9.75 -0.23 10.44
N PHE A 73 -9.36 -1.23 9.64
CA PHE A 73 -9.34 -1.07 8.19
C PHE A 73 -10.58 -1.70 7.53
N CYS A 74 -11.71 -1.66 8.23
CA CYS A 74 -12.96 -2.21 7.71
C CYS A 74 -13.69 -1.18 6.85
N MET A 75 -13.06 -0.79 5.74
CA MET A 75 -13.62 0.20 4.83
C MET A 75 -13.04 0.04 3.43
N SER A 76 -13.63 0.73 2.46
CA SER A 76 -13.18 0.67 1.07
C SER A 76 -11.89 1.48 0.86
N GLY A 77 -11.19 1.18 -0.23
CA GLY A 77 -9.95 1.87 -0.53
C GLY A 77 -10.11 3.38 -0.62
N ALA A 78 -11.18 3.83 -1.29
CA ALA A 78 -11.44 5.26 -1.43
C ALA A 78 -11.43 5.96 -0.07
N ALA A 79 -11.98 5.30 0.94
CA ALA A 79 -12.02 5.84 2.30
C ALA A 79 -10.64 5.81 2.92
N LEU A 80 -9.93 4.69 2.75
CA LEU A 80 -8.59 4.51 3.29
C LEU A 80 -7.63 5.59 2.77
N CYS A 81 -7.66 5.85 1.46
CA CYS A 81 -6.82 6.87 0.86
C CYS A 81 -7.18 8.26 1.38
N ALA A 82 -8.48 8.49 1.58
CA ALA A 82 -8.97 9.76 2.10
C ALA A 82 -8.52 10.00 3.55
N LEU A 83 -8.29 8.91 4.28
CA LEU A 83 -7.85 8.98 5.68
C LEU A 83 -6.48 9.64 5.82
N GLY A 84 -5.59 9.39 4.84
CA GLY A 84 -4.26 9.95 4.89
C GLY A 84 -3.34 9.20 5.84
N LYS A 85 -2.07 9.60 5.88
CA LYS A 85 -1.08 8.96 6.76
C LYS A 85 -1.48 9.07 8.24
N GLU A 86 -1.94 10.25 8.65
CA GLU A 86 -2.36 10.49 10.03
C GLU A 86 -3.41 9.47 10.49
N CYS A 87 -4.60 9.53 9.89
CA CYS A 87 -5.69 8.62 10.26
C CYS A 87 -5.28 7.15 10.08
N PHE A 88 -4.56 6.85 9.00
CA PHE A 88 -4.13 5.49 8.72
C PHE A 88 -3.18 4.96 9.80
N LEU A 89 -2.20 5.79 10.18
CA LEU A 89 -1.23 5.42 11.21
C LEU A 89 -1.92 5.20 12.56
N GLU A 90 -3.06 5.85 12.76
CA GLU A 90 -3.83 5.70 14.00
C GLU A 90 -4.58 4.36 14.00
N LEU A 91 -4.82 3.81 12.80
CA LEU A 91 -5.52 2.53 12.66
C LEU A 91 -4.57 1.33 12.85
N ALA A 92 -3.34 1.48 12.38
CA ALA A 92 -2.34 0.42 12.50
C ALA A 92 -1.26 0.77 13.53
N PRO A 93 -0.61 -0.27 14.11
CA PRO A 93 0.45 -0.09 15.11
C PRO A 93 1.53 0.92 14.69
N ASP A 94 2.37 1.28 15.66
CA ASP A 94 3.46 2.24 15.45
C ASP A 94 4.52 1.75 14.46
N PHE A 95 4.62 0.43 14.27
CA PHE A 95 5.65 -0.10 13.37
C PHE A 95 5.04 -0.64 12.06
N VAL A 96 4.11 -1.59 12.18
CA VAL A 96 3.47 -2.19 11.00
C VAL A 96 2.73 -1.14 10.17
N GLY A 97 2.18 -0.13 10.84
CA GLY A 97 1.44 0.93 10.15
C GLY A 97 2.27 1.62 9.07
N ASP A 98 3.58 1.72 9.29
CA ASP A 98 4.48 2.36 8.32
C ASP A 98 4.51 1.60 7.00
N ILE A 99 4.68 0.28 7.07
CA ILE A 99 4.73 -0.56 5.87
C ILE A 99 3.50 -0.37 5.00
N LEU A 100 2.33 -0.55 5.60
CA LEU A 100 1.06 -0.40 4.88
C LEU A 100 0.97 0.96 4.19
N TRP A 101 1.05 2.04 4.97
CA TRP A 101 0.98 3.39 4.40
C TRP A 101 2.10 3.62 3.38
N GLU A 102 3.25 2.97 3.57
CA GLU A 102 4.36 3.11 2.64
C GLU A 102 3.94 2.69 1.23
N HIS A 103 3.48 1.44 1.11
CA HIS A 103 3.04 0.90 -0.18
C HIS A 103 1.68 1.49 -0.59
N LEU A 104 0.79 1.65 0.39
CA LEU A 104 -0.53 2.20 0.14
C LEU A 104 -0.44 3.56 -0.56
N GLU A 105 0.44 4.43 -0.08
CA GLU A 105 0.62 5.75 -0.67
C GLU A 105 1.27 5.62 -2.06
N ILE A 106 2.17 4.64 -2.19
CA ILE A 106 2.85 4.37 -3.46
C ILE A 106 1.84 3.97 -4.53
N LEU A 107 0.88 3.10 -4.15
CA LEU A 107 -0.16 2.65 -5.07
C LEU A 107 -0.86 3.84 -5.73
N GLN A 108 -1.09 4.89 -4.93
CA GLN A 108 -1.73 6.11 -5.42
C GLN A 108 -0.92 6.74 -6.55
N LYS A 109 0.39 6.84 -6.34
CA LYS A 109 1.30 7.43 -7.33
C LYS A 109 1.43 6.53 -8.56
N GLU A 110 1.51 5.22 -8.33
CA GLU A 110 1.65 4.25 -9.42
C GLU A 110 0.54 4.43 -10.46
N ASP A 111 -0.68 4.67 -9.99
CA ASP A 111 -1.83 4.87 -10.86
C ASP A 111 -2.83 5.83 -10.21
N VAL A 112 -2.72 7.12 -10.56
CA VAL A 112 -3.60 8.14 -10.01
C VAL A 112 -4.99 8.08 -10.66
N LYS A 113 -5.90 7.32 -10.03
CA LYS A 113 -7.26 7.17 -10.55
C LYS A 113 -8.17 6.56 -9.48
N HIS A 3 8.62 5.01 -0.80
CA HIS A 3 8.27 6.27 -1.51
C HIS A 3 8.63 7.50 -0.67
N MET A 4 8.57 8.68 -1.30
CA MET A 4 8.88 9.95 -0.62
C MET A 4 10.38 10.08 -0.33
N GLU A 5 10.92 11.27 -0.58
CA GLU A 5 12.33 11.54 -0.34
C GLU A 5 12.55 13.00 0.09
N CYS A 6 13.08 13.18 1.29
CA CYS A 6 13.32 14.53 1.84
C CYS A 6 14.75 14.99 1.54
N ALA A 7 15.73 14.20 1.98
CA ALA A 7 17.15 14.53 1.78
C ALA A 7 17.50 14.54 0.29
N ASP A 8 17.16 13.44 -0.41
CA ASP A 8 17.46 13.32 -1.84
C ASP A 8 16.34 13.95 -2.68
N VAL A 9 16.72 14.53 -3.81
CA VAL A 9 15.77 15.17 -4.72
C VAL A 9 15.30 14.18 -5.78
N PRO A 10 13.97 14.15 -6.06
CA PRO A 10 13.40 13.25 -7.07
C PRO A 10 14.14 13.28 -8.40
N LEU A 11 14.93 12.23 -8.65
CA LEU A 11 15.72 12.12 -9.87
C LEU A 11 16.35 10.73 -9.98
N LEU A 12 16.46 10.22 -11.21
CA LEU A 12 17.06 8.91 -11.44
C LEU A 12 18.55 8.94 -11.15
N PRO A 14 21.25 6.66 -8.38
CA PRO A 14 21.50 5.70 -7.30
C PRO A 14 21.75 6.39 -5.95
N SER A 15 20.88 6.08 -4.99
CA SER A 15 20.97 6.66 -3.64
C SER A 15 20.07 5.92 -2.66
N LYS A 17 17.35 6.84 -1.34
CA LYS A 17 15.96 6.99 -1.76
C LYS A 17 15.66 6.10 -2.96
N GLU A 18 16.62 6.03 -3.90
CA GLU A 18 16.46 5.21 -5.10
C GLU A 18 16.25 3.74 -4.74
N MET A 19 16.97 3.28 -3.72
CA MET A 19 16.87 1.90 -3.25
C MET A 19 15.63 1.70 -2.39
N MET A 20 15.22 2.76 -1.67
CA MET A 20 14.05 2.71 -0.80
C MET A 20 12.81 2.30 -1.58
N SER A 21 12.58 2.94 -2.73
CA SER A 21 11.41 2.63 -3.56
C SER A 21 11.70 1.44 -4.48
N GLN A 22 12.98 1.23 -4.82
CA GLN A 22 13.39 0.11 -5.67
C GLN A 22 12.89 -1.23 -5.09
N ALA A 23 13.21 -1.46 -3.81
CA ALA A 23 12.80 -2.69 -3.14
C ALA A 23 11.27 -2.76 -2.98
N LEU A 24 10.66 -1.62 -2.64
CA LEU A 24 9.21 -1.55 -2.47
C LEU A 24 8.50 -1.87 -3.79
N LYS A 25 9.05 -1.38 -4.90
CA LYS A 25 8.48 -1.63 -6.22
C LYS A 25 8.69 -3.10 -6.62
N ALA A 26 9.84 -3.66 -6.23
CA ALA A 26 10.15 -5.06 -6.52
C ALA A 26 9.21 -5.99 -5.76
N THR A 27 8.77 -5.55 -4.58
CA THR A 27 7.86 -6.32 -3.75
C THR A 27 6.55 -6.63 -4.49
N PHE A 28 6.18 -5.75 -5.42
CA PHE A 28 4.95 -5.91 -6.21
C PHE A 28 4.84 -7.30 -6.83
N SER A 29 5.98 -7.95 -7.11
CA SER A 29 5.98 -9.29 -7.69
C SER A 29 5.10 -10.26 -6.88
N GLY A 30 5.18 -10.16 -5.55
CA GLY A 30 4.39 -11.03 -4.69
C GLY A 30 2.97 -10.49 -4.47
N PHE A 31 2.79 -9.18 -4.66
CA PHE A 31 1.49 -8.55 -4.49
C PHE A 31 0.64 -8.71 -5.75
N THR A 32 1.23 -8.35 -6.90
CA THR A 32 0.53 -8.46 -8.18
C THR A 32 0.03 -9.87 -8.44
N LYS A 33 0.84 -10.87 -8.09
CA LYS A 33 0.44 -12.28 -8.27
C LYS A 33 -0.75 -12.62 -7.38
N GLU A 34 -0.89 -11.88 -6.28
CA GLU A 34 -1.98 -12.09 -5.34
C GLU A 34 -3.22 -11.28 -5.75
N GLN A 35 -3.01 -10.00 -6.06
CA GLN A 35 -4.10 -9.11 -6.46
C GLN A 35 -4.71 -9.53 -7.80
N GLN A 36 -3.94 -10.23 -8.65
CA GLN A 36 -4.46 -10.68 -9.94
C GLN A 36 -5.31 -11.94 -9.78
N ARG A 37 -4.97 -12.76 -8.78
CA ARG A 37 -5.71 -13.99 -8.51
C ARG A 37 -7.12 -13.67 -7.99
N LEU A 38 -7.24 -12.53 -7.30
CA LEU A 38 -8.52 -12.08 -6.72
C LEU A 38 -9.18 -11.01 -7.59
N GLY A 39 -8.39 -10.20 -8.28
CA GLY A 39 -8.94 -9.14 -9.13
C GLY A 39 -8.64 -7.73 -8.60
N ILE A 40 -7.96 -7.66 -7.44
CA ILE A 40 -7.61 -6.37 -6.84
C ILE A 40 -6.72 -5.55 -7.78
N PRO A 41 -7.10 -4.28 -8.04
CA PRO A 41 -6.33 -3.40 -8.93
C PRO A 41 -5.10 -2.80 -8.24
N LYS A 42 -4.29 -2.06 -8.99
CA LYS A 42 -3.09 -1.42 -8.44
C LYS A 42 -3.35 0.05 -8.08
N ASP A 43 -4.49 0.30 -7.45
CA ASP A 43 -4.88 1.66 -7.06
C ASP A 43 -5.82 1.63 -5.86
N PRO A 44 -5.35 2.09 -4.69
CA PRO A 44 -6.15 2.13 -3.46
C PRO A 44 -7.43 2.95 -3.62
N ARG A 45 -7.36 4.04 -4.39
CA ARG A 45 -8.53 4.88 -4.64
C ARG A 45 -9.70 4.06 -5.21
N GLN A 46 -9.38 3.10 -6.07
CA GLN A 46 -10.39 2.23 -6.67
C GLN A 46 -10.45 0.87 -5.97
N TRP A 47 -10.43 0.90 -4.62
CA TRP A 47 -10.48 -0.31 -3.83
C TRP A 47 -11.74 -0.34 -2.95
N THR A 48 -12.00 -1.49 -2.34
CA THR A 48 -13.15 -1.63 -1.45
C THR A 48 -12.71 -2.29 -0.14
N GLU A 49 -13.67 -2.53 0.77
CA GLU A 49 -13.36 -3.14 2.07
C GLU A 49 -12.54 -4.42 1.91
N THR A 50 -12.95 -5.28 0.96
CA THR A 50 -12.25 -6.55 0.73
C THR A 50 -10.81 -6.32 0.27
N HIS A 51 -10.63 -5.44 -0.72
CA HIS A 51 -9.30 -5.13 -1.27
C HIS A 51 -8.39 -4.56 -0.18
N VAL A 52 -8.94 -3.66 0.63
CA VAL A 52 -8.18 -3.03 1.72
C VAL A 52 -7.69 -4.06 2.72
N ARG A 53 -8.62 -4.89 3.21
CA ARG A 53 -8.31 -5.92 4.19
C ARG A 53 -7.44 -7.02 3.58
N ASP A 54 -7.82 -7.51 2.41
CA ASP A 54 -7.06 -8.57 1.73
C ASP A 54 -5.60 -8.13 1.53
N TRP A 55 -5.41 -6.88 1.10
CA TRP A 55 -4.07 -6.35 0.89
C TRP A 55 -3.33 -6.31 2.22
N VAL A 56 -3.85 -5.51 3.17
CA VAL A 56 -3.27 -5.42 4.51
C VAL A 56 -2.80 -6.78 5.01
N MET A 57 -3.70 -7.76 4.94
CA MET A 57 -3.41 -9.13 5.38
C MET A 57 -2.14 -9.66 4.70
N TRP A 58 -2.10 -9.53 3.37
CA TRP A 58 -0.95 -9.98 2.59
C TRP A 58 0.33 -9.24 2.99
N ALA A 59 0.20 -7.92 3.18
CA ALA A 59 1.35 -7.09 3.57
C ALA A 59 1.82 -7.41 5.00
N VAL A 60 0.93 -8.02 5.78
CA VAL A 60 1.24 -8.39 7.16
C VAL A 60 1.99 -9.73 7.19
N ASN A 61 1.69 -10.60 6.22
CA ASN A 61 2.34 -11.90 6.11
C ASN A 61 3.73 -11.76 5.49
N GLU A 62 3.85 -10.86 4.51
CA GLU A 62 5.13 -10.63 3.82
C GLU A 62 6.13 -9.92 4.72
N PHE A 63 5.65 -8.96 5.50
CA PHE A 63 6.50 -8.20 6.41
C PHE A 63 6.38 -8.70 7.86
N SER A 64 5.63 -9.78 8.07
CA SER A 64 5.42 -10.34 9.41
C SER A 64 5.12 -9.21 10.42
N LEU A 65 4.10 -8.42 10.11
CA LEU A 65 3.71 -7.31 10.96
C LEU A 65 2.97 -7.81 12.21
N LYS A 66 3.06 -7.05 13.30
CA LYS A 66 2.42 -7.43 14.55
C LYS A 66 1.62 -6.27 15.16
N GLY A 67 0.47 -6.59 15.75
CA GLY A 67 -0.37 -5.57 16.36
C GLY A 67 -1.33 -4.90 15.38
N VAL A 68 -1.28 -5.32 14.10
CA VAL A 68 -2.15 -4.74 13.08
C VAL A 68 -3.58 -5.25 13.22
N ASP A 69 -4.53 -4.32 13.18
CA ASP A 69 -5.96 -4.67 13.31
C ASP A 69 -6.68 -4.50 11.98
N PHE A 70 -7.53 -5.47 11.64
CA PHE A 70 -8.30 -5.44 10.39
C PHE A 70 -9.62 -4.70 10.57
N GLN A 71 -10.19 -4.74 11.79
CA GLN A 71 -11.43 -4.04 12.08
C GLN A 71 -11.26 -2.53 11.83
N LYS A 72 -10.05 -2.03 12.11
CA LYS A 72 -9.72 -0.63 11.90
C LYS A 72 -9.74 -0.27 10.41
N PHE A 73 -9.28 -1.22 9.57
CA PHE A 73 -9.25 -1.01 8.12
C PHE A 73 -10.48 -1.62 7.44
N CYS A 74 -11.63 -1.58 8.12
CA CYS A 74 -12.86 -2.13 7.58
C CYS A 74 -13.61 -1.07 6.76
N MET A 75 -13.00 -0.67 5.65
CA MET A 75 -13.57 0.35 4.78
C MET A 75 -12.99 0.26 3.37
N SER A 76 -13.59 0.98 2.42
CA SER A 76 -13.13 0.97 1.04
C SER A 76 -11.84 1.76 0.88
N GLY A 77 -11.08 1.44 -0.17
CA GLY A 77 -9.82 2.13 -0.42
C GLY A 77 -9.98 3.62 -0.56
N ALA A 78 -11.04 4.06 -1.25
CA ALA A 78 -11.32 5.48 -1.44
C ALA A 78 -11.34 6.21 -0.10
N ALA A 79 -11.92 5.56 0.92
CA ALA A 79 -12.02 6.13 2.26
C ALA A 79 -10.64 6.12 2.93
N LEU A 80 -9.94 5.00 2.79
CA LEU A 80 -8.60 4.83 3.35
C LEU A 80 -7.66 5.95 2.89
N CYS A 81 -7.70 6.25 1.59
CA CYS A 81 -6.86 7.31 1.02
C CYS A 81 -7.27 8.68 1.59
N ALA A 82 -8.58 8.91 1.70
CA ALA A 82 -9.10 10.16 2.23
C ALA A 82 -8.70 10.36 3.69
N LEU A 83 -8.53 9.25 4.42
CA LEU A 83 -8.15 9.29 5.83
C LEU A 83 -6.77 9.93 6.03
N GLY A 84 -5.84 9.64 5.12
CA GLY A 84 -4.50 10.18 5.23
C GLY A 84 -3.59 9.33 6.11
N LYS A 85 -2.30 9.64 6.10
CA LYS A 85 -1.32 8.91 6.90
C LYS A 85 -1.66 8.96 8.40
N GLU A 86 -1.96 10.16 8.91
CA GLU A 86 -2.30 10.34 10.32
C GLU A 86 -3.42 9.40 10.75
N CYS A 87 -4.52 9.38 10.00
CA CYS A 87 -5.65 8.50 10.33
C CYS A 87 -5.28 7.03 10.17
N PHE A 88 -4.51 6.72 9.13
CA PHE A 88 -4.07 5.35 8.89
C PHE A 88 -3.18 4.85 10.02
N LEU A 89 -2.27 5.71 10.50
CA LEU A 89 -1.38 5.37 11.59
C LEU A 89 -2.15 5.19 12.90
N GLU A 90 -3.32 5.82 12.98
CA GLU A 90 -4.19 5.68 14.15
C GLU A 90 -4.92 4.34 14.14
N LEU A 91 -5.05 3.74 12.95
CA LEU A 91 -5.72 2.46 12.78
C LEU A 91 -4.74 1.29 13.02
N ALA A 92 -3.49 1.47 12.60
CA ALA A 92 -2.46 0.44 12.75
C ALA A 92 -1.41 0.86 13.77
N PRO A 93 -0.73 -0.12 14.41
CA PRO A 93 0.32 0.16 15.41
C PRO A 93 1.42 1.10 14.90
N ASP A 94 2.29 1.50 15.82
CA ASP A 94 3.40 2.41 15.53
C ASP A 94 4.37 1.88 14.46
N PHE A 95 4.42 0.58 14.23
CA PHE A 95 5.37 0.04 13.24
C PHE A 95 4.70 -0.44 11.96
N VAL A 96 3.71 -1.33 12.08
CA VAL A 96 3.01 -1.87 10.90
C VAL A 96 2.38 -0.76 10.06
N GLY A 97 1.88 0.29 10.72
CA GLY A 97 1.26 1.40 10.01
C GLY A 97 2.15 1.98 8.93
N ASP A 98 3.46 2.02 9.18
CA ASP A 98 4.41 2.55 8.22
C ASP A 98 4.52 1.64 6.99
N ILE A 99 4.71 0.34 7.23
CA ILE A 99 4.85 -0.63 6.15
C ILE A 99 3.62 -0.63 5.23
N LEU A 100 2.43 -0.63 5.83
CA LEU A 100 1.19 -0.64 5.07
C LEU A 100 1.00 0.66 4.29
N TRP A 101 0.99 1.81 5.00
CA TRP A 101 0.81 3.11 4.35
C TRP A 101 1.93 3.38 3.34
N GLU A 102 3.15 2.91 3.62
CA GLU A 102 4.26 3.11 2.69
C GLU A 102 3.93 2.49 1.34
N HIS A 103 3.58 1.20 1.35
CA HIS A 103 3.21 0.49 0.13
C HIS A 103 1.84 0.95 -0.38
N LEU A 104 0.98 1.36 0.56
CA LEU A 104 -0.37 1.84 0.23
C LEU A 104 -0.31 3.06 -0.68
N GLU A 105 0.49 4.06 -0.29
CA GLU A 105 0.63 5.28 -1.09
C GLU A 105 1.30 4.95 -2.42
N ILE A 106 2.22 3.99 -2.38
CA ILE A 106 2.94 3.56 -3.58
C ILE A 106 1.96 2.99 -4.61
N LEU A 107 0.93 2.29 -4.13
CA LEU A 107 -0.09 1.73 -5.01
C LEU A 107 -0.84 2.85 -5.75
N GLN A 108 -1.14 3.93 -5.02
CA GLN A 108 -1.84 5.08 -5.60
C GLN A 108 -1.02 5.68 -6.75
N LYS A 109 0.25 5.98 -6.47
CA LYS A 109 1.15 6.54 -7.49
C LYS A 109 1.40 5.53 -8.61
N GLU A 110 1.41 4.24 -8.25
CA GLU A 110 1.62 3.17 -9.21
C GLU A 110 0.49 3.14 -10.24
N ASP A 111 0.72 3.79 -11.38
CA ASP A 111 -0.27 3.88 -12.45
C ASP A 111 -1.55 4.57 -11.94
N VAL A 112 -1.40 5.85 -11.59
CA VAL A 112 -2.52 6.65 -11.08
C VAL A 112 -3.78 6.48 -11.94
N LYS A 113 -4.86 6.02 -11.29
CA LYS A 113 -6.12 5.80 -11.98
C LYS A 113 -7.29 5.91 -11.00
N HIS A 3 4.50 14.15 -9.21
CA HIS A 3 3.76 15.41 -8.87
C HIS A 3 4.11 15.89 -7.46
N MET A 4 5.40 15.80 -7.10
CA MET A 4 5.87 16.22 -5.78
C MET A 4 5.12 15.48 -4.66
N GLU A 5 4.92 14.17 -4.84
CA GLU A 5 4.23 13.35 -3.86
C GLU A 5 5.22 12.75 -2.87
N CYS A 6 6.26 12.09 -3.39
CA CYS A 6 7.29 11.47 -2.55
C CYS A 6 8.68 11.82 -3.07
N ALA A 7 9.60 12.06 -2.14
CA ALA A 7 10.98 12.40 -2.49
C ALA A 7 11.85 11.15 -2.61
N ASP A 8 12.22 10.80 -3.84
CA ASP A 8 13.05 9.62 -4.10
C ASP A 8 13.83 9.78 -5.39
N VAL A 9 15.11 9.38 -5.36
CA VAL A 9 15.98 9.48 -6.52
C VAL A 9 16.73 8.16 -6.76
N PRO A 10 16.69 7.63 -7.99
CA PRO A 10 17.38 6.38 -8.36
C PRO A 10 18.89 6.57 -8.43
N LEU A 11 19.63 5.82 -7.60
CA LEU A 11 21.08 5.91 -7.58
C LEU A 11 21.71 4.57 -7.19
N LEU A 12 22.81 4.22 -7.87
CA LEU A 12 23.52 2.97 -7.60
C LEU A 12 24.61 3.20 -6.54
N PRO A 14 25.96 1.20 -3.57
CA PRO A 14 26.08 -0.03 -2.77
C PRO A 14 26.13 0.24 -1.27
N SER A 15 24.99 0.02 -0.62
CA SER A 15 24.86 0.25 0.82
C SER A 15 23.49 -0.20 1.32
N LYS A 17 20.88 1.35 1.73
CA LYS A 17 19.84 1.94 0.88
C LYS A 17 19.45 1.00 -0.27
N GLU A 18 20.46 0.35 -0.86
CA GLU A 18 20.22 -0.58 -1.98
C GLU A 18 19.36 -1.77 -1.53
N MET A 19 19.61 -2.25 -0.30
CA MET A 19 18.86 -3.39 0.24
C MET A 19 17.49 -2.95 0.77
N MET A 20 17.38 -1.70 1.22
CA MET A 20 16.13 -1.17 1.75
C MET A 20 15.02 -1.24 0.70
N SER A 21 15.32 -0.79 -0.52
CA SER A 21 14.35 -0.82 -1.61
C SER A 21 14.27 -2.22 -2.22
N GLN A 22 15.37 -2.98 -2.12
CA GLN A 22 15.44 -4.34 -2.64
C GLN A 22 14.28 -5.19 -2.12
N ALA A 23 14.09 -5.19 -0.80
CA ALA A 23 13.02 -5.95 -0.16
C ALA A 23 11.64 -5.41 -0.54
N LEU A 24 11.47 -4.09 -0.45
CA LEU A 24 10.20 -3.45 -0.79
C LEU A 24 9.73 -3.82 -2.19
N LYS A 25 10.63 -3.72 -3.16
CA LYS A 25 10.32 -4.02 -4.55
C LYS A 25 10.10 -5.53 -4.76
N ALA A 26 10.95 -6.33 -4.12
CA ALA A 26 10.85 -7.79 -4.23
C ALA A 26 9.51 -8.31 -3.71
N THR A 27 9.04 -7.72 -2.60
CA THR A 27 7.77 -8.11 -1.99
C THR A 27 6.60 -7.80 -2.92
N PHE A 28 6.63 -6.62 -3.56
CA PHE A 28 5.58 -6.21 -4.49
C PHE A 28 5.26 -7.30 -5.52
N SER A 29 6.28 -8.04 -5.96
CA SER A 29 6.09 -9.12 -6.94
C SER A 29 5.12 -10.18 -6.40
N GLY A 30 5.18 -10.42 -5.08
CA GLY A 30 4.28 -11.39 -4.47
C GLY A 30 2.87 -10.86 -4.29
N PHE A 31 2.68 -9.56 -4.55
CA PHE A 31 1.38 -8.93 -4.43
C PHE A 31 0.57 -9.15 -5.71
N THR A 32 1.20 -8.85 -6.86
CA THR A 32 0.57 -9.03 -8.15
C THR A 32 0.12 -10.48 -8.35
N LYS A 33 0.92 -11.42 -7.84
CA LYS A 33 0.58 -12.85 -7.95
C LYS A 33 -0.72 -13.13 -7.21
N GLU A 34 -0.98 -12.35 -6.16
CA GLU A 34 -2.21 -12.48 -5.38
C GLU A 34 -3.34 -11.70 -6.04
N GLN A 35 -3.02 -10.49 -6.50
CA GLN A 35 -3.99 -9.61 -7.15
C GLN A 35 -4.64 -10.28 -8.37
N GLN A 36 -3.89 -11.16 -9.04
CA GLN A 36 -4.40 -11.86 -10.21
C GLN A 36 -5.29 -13.05 -9.82
N ARG A 37 -4.92 -13.73 -8.73
CA ARG A 37 -5.69 -14.88 -8.25
C ARG A 37 -7.06 -14.47 -7.72
N LEU A 38 -7.11 -13.33 -7.03
CA LEU A 38 -8.36 -12.82 -6.46
C LEU A 38 -9.04 -11.82 -7.39
N GLY A 39 -8.25 -11.07 -8.17
CA GLY A 39 -8.82 -10.08 -9.08
C GLY A 39 -8.66 -8.64 -8.59
N ILE A 40 -8.05 -8.46 -7.41
CA ILE A 40 -7.84 -7.14 -6.84
C ILE A 40 -7.09 -6.23 -7.83
N PRO A 41 -7.62 -5.03 -8.09
CA PRO A 41 -7.00 -4.07 -9.02
C PRO A 41 -5.82 -3.31 -8.41
N LYS A 42 -5.11 -2.54 -9.23
CA LYS A 42 -3.98 -1.76 -8.78
C LYS A 42 -4.38 -0.30 -8.58
N ASP A 43 -5.49 -0.08 -7.89
CA ASP A 43 -6.00 1.27 -7.64
C ASP A 43 -6.56 1.39 -6.22
N PRO A 44 -5.83 2.07 -5.31
CA PRO A 44 -6.26 2.26 -3.93
C PRO A 44 -7.56 3.07 -3.83
N ARG A 45 -7.72 4.07 -4.70
CA ARG A 45 -8.94 4.88 -4.70
C ARG A 45 -10.12 4.05 -5.22
N GLN A 46 -9.84 3.13 -6.14
CA GLN A 46 -10.86 2.24 -6.69
C GLN A 46 -10.85 0.89 -5.98
N TRP A 47 -10.71 0.92 -4.65
CA TRP A 47 -10.67 -0.30 -3.84
C TRP A 47 -11.87 -0.35 -2.89
N THR A 48 -12.09 -1.50 -2.27
CA THR A 48 -13.18 -1.66 -1.31
C THR A 48 -12.69 -2.37 -0.04
N GLU A 49 -13.61 -2.64 0.89
CA GLU A 49 -13.27 -3.29 2.16
C GLU A 49 -12.43 -4.55 1.94
N THR A 50 -12.86 -5.40 1.00
CA THR A 50 -12.16 -6.64 0.70
C THR A 50 -10.74 -6.38 0.18
N HIS A 51 -10.62 -5.50 -0.82
CA HIS A 51 -9.32 -5.18 -1.40
C HIS A 51 -8.39 -4.55 -0.37
N VAL A 52 -8.93 -3.64 0.44
CA VAL A 52 -8.16 -2.97 1.48
C VAL A 52 -7.62 -3.95 2.52
N ARG A 53 -8.53 -4.78 3.05
CA ARG A 53 -8.17 -5.76 4.07
C ARG A 53 -7.31 -6.88 3.49
N ASP A 54 -7.69 -7.42 2.34
CA ASP A 54 -6.92 -8.49 1.71
C ASP A 54 -5.48 -8.06 1.50
N TRP A 55 -5.29 -6.79 1.12
CA TRP A 55 -3.94 -6.26 0.91
C TRP A 55 -3.23 -6.19 2.26
N VAL A 56 -3.78 -5.41 3.18
CA VAL A 56 -3.23 -5.29 4.54
C VAL A 56 -2.78 -6.66 5.07
N MET A 57 -3.70 -7.63 5.03
CA MET A 57 -3.41 -8.99 5.49
C MET A 57 -2.22 -9.57 4.74
N TRP A 58 -2.21 -9.41 3.41
CA TRP A 58 -1.13 -9.90 2.57
C TRP A 58 0.21 -9.28 3.00
N ALA A 59 0.17 -8.01 3.42
CA ALA A 59 1.38 -7.31 3.87
C ALA A 59 1.83 -7.82 5.24
N VAL A 60 0.90 -8.43 5.99
CA VAL A 60 1.20 -8.97 7.31
C VAL A 60 1.94 -10.31 7.18
N ASN A 61 1.61 -11.06 6.13
CA ASN A 61 2.25 -12.35 5.88
C ASN A 61 3.60 -12.18 5.19
N GLU A 62 3.70 -11.18 4.29
CA GLU A 62 4.94 -10.90 3.57
C GLU A 62 6.01 -10.30 4.48
N PHE A 63 5.58 -9.40 5.38
CA PHE A 63 6.49 -8.74 6.30
C PHE A 63 6.38 -9.31 7.72
N SER A 64 5.58 -10.38 7.90
CA SER A 64 5.38 -10.98 9.22
C SER A 64 5.14 -9.91 10.28
N LEU A 65 4.12 -9.08 10.04
CA LEU A 65 3.78 -7.98 10.95
C LEU A 65 2.94 -8.49 12.13
N LYS A 66 2.76 -7.62 13.12
CA LYS A 66 1.98 -7.97 14.31
C LYS A 66 1.33 -6.74 14.94
N GLY A 67 0.15 -6.94 15.53
CA GLY A 67 -0.56 -5.85 16.18
C GLY A 67 -1.51 -5.10 15.23
N VAL A 68 -1.44 -5.40 13.94
CA VAL A 68 -2.29 -4.73 12.95
C VAL A 68 -3.71 -5.28 13.02
N ASP A 69 -4.69 -4.38 12.97
CA ASP A 69 -6.09 -4.77 13.03
C ASP A 69 -6.79 -4.55 11.70
N PHE A 70 -7.64 -5.51 11.31
CA PHE A 70 -8.39 -5.42 10.06
C PHE A 70 -9.72 -4.70 10.27
N GLN A 71 -10.23 -4.72 11.52
CA GLN A 71 -11.47 -4.03 11.85
C GLN A 71 -11.31 -2.53 11.62
N LYS A 72 -10.10 -2.03 11.88
CA LYS A 72 -9.76 -0.62 11.70
C LYS A 72 -9.78 -0.25 10.22
N PHE A 73 -9.36 -1.19 9.36
CA PHE A 73 -9.33 -0.95 7.92
C PHE A 73 -10.53 -1.58 7.21
N CYS A 74 -11.69 -1.57 7.89
CA CYS A 74 -12.91 -2.13 7.33
C CYS A 74 -13.67 -1.06 6.55
N MET A 75 -13.09 -0.64 5.42
CA MET A 75 -13.69 0.38 4.57
C MET A 75 -13.11 0.34 3.17
N SER A 76 -13.68 1.13 2.26
CA SER A 76 -13.23 1.18 0.88
C SER A 76 -11.90 1.93 0.78
N GLY A 77 -11.15 1.65 -0.29
CA GLY A 77 -9.87 2.29 -0.52
C GLY A 77 -9.98 3.80 -0.59
N ALA A 78 -11.05 4.29 -1.22
CA ALA A 78 -11.29 5.73 -1.35
C ALA A 78 -11.31 6.39 0.03
N ALA A 79 -11.91 5.70 1.01
CA ALA A 79 -11.98 6.21 2.38
C ALA A 79 -10.61 6.17 3.03
N LEU A 80 -9.91 5.05 2.85
CA LEU A 80 -8.57 4.85 3.41
C LEU A 80 -7.62 5.96 2.94
N CYS A 81 -7.68 6.28 1.64
CA CYS A 81 -6.83 7.33 1.06
C CYS A 81 -7.18 8.70 1.67
N ALA A 82 -8.49 8.93 1.84
CA ALA A 82 -8.97 10.19 2.42
C ALA A 82 -8.52 10.34 3.88
N LEU A 83 -8.38 9.22 4.58
CA LEU A 83 -7.95 9.22 5.99
C LEU A 83 -6.55 9.81 6.15
N GLY A 84 -5.67 9.55 5.17
CA GLY A 84 -4.31 10.05 5.24
C GLY A 84 -3.43 9.21 6.14
N LYS A 85 -2.14 9.55 6.20
CA LYS A 85 -1.18 8.83 7.03
C LYS A 85 -1.54 8.92 8.51
N GLU A 86 -1.87 10.13 8.98
CA GLU A 86 -2.24 10.35 10.37
C GLU A 86 -3.32 9.36 10.83
N CYS A 87 -4.49 9.41 10.19
CA CYS A 87 -5.59 8.52 10.53
C CYS A 87 -5.22 7.05 10.35
N PHE A 88 -4.46 6.75 9.28
CA PHE A 88 -4.03 5.39 9.01
C PHE A 88 -3.11 4.87 10.12
N LEU A 89 -2.17 5.72 10.56
CA LEU A 89 -1.24 5.36 11.62
C LEU A 89 -1.98 5.17 12.95
N GLU A 90 -3.13 5.84 13.09
CA GLU A 90 -3.95 5.70 14.30
C GLU A 90 -4.73 4.38 14.26
N LEU A 91 -4.90 3.83 13.07
CA LEU A 91 -5.61 2.56 12.88
C LEU A 91 -4.67 1.36 13.04
N ALA A 92 -3.44 1.51 12.58
CA ALA A 92 -2.44 0.43 12.67
C ALA A 92 -1.26 0.81 13.56
N PRO A 93 -0.62 -0.20 14.19
CA PRO A 93 0.54 0.00 15.06
C PRO A 93 1.57 1.00 14.53
N ASP A 94 2.44 1.44 15.43
CA ASP A 94 3.50 2.41 15.11
C ASP A 94 4.49 1.89 14.07
N PHE A 95 4.56 0.57 13.88
CA PHE A 95 5.51 0.01 12.91
C PHE A 95 4.81 -0.51 11.65
N VAL A 96 3.81 -1.38 11.84
CA VAL A 96 3.07 -1.97 10.72
C VAL A 96 2.34 -0.88 9.92
N GLY A 97 1.82 0.12 10.61
CA GLY A 97 1.11 1.22 9.95
C GLY A 97 1.99 1.95 8.94
N ASP A 98 3.28 2.10 9.26
CA ASP A 98 4.21 2.78 8.37
C ASP A 98 4.39 1.99 7.07
N ILE A 99 4.61 0.68 7.20
CA ILE A 99 4.79 -0.19 6.04
C ILE A 99 3.57 -0.14 5.11
N LEU A 100 2.40 -0.40 5.69
CA LEU A 100 1.16 -0.40 4.92
C LEU A 100 0.95 0.92 4.19
N TRP A 101 0.97 2.04 4.92
CA TRP A 101 0.78 3.36 4.30
C TRP A 101 1.90 3.65 3.29
N GLU A 102 3.08 3.10 3.51
CA GLU A 102 4.21 3.30 2.58
C GLU A 102 3.84 2.76 1.20
N HIS A 103 3.49 1.48 1.15
CA HIS A 103 3.10 0.83 -0.11
C HIS A 103 1.72 1.33 -0.55
N LEU A 104 0.86 1.65 0.43
CA LEU A 104 -0.48 2.14 0.16
C LEU A 104 -0.42 3.41 -0.69
N GLU A 105 0.46 4.34 -0.31
CA GLU A 105 0.63 5.59 -1.05
C GLU A 105 1.23 5.33 -2.43
N ILE A 106 2.09 4.31 -2.51
CA ILE A 106 2.72 3.93 -3.77
C ILE A 106 1.64 3.51 -4.78
N LEU A 107 0.68 2.72 -4.30
CA LEU A 107 -0.43 2.26 -5.14
C LEU A 107 -1.19 3.46 -5.72
N GLN A 108 -1.29 4.54 -4.93
CA GLN A 108 -1.98 5.75 -5.35
C GLN A 108 -1.19 6.45 -6.46
N LYS A 109 -0.05 7.04 -6.10
CA LYS A 109 0.80 7.74 -7.06
C LYS A 109 2.06 8.28 -6.38
N GLU A 110 2.82 7.39 -5.74
CA GLU A 110 4.05 7.79 -5.05
C GLU A 110 5.20 7.92 -6.03
N ASP A 111 5.93 9.03 -5.94
CA ASP A 111 7.06 9.30 -6.82
C ASP A 111 8.34 8.66 -6.27
N VAL A 112 8.49 7.36 -6.50
CA VAL A 112 9.66 6.62 -6.05
C VAL A 112 10.28 5.80 -7.18
N LYS A 113 11.53 6.09 -7.49
CA LYS A 113 12.25 5.39 -8.56
C LYS A 113 13.44 4.61 -8.00
N HIS A 3 5.94 19.86 3.87
CA HIS A 3 5.74 19.13 2.59
C HIS A 3 5.69 17.60 2.80
N MET A 4 6.41 17.12 3.83
CA MET A 4 6.47 15.70 4.14
C MET A 4 7.31 14.93 3.11
N GLU A 5 6.77 14.75 1.91
CA GLU A 5 7.48 14.04 0.84
C GLU A 5 6.89 14.36 -0.53
N CYS A 6 6.40 15.59 -0.71
CA CYS A 6 5.82 16.01 -1.98
C CYS A 6 6.76 16.95 -2.73
N ALA A 7 7.38 17.89 -2.00
CA ALA A 7 8.32 18.84 -2.59
C ALA A 7 9.75 18.51 -2.18
N ASP A 8 10.46 17.80 -3.04
CA ASP A 8 11.84 17.41 -2.77
C ASP A 8 12.77 17.78 -3.92
N VAL A 9 13.97 18.27 -3.59
CA VAL A 9 14.95 18.67 -4.60
C VAL A 9 15.69 17.45 -5.14
N PRO A 10 15.82 17.36 -6.50
CA PRO A 10 16.52 16.24 -7.14
C PRO A 10 18.02 16.30 -6.93
N LEU A 11 18.53 15.44 -6.03
CA LEU A 11 19.96 15.38 -5.72
C LEU A 11 20.25 14.22 -4.77
N LEU A 12 20.87 13.17 -5.31
CA LEU A 12 21.20 11.99 -4.51
C LEU A 12 22.22 11.10 -5.22
N PRO A 14 24.06 7.71 -6.22
CA PRO A 14 23.68 6.30 -6.40
C PRO A 14 24.10 5.41 -5.24
N SER A 15 23.15 5.15 -4.34
CA SER A 15 23.39 4.30 -3.17
C SER A 15 22.08 4.03 -2.43
N LYS A 17 19.23 5.39 -2.94
CA LYS A 17 18.16 5.30 -3.94
C LYS A 17 18.27 3.99 -4.71
N GLU A 18 19.51 3.55 -4.97
CA GLU A 18 19.76 2.30 -5.70
C GLU A 18 19.20 1.09 -4.95
N MET A 19 19.36 1.09 -3.62
CA MET A 19 18.87 -0.02 -2.79
C MET A 19 17.39 0.16 -2.43
N MET A 20 16.93 1.43 -2.38
CA MET A 20 15.55 1.73 -2.05
C MET A 20 14.58 1.04 -3.02
N SER A 21 14.88 1.11 -4.31
CA SER A 21 14.03 0.48 -5.32
C SER A 21 14.35 -1.01 -5.46
N GLN A 22 15.60 -1.38 -5.15
CA GLN A 22 16.04 -2.77 -5.21
C GLN A 22 15.11 -3.66 -4.38
N ALA A 23 14.88 -3.26 -3.13
CA ALA A 23 14.02 -4.02 -2.22
C ALA A 23 12.54 -3.81 -2.55
N LEU A 24 12.20 -2.62 -3.04
CA LEU A 24 10.81 -2.29 -3.40
C LEU A 24 10.31 -3.21 -4.51
N LYS A 25 11.14 -3.42 -5.53
CA LYS A 25 10.79 -4.29 -6.65
C LYS A 25 10.66 -5.74 -6.20
N ALA A 26 11.38 -6.11 -5.14
CA ALA A 26 11.35 -7.47 -4.60
C ALA A 26 10.01 -7.76 -3.90
N THR A 27 9.39 -6.72 -3.32
CA THR A 27 8.12 -6.89 -2.62
C THR A 27 6.95 -6.90 -3.60
N PHE A 28 6.97 -5.97 -4.56
CA PHE A 28 5.91 -5.87 -5.57
C PHE A 28 5.59 -7.22 -6.22
N SER A 29 6.62 -8.02 -6.50
CA SER A 29 6.43 -9.34 -7.12
C SER A 29 5.53 -10.23 -6.25
N GLY A 30 5.65 -10.09 -4.93
CA GLY A 30 4.83 -10.88 -4.00
C GLY A 30 3.42 -10.33 -3.85
N PHE A 31 3.16 -9.15 -4.43
CA PHE A 31 1.84 -8.53 -4.36
C PHE A 31 1.06 -8.78 -5.64
N THR A 32 1.68 -8.50 -6.79
CA THR A 32 1.05 -8.70 -8.09
C THR A 32 0.56 -10.14 -8.26
N LYS A 33 1.26 -11.10 -7.65
CA LYS A 33 0.86 -12.50 -7.74
C LYS A 33 -0.53 -12.69 -7.13
N GLU A 34 -0.84 -11.91 -6.10
CA GLU A 34 -2.13 -11.97 -5.44
C GLU A 34 -3.16 -11.15 -6.22
N GLN A 35 -2.73 -9.99 -6.74
CA GLN A 35 -3.59 -9.11 -7.51
C GLN A 35 -4.19 -9.81 -8.72
N GLN A 36 -3.43 -10.75 -9.30
CA GLN A 36 -3.91 -11.50 -10.47
C GLN A 36 -4.84 -12.65 -10.07
N ARG A 37 -4.53 -13.29 -8.94
CA ARG A 37 -5.33 -14.41 -8.45
C ARG A 37 -6.70 -13.95 -7.93
N LEU A 38 -6.71 -12.81 -7.24
CA LEU A 38 -7.93 -12.26 -6.67
C LEU A 38 -8.55 -11.17 -7.56
N GLY A 39 -7.72 -10.50 -8.36
CA GLY A 39 -8.21 -9.44 -9.22
C GLY A 39 -8.04 -8.06 -8.59
N ILE A 40 -7.37 -8.00 -7.43
CA ILE A 40 -7.13 -6.74 -6.73
C ILE A 40 -6.45 -5.71 -7.63
N PRO A 41 -7.08 -4.54 -7.83
CA PRO A 41 -6.52 -3.46 -8.67
C PRO A 41 -5.21 -2.93 -8.13
N LYS A 42 -4.53 -2.10 -8.94
CA LYS A 42 -3.25 -1.50 -8.55
C LYS A 42 -3.45 -0.06 -8.07
N ASP A 43 -4.59 0.19 -7.41
CA ASP A 43 -4.89 1.53 -6.91
C ASP A 43 -5.84 1.48 -5.72
N PRO A 44 -5.37 1.93 -4.54
CA PRO A 44 -6.16 1.94 -3.30
C PRO A 44 -7.41 2.83 -3.42
N ARG A 45 -7.27 3.98 -4.06
CA ARG A 45 -8.41 4.89 -4.26
C ARG A 45 -9.57 4.14 -4.94
N GLN A 46 -9.23 3.24 -5.86
CA GLN A 46 -10.23 2.44 -6.57
C GLN A 46 -10.33 1.03 -5.96
N TRP A 47 -10.40 0.97 -4.63
CA TRP A 47 -10.51 -0.29 -3.90
C TRP A 47 -11.77 -0.31 -3.04
N THR A 48 -12.06 -1.46 -2.43
CA THR A 48 -13.21 -1.57 -1.54
C THR A 48 -12.80 -2.25 -0.23
N GLU A 49 -13.75 -2.45 0.68
CA GLU A 49 -13.46 -3.09 1.98
C GLU A 49 -12.68 -4.39 1.81
N THR A 50 -13.06 -5.21 0.83
CA THR A 50 -12.39 -6.48 0.59
C THR A 50 -10.94 -6.27 0.15
N HIS A 51 -10.73 -5.40 -0.85
CA HIS A 51 -9.38 -5.12 -1.35
C HIS A 51 -8.48 -4.54 -0.25
N VAL A 52 -9.06 -3.65 0.57
CA VAL A 52 -8.33 -3.02 1.66
C VAL A 52 -7.89 -4.06 2.70
N ARG A 53 -8.86 -4.83 3.20
CA ARG A 53 -8.62 -5.85 4.21
C ARG A 53 -7.75 -6.98 3.67
N ASP A 54 -8.09 -7.49 2.49
CA ASP A 54 -7.32 -8.58 1.88
C ASP A 54 -5.86 -8.17 1.71
N TRP A 55 -5.63 -6.92 1.32
CA TRP A 55 -4.27 -6.41 1.16
C TRP A 55 -3.58 -6.37 2.51
N VAL A 56 -4.13 -5.57 3.44
CA VAL A 56 -3.60 -5.46 4.80
C VAL A 56 -3.17 -6.83 5.33
N MET A 57 -4.11 -7.79 5.32
CA MET A 57 -3.85 -9.15 5.78
C MET A 57 -2.66 -9.75 5.04
N TRP A 58 -2.68 -9.61 3.70
CA TRP A 58 -1.60 -10.12 2.86
C TRP A 58 -0.25 -9.52 3.26
N ALA A 59 -0.26 -8.25 3.67
CA ALA A 59 0.96 -7.56 4.09
C ALA A 59 1.42 -8.03 5.47
N VAL A 60 0.52 -8.64 6.23
CA VAL A 60 0.82 -9.15 7.57
C VAL A 60 1.53 -10.50 7.48
N ASN A 61 1.16 -11.30 6.49
CA ASN A 61 1.75 -12.62 6.28
C ASN A 61 3.06 -12.52 5.48
N GLU A 62 3.13 -11.54 4.57
CA GLU A 62 4.32 -11.34 3.74
C GLU A 62 5.43 -10.66 4.55
N PHE A 63 5.06 -9.69 5.38
CA PHE A 63 6.04 -8.97 6.21
C PHE A 63 6.02 -9.46 7.66
N SER A 64 5.26 -10.53 7.94
CA SER A 64 5.15 -11.07 9.30
C SER A 64 4.93 -9.94 10.32
N LEU A 65 3.91 -9.12 10.08
CA LEU A 65 3.62 -8.00 10.96
C LEU A 65 2.79 -8.46 12.17
N LYS A 66 2.65 -7.58 13.16
CA LYS A 66 1.90 -7.90 14.37
C LYS A 66 1.29 -6.65 15.01
N GLY A 67 0.14 -6.83 15.67
CA GLY A 67 -0.54 -5.72 16.33
C GLY A 67 -1.49 -4.95 15.42
N VAL A 68 -1.49 -5.27 14.12
CA VAL A 68 -2.36 -4.58 13.17
C VAL A 68 -3.80 -5.08 13.28
N ASP A 69 -4.74 -4.14 13.31
CA ASP A 69 -6.16 -4.47 13.42
C ASP A 69 -6.87 -4.37 12.07
N PHE A 70 -7.64 -5.42 11.74
CA PHE A 70 -8.38 -5.43 10.48
C PHE A 70 -9.73 -4.72 10.65
N GLN A 71 -10.26 -4.74 11.88
CA GLN A 71 -11.51 -4.04 12.19
C GLN A 71 -11.33 -2.54 11.92
N LYS A 72 -10.11 -2.04 12.16
CA LYS A 72 -9.77 -0.65 11.93
C LYS A 72 -9.81 -0.30 10.43
N PHE A 73 -9.43 -1.28 9.60
CA PHE A 73 -9.41 -1.07 8.15
C PHE A 73 -10.65 -1.67 7.48
N CYS A 74 -11.79 -1.58 8.17
CA CYS A 74 -13.05 -2.10 7.64
C CYS A 74 -13.76 -1.01 6.82
N MET A 75 -13.13 -0.60 5.72
CA MET A 75 -13.67 0.44 4.85
C MET A 75 -13.13 0.31 3.43
N SER A 76 -13.74 1.03 2.49
CA SER A 76 -13.32 1.00 1.09
C SER A 76 -11.98 1.71 0.91
N GLY A 77 -11.28 1.38 -0.18
CA GLY A 77 -9.99 1.98 -0.46
C GLY A 77 -10.06 3.50 -0.56
N ALA A 78 -11.11 4.01 -1.22
CA ALA A 78 -11.30 5.45 -1.36
C ALA A 78 -11.27 6.15 0.00
N ALA A 79 -11.85 5.49 1.00
CA ALA A 79 -11.89 6.04 2.35
C ALA A 79 -10.50 5.99 3.00
N LEU A 80 -9.82 4.86 2.83
CA LEU A 80 -8.48 4.65 3.36
C LEU A 80 -7.53 5.75 2.89
N CYS A 81 -7.59 6.08 1.60
CA CYS A 81 -6.73 7.12 1.03
C CYS A 81 -7.10 8.49 1.59
N ALA A 82 -8.40 8.74 1.74
CA ALA A 82 -8.90 10.01 2.28
C ALA A 82 -8.47 10.20 3.74
N LEU A 83 -8.19 9.09 4.43
CA LEU A 83 -7.78 9.14 5.83
C LEU A 83 -6.39 9.77 6.00
N GLY A 84 -5.48 9.46 5.07
CA GLY A 84 -4.13 9.99 5.15
C GLY A 84 -3.25 9.17 6.06
N LYS A 85 -1.97 9.54 6.13
CA LYS A 85 -1.00 8.84 6.98
C LYS A 85 -1.40 8.90 8.46
N GLU A 86 -1.66 10.11 8.96
CA GLU A 86 -2.04 10.32 10.36
C GLU A 86 -3.16 9.37 10.79
N CYS A 87 -4.26 9.34 10.02
CA CYS A 87 -5.39 8.47 10.34
C CYS A 87 -5.03 7.00 10.20
N PHE A 88 -4.26 6.66 9.15
CA PHE A 88 -3.83 5.30 8.91
C PHE A 88 -2.96 4.78 10.06
N LEU A 89 -2.03 5.62 10.52
CA LEU A 89 -1.14 5.26 11.63
C LEU A 89 -1.93 5.12 12.94
N GLU A 90 -3.07 5.80 13.02
CA GLU A 90 -3.94 5.70 14.19
C GLU A 90 -4.71 4.37 14.17
N LEU A 91 -4.85 3.79 12.98
CA LEU A 91 -5.56 2.52 12.79
C LEU A 91 -4.60 1.34 12.94
N ALA A 92 -3.37 1.50 12.48
CA ALA A 92 -2.37 0.43 12.55
C ALA A 92 -1.16 0.83 13.41
N PRO A 93 -0.53 -0.17 14.07
CA PRO A 93 0.64 0.04 14.93
C PRO A 93 1.68 1.02 14.37
N ASP A 94 2.56 1.47 15.26
CA ASP A 94 3.62 2.41 14.92
C ASP A 94 4.60 1.88 13.87
N PHE A 95 4.66 0.55 13.70
CA PHE A 95 5.60 -0.03 12.74
C PHE A 95 4.89 -0.59 11.50
N VAL A 96 3.84 -1.40 11.72
CA VAL A 96 3.09 -1.99 10.60
C VAL A 96 2.41 -0.90 9.76
N GLY A 97 1.90 0.14 10.42
CA GLY A 97 1.24 1.23 9.73
C GLY A 97 2.16 1.93 8.73
N ASP A 98 3.44 2.06 9.09
CA ASP A 98 4.41 2.72 8.22
C ASP A 98 4.57 1.95 6.91
N ILE A 99 4.77 0.63 7.00
CA ILE A 99 4.94 -0.22 5.83
C ILE A 99 3.73 -0.12 4.90
N LEU A 100 2.56 -0.43 5.46
CA LEU A 100 1.30 -0.40 4.71
C LEU A 100 1.10 0.93 3.99
N TRP A 101 1.05 2.04 4.74
CA TRP A 101 0.85 3.36 4.14
C TRP A 101 1.96 3.73 3.15
N GLU A 102 3.19 3.29 3.40
CA GLU A 102 4.29 3.61 2.50
C GLU A 102 4.02 3.01 1.12
N HIS A 103 3.80 1.70 1.06
CA HIS A 103 3.50 1.02 -0.20
C HIS A 103 2.12 1.45 -0.71
N LEU A 104 1.18 1.65 0.21
CA LEU A 104 -0.17 2.09 -0.12
C LEU A 104 -0.15 3.42 -0.86
N GLU A 105 0.65 4.37 -0.34
CA GLU A 105 0.77 5.69 -0.96
C GLU A 105 1.32 5.53 -2.38
N ILE A 106 2.27 4.62 -2.54
CA ILE A 106 2.87 4.32 -3.84
C ILE A 106 1.79 3.85 -4.83
N LEU A 107 0.89 3.01 -4.33
CA LEU A 107 -0.21 2.47 -5.13
C LEU A 107 -1.19 3.57 -5.51
N GLN A 108 -1.43 4.51 -4.59
CA GLN A 108 -2.35 5.64 -4.84
C GLN A 108 -1.96 6.40 -6.11
N LYS A 109 -0.66 6.59 -6.30
CA LYS A 109 -0.14 7.31 -7.46
C LYS A 109 -0.58 6.64 -8.76
N GLU A 110 -0.49 5.31 -8.80
CA GLU A 110 -0.89 4.55 -9.98
C GLU A 110 -2.39 4.28 -9.95
N ASP A 111 -3.14 5.05 -10.74
CA ASP A 111 -4.59 4.90 -10.80
C ASP A 111 -5.01 4.11 -12.05
N VAL A 112 -5.24 2.81 -11.87
CA VAL A 112 -5.65 1.95 -12.97
C VAL A 112 -7.14 1.58 -12.85
N LYS A 113 -7.87 1.76 -13.94
CA LYS A 113 -9.31 1.46 -13.96
C LYS A 113 -9.55 0.05 -14.51
N HIS A 3 37.78 -7.21 -33.05
CA HIS A 3 38.78 -6.29 -32.47
C HIS A 3 40.21 -6.78 -32.69
N MET A 4 40.46 -8.06 -32.38
CA MET A 4 41.79 -8.65 -32.54
C MET A 4 41.69 -10.17 -32.64
N GLU A 5 41.17 -10.79 -31.58
CA GLU A 5 41.01 -12.25 -31.53
C GLU A 5 39.67 -12.67 -32.10
N CYS A 6 38.58 -12.12 -31.54
CA CYS A 6 37.23 -12.44 -31.99
C CYS A 6 36.29 -11.25 -31.77
N ALA A 7 35.86 -10.63 -32.87
CA ALA A 7 34.97 -9.48 -32.81
C ALA A 7 33.67 -9.81 -32.08
N ASP A 8 33.56 -9.35 -30.83
CA ASP A 8 32.37 -9.59 -30.02
C ASP A 8 32.31 -8.61 -28.85
N VAL A 9 31.26 -7.79 -28.82
CA VAL A 9 31.08 -6.80 -27.76
C VAL A 9 29.67 -6.88 -27.16
N PRO A 10 29.47 -7.72 -26.13
CA PRO A 10 28.18 -7.89 -25.46
C PRO A 10 27.79 -6.66 -24.64
N LEU A 11 26.48 -6.41 -24.52
CA LEU A 11 25.98 -5.27 -23.76
C LEU A 11 25.21 -5.73 -22.53
N LEU A 12 25.63 -5.25 -21.36
CA LEU A 12 24.99 -5.60 -20.09
C LEU A 12 25.34 -4.59 -19.00
N PRO A 14 23.09 -1.96 -16.23
CA PRO A 14 21.86 -1.39 -15.69
C PRO A 14 21.90 0.14 -15.64
N SER A 15 20.75 0.78 -15.82
CA SER A 15 20.65 2.23 -15.81
C SER A 15 19.97 2.73 -14.53
N LYS A 17 17.28 4.41 -14.18
CA LYS A 17 15.85 4.16 -14.26
C LYS A 17 15.53 2.69 -13.94
N GLU A 18 16.37 1.79 -14.45
CA GLU A 18 16.19 0.36 -14.21
C GLU A 18 16.40 0.02 -12.73
N MET A 19 17.40 0.66 -12.11
CA MET A 19 17.72 0.44 -10.70
C MET A 19 16.69 1.11 -9.80
N MET A 20 16.23 2.30 -10.19
CA MET A 20 15.25 3.06 -9.41
C MET A 20 13.94 2.28 -9.24
N SER A 21 13.44 1.69 -10.32
CA SER A 21 12.20 0.92 -10.27
C SER A 21 12.42 -0.46 -9.65
N GLN A 22 13.65 -0.98 -9.77
CA GLN A 22 14.01 -2.28 -9.22
C GLN A 22 13.48 -2.46 -7.79
N ALA A 23 13.73 -1.48 -6.93
CA ALA A 23 13.29 -1.52 -5.54
C ALA A 23 11.77 -1.68 -5.43
N LEU A 24 11.03 -0.92 -6.24
CA LEU A 24 9.57 -0.99 -6.24
C LEU A 24 9.08 -2.35 -6.73
N LYS A 25 9.73 -2.88 -7.77
CA LYS A 25 9.38 -4.17 -8.34
C LYS A 25 9.48 -5.29 -7.31
N ALA A 26 10.45 -5.18 -6.38
CA ALA A 26 10.65 -6.18 -5.33
C ALA A 26 9.34 -6.54 -4.63
N THR A 27 8.60 -5.51 -4.19
CA THR A 27 7.33 -5.73 -3.51
C THR A 27 6.20 -5.96 -4.51
N PHE A 28 6.17 -5.16 -5.58
CA PHE A 28 5.14 -5.29 -6.62
C PHE A 28 4.94 -6.73 -7.07
N SER A 29 6.04 -7.45 -7.31
CA SER A 29 5.96 -8.85 -7.75
C SER A 29 5.23 -9.72 -6.73
N GLY A 30 5.50 -9.48 -5.44
CA GLY A 30 4.85 -10.25 -4.38
C GLY A 30 3.40 -9.84 -4.16
N PHE A 31 3.00 -8.71 -4.75
CA PHE A 31 1.63 -8.21 -4.62
C PHE A 31 0.79 -8.58 -5.84
N THR A 32 1.35 -8.35 -7.04
CA THR A 32 0.65 -8.67 -8.28
C THR A 32 0.21 -10.13 -8.33
N LYS A 33 1.03 -11.03 -7.76
CA LYS A 33 0.68 -12.45 -7.74
C LYS A 33 -0.66 -12.66 -7.04
N GLU A 34 -0.88 -11.90 -5.97
CA GLU A 34 -2.12 -11.96 -5.20
C GLU A 34 -3.23 -11.22 -5.95
N GLN A 35 -2.86 -10.07 -6.52
CA GLN A 35 -3.81 -9.24 -7.28
C GLN A 35 -4.41 -10.00 -8.45
N GLN A 36 -3.66 -10.96 -9.00
CA GLN A 36 -4.14 -11.77 -10.12
C GLN A 36 -4.96 -12.97 -9.64
N ARG A 37 -4.53 -13.56 -8.52
CA ARG A 37 -5.21 -14.73 -7.96
C ARG A 37 -6.57 -14.34 -7.36
N LEU A 38 -6.68 -13.11 -6.87
CA LEU A 38 -7.92 -12.62 -6.25
C LEU A 38 -8.64 -11.62 -7.15
N GLY A 39 -7.89 -10.78 -7.86
CA GLY A 39 -8.49 -9.79 -8.74
C GLY A 39 -8.31 -8.37 -8.23
N ILE A 40 -7.68 -8.22 -7.04
CA ILE A 40 -7.45 -6.91 -6.44
C ILE A 40 -6.65 -6.01 -7.38
N PRO A 41 -7.20 -4.83 -7.72
CA PRO A 41 -6.53 -3.88 -8.63
C PRO A 41 -5.37 -3.14 -7.94
N LYS A 42 -4.64 -2.34 -8.71
CA LYS A 42 -3.52 -1.58 -8.16
C LYS A 42 -3.92 -0.12 -7.92
N ASP A 43 -5.13 0.07 -7.38
CA ASP A 43 -5.64 1.41 -7.09
C ASP A 43 -6.23 1.48 -5.68
N PRO A 44 -5.44 1.97 -4.71
CA PRO A 44 -5.88 2.10 -3.31
C PRO A 44 -7.09 3.04 -3.17
N ARG A 45 -7.22 3.98 -4.10
CA ARG A 45 -8.36 4.92 -4.07
C ARG A 45 -9.60 4.25 -4.67
N GLN A 46 -9.37 3.44 -5.71
CA GLN A 46 -10.44 2.70 -6.36
C GLN A 46 -10.54 1.28 -5.79
N TRP A 47 -10.41 1.18 -4.47
CA TRP A 47 -10.48 -0.11 -3.76
C TRP A 47 -11.75 -0.18 -2.91
N THR A 48 -12.01 -1.36 -2.34
CA THR A 48 -13.18 -1.53 -1.48
C THR A 48 -12.76 -2.24 -0.19
N GLU A 49 -13.71 -2.50 0.71
CA GLU A 49 -13.42 -3.16 1.99
C GLU A 49 -12.62 -4.45 1.80
N THR A 50 -13.01 -5.26 0.81
CA THR A 50 -12.31 -6.51 0.54
C THR A 50 -10.87 -6.28 0.13
N HIS A 51 -10.67 -5.38 -0.84
CA HIS A 51 -9.32 -5.06 -1.33
C HIS A 51 -8.45 -4.46 -0.22
N VAL A 52 -9.05 -3.59 0.60
CA VAL A 52 -8.34 -2.96 1.71
C VAL A 52 -7.92 -3.99 2.76
N ARG A 53 -8.89 -4.79 3.21
CA ARG A 53 -8.65 -5.83 4.22
C ARG A 53 -7.73 -6.93 3.69
N ASP A 54 -8.01 -7.41 2.48
CA ASP A 54 -7.19 -8.47 1.90
C ASP A 54 -5.76 -7.99 1.68
N TRP A 55 -5.60 -6.71 1.30
CA TRP A 55 -4.27 -6.15 1.08
C TRP A 55 -3.50 -6.11 2.39
N VAL A 56 -3.97 -5.30 3.34
CA VAL A 56 -3.35 -5.19 4.66
C VAL A 56 -2.94 -6.58 5.19
N MET A 57 -3.86 -7.55 5.09
CA MET A 57 -3.61 -8.91 5.54
C MET A 57 -2.43 -9.52 4.78
N TRP A 58 -2.43 -9.33 3.46
CA TRP A 58 -1.37 -9.83 2.60
C TRP A 58 -0.02 -9.19 2.99
N ALA A 59 -0.07 -7.90 3.36
CA ALA A 59 1.14 -7.18 3.77
C ALA A 59 1.64 -7.66 5.14
N VAL A 60 0.77 -8.35 5.88
CA VAL A 60 1.12 -8.89 7.19
C VAL A 60 1.82 -10.24 7.04
N ASN A 61 1.43 -10.99 6.01
CA ASN A 61 2.02 -12.30 5.74
C ASN A 61 3.35 -12.16 5.00
N GLU A 62 3.43 -11.16 4.11
CA GLU A 62 4.65 -10.91 3.33
C GLU A 62 5.73 -10.25 4.18
N PHE A 63 5.32 -9.30 5.03
CA PHE A 63 6.25 -8.60 5.91
C PHE A 63 6.23 -9.15 7.34
N SER A 64 5.51 -10.27 7.55
CA SER A 64 5.40 -10.88 8.88
C SER A 64 5.17 -9.81 9.96
N LEU A 65 4.08 -9.06 9.81
CA LEU A 65 3.74 -8.00 10.75
C LEU A 65 2.89 -8.53 11.91
N LYS A 66 2.66 -7.70 12.92
CA LYS A 66 1.86 -8.09 14.08
C LYS A 66 1.27 -6.87 14.78
N GLY A 67 0.09 -7.07 15.38
CA GLY A 67 -0.59 -5.99 16.08
C GLY A 67 -1.53 -5.17 15.20
N VAL A 68 -1.51 -5.40 13.89
CA VAL A 68 -2.37 -4.66 12.97
C VAL A 68 -3.81 -5.16 13.07
N ASP A 69 -4.74 -4.22 13.08
CA ASP A 69 -6.17 -4.54 13.19
C ASP A 69 -6.88 -4.39 11.85
N PHE A 70 -7.67 -5.39 11.49
CA PHE A 70 -8.43 -5.38 10.24
C PHE A 70 -9.77 -4.67 10.45
N GLN A 71 -10.25 -4.64 11.70
CA GLN A 71 -11.49 -3.96 12.03
C GLN A 71 -11.33 -2.46 11.79
N LYS A 72 -10.14 -1.95 12.08
CA LYS A 72 -9.80 -0.54 11.87
C LYS A 72 -9.82 -0.19 10.39
N PHE A 73 -9.38 -1.14 9.55
CA PHE A 73 -9.34 -0.93 8.09
C PHE A 73 -10.57 -1.56 7.41
N CYS A 74 -11.71 -1.57 8.11
CA CYS A 74 -12.94 -2.14 7.57
C CYS A 74 -13.70 -1.08 6.78
N MET A 75 -13.12 -0.66 5.65
CA MET A 75 -13.73 0.36 4.80
C MET A 75 -13.15 0.29 3.39
N SER A 76 -13.76 1.06 2.47
CA SER A 76 -13.32 1.08 1.08
C SER A 76 -11.98 1.83 0.94
N GLY A 77 -11.28 1.56 -0.17
CA GLY A 77 -10.01 2.20 -0.42
C GLY A 77 -10.10 3.72 -0.44
N ALA A 78 -11.15 4.24 -1.08
CA ALA A 78 -11.37 5.69 -1.17
C ALA A 78 -11.35 6.31 0.23
N ALA A 79 -11.95 5.61 1.20
CA ALA A 79 -11.99 6.09 2.58
C ALA A 79 -10.61 6.03 3.22
N LEU A 80 -9.94 4.89 3.04
CA LEU A 80 -8.60 4.69 3.59
C LEU A 80 -7.62 5.77 3.12
N CYS A 81 -7.64 6.05 1.82
CA CYS A 81 -6.75 7.09 1.25
C CYS A 81 -7.12 8.46 1.80
N ALA A 82 -8.43 8.71 1.96
CA ALA A 82 -8.92 9.98 2.49
C ALA A 82 -8.49 10.18 3.95
N LEU A 83 -8.36 9.08 4.69
CA LEU A 83 -7.96 9.12 6.10
C LEU A 83 -6.57 9.75 6.27
N GLY A 84 -5.68 9.51 5.31
CA GLY A 84 -4.33 10.04 5.39
C GLY A 84 -3.43 9.23 6.30
N LYS A 85 -2.15 9.57 6.33
CA LYS A 85 -1.17 8.86 7.16
C LYS A 85 -1.55 8.95 8.64
N GLU A 86 -1.90 10.15 9.10
CA GLU A 86 -2.29 10.38 10.49
C GLU A 86 -3.34 9.35 10.94
N CYS A 87 -4.52 9.41 10.34
CA CYS A 87 -5.61 8.50 10.70
C CYS A 87 -5.20 7.03 10.50
N PHE A 88 -4.44 6.76 9.43
CA PHE A 88 -3.98 5.40 9.15
C PHE A 88 -3.11 4.88 10.28
N LEU A 89 -2.20 5.73 10.78
CA LEU A 89 -1.32 5.36 11.89
C LEU A 89 -2.12 5.13 13.17
N GLU A 90 -3.28 5.79 13.28
CA GLU A 90 -4.16 5.60 14.43
C GLU A 90 -4.88 4.26 14.34
N LEU A 91 -5.00 3.73 13.12
CA LEU A 91 -5.66 2.45 12.86
C LEU A 91 -4.69 1.28 13.01
N ALA A 92 -3.46 1.47 12.53
CA ALA A 92 -2.44 0.41 12.61
C ALA A 92 -1.31 0.78 13.57
N PRO A 93 -0.67 -0.25 14.17
CA PRO A 93 0.44 -0.08 15.12
C PRO A 93 1.48 0.95 14.68
N ASP A 94 2.31 1.35 15.64
CA ASP A 94 3.38 2.33 15.42
C ASP A 94 4.41 1.87 14.39
N PHE A 95 4.49 0.55 14.13
CA PHE A 95 5.47 0.04 13.17
C PHE A 95 4.84 -0.43 11.86
N VAL A 96 3.87 -1.35 11.96
CA VAL A 96 3.19 -1.89 10.78
C VAL A 96 2.49 -0.79 9.97
N GLY A 97 1.97 0.23 10.66
CA GLY A 97 1.29 1.33 9.98
C GLY A 97 2.14 2.00 8.91
N ASP A 98 3.45 2.03 9.13
CA ASP A 98 4.38 2.66 8.17
C ASP A 98 4.46 1.84 6.88
N ILE A 99 4.73 0.55 7.01
CA ILE A 99 4.85 -0.34 5.84
C ILE A 99 3.59 -0.31 4.98
N LEU A 100 2.43 -0.41 5.64
CA LEU A 100 1.14 -0.42 4.94
C LEU A 100 0.91 0.89 4.18
N TRP A 101 0.87 2.02 4.90
CA TRP A 101 0.63 3.30 4.24
C TRP A 101 1.74 3.66 3.24
N GLU A 102 2.96 3.17 3.48
CA GLU A 102 4.06 3.44 2.55
C GLU A 102 3.81 2.75 1.21
N HIS A 103 3.59 1.44 1.26
CA HIS A 103 3.30 0.66 0.05
C HIS A 103 1.95 1.08 -0.54
N LEU A 104 1.02 1.45 0.34
CA LEU A 104 -0.30 1.90 -0.07
C LEU A 104 -0.20 3.19 -0.88
N GLU A 105 0.68 4.09 -0.44
CA GLU A 105 0.89 5.36 -1.13
C GLU A 105 1.60 5.13 -2.46
N ILE A 106 2.33 4.01 -2.56
CA ILE A 106 3.04 3.63 -3.77
C ILE A 106 2.08 3.09 -4.83
N LEU A 107 1.08 2.32 -4.38
CA LEU A 107 0.08 1.73 -5.27
C LEU A 107 -0.67 2.81 -6.07
N GLN A 108 -1.14 3.84 -5.37
CA GLN A 108 -1.86 4.94 -6.02
C GLN A 108 -1.05 5.57 -7.16
N LYS A 109 0.27 5.66 -6.96
CA LYS A 109 1.16 6.24 -7.97
C LYS A 109 1.41 5.24 -9.10
N GLU A 110 1.89 4.05 -8.74
CA GLU A 110 2.18 3.00 -9.71
C GLU A 110 0.99 2.05 -9.85
N ASP A 111 0.21 2.25 -10.91
CA ASP A 111 -0.97 1.42 -11.16
C ASP A 111 -0.84 0.67 -12.49
N VAL A 112 -1.02 -0.65 -12.43
CA VAL A 112 -0.94 -1.49 -13.62
C VAL A 112 -2.35 -1.92 -14.07
N LYS A 113 -3.24 -2.09 -13.10
CA LYS A 113 -4.62 -2.50 -13.38
C LYS A 113 -5.61 -1.60 -12.62
N HIS A 3 0.33 30.53 -23.84
CA HIS A 3 -1.13 30.23 -23.92
C HIS A 3 -1.48 28.97 -23.14
N MET A 4 -2.59 29.02 -22.39
CA MET A 4 -3.06 27.90 -21.58
C MET A 4 -2.06 27.56 -20.47
N GLU A 5 -1.00 26.83 -20.82
CA GLU A 5 0.02 26.44 -19.85
C GLU A 5 1.34 27.16 -20.12
N CYS A 6 1.81 27.10 -21.36
CA CYS A 6 3.07 27.75 -21.75
C CYS A 6 3.03 28.24 -23.19
N ALA A 7 4.11 28.90 -23.62
CA ALA A 7 4.21 29.42 -24.99
C ALA A 7 3.95 28.34 -26.03
N ASP A 8 4.54 27.16 -25.83
CA ASP A 8 4.38 26.05 -26.76
C ASP A 8 4.02 24.76 -26.02
N VAL A 9 2.78 24.30 -26.20
CA VAL A 9 2.31 23.09 -25.56
C VAL A 9 2.68 21.84 -26.38
N PRO A 10 3.37 20.87 -25.74
CA PRO A 10 3.80 19.64 -26.41
C PRO A 10 2.66 18.63 -26.56
N LEU A 11 2.55 18.03 -27.74
CA LEU A 11 1.51 17.04 -28.02
C LEU A 11 1.94 15.65 -27.54
N LEU A 12 3.16 15.25 -27.91
CA LEU A 12 3.69 13.95 -27.50
C LEU A 12 4.35 14.04 -26.14
N PRO A 14 3.92 11.72 -22.51
CA PRO A 14 3.32 10.67 -21.68
C PRO A 14 3.29 11.07 -20.20
N SER A 15 2.36 10.46 -19.45
CA SER A 15 2.22 10.74 -18.02
C SER A 15 3.34 10.08 -17.22
N LYS A 17 4.23 10.43 -14.39
CA LYS A 17 3.77 10.06 -13.05
C LYS A 17 3.35 8.59 -12.97
N GLU A 18 2.70 8.10 -14.03
CA GLU A 18 2.24 6.71 -14.07
C GLU A 18 3.40 5.74 -14.29
N MET A 19 4.34 6.11 -15.17
CA MET A 19 5.50 5.27 -15.45
C MET A 19 6.49 5.27 -14.28
N MET A 20 6.71 6.45 -13.70
CA MET A 20 7.63 6.60 -12.58
C MET A 20 7.17 5.75 -11.39
N SER A 21 5.85 5.73 -11.15
CA SER A 21 5.29 4.95 -10.06
C SER A 21 5.36 3.46 -10.36
N GLN A 22 5.24 3.10 -11.64
CA GLN A 22 5.32 1.70 -12.08
C GLN A 22 6.54 1.01 -11.48
N ALA A 23 7.68 1.70 -11.50
CA ALA A 23 8.92 1.16 -10.94
C ALA A 23 8.77 0.85 -9.45
N LEU A 24 8.11 1.76 -8.72
CA LEU A 24 7.87 1.57 -7.29
C LEU A 24 7.08 0.29 -7.04
N LYS A 25 6.10 0.01 -7.91
CA LYS A 25 5.28 -1.18 -7.80
C LYS A 25 6.09 -2.44 -8.10
N ALA A 26 7.02 -2.35 -9.05
CA ALA A 26 7.88 -3.48 -9.43
C ALA A 26 8.52 -4.15 -8.22
N THR A 27 8.94 -3.34 -7.24
CA THR A 27 9.57 -3.85 -6.02
C THR A 27 8.66 -4.83 -5.28
N PHE A 28 7.35 -4.66 -5.42
CA PHE A 28 6.38 -5.52 -4.76
C PHE A 28 5.85 -6.58 -5.74
N SER A 29 6.75 -7.46 -6.21
CA SER A 29 6.38 -8.51 -7.14
C SER A 29 5.47 -9.56 -6.49
N GLY A 30 5.59 -9.70 -5.16
CA GLY A 30 4.76 -10.66 -4.43
C GLY A 30 3.33 -10.18 -4.25
N PHE A 31 3.05 -8.93 -4.64
CA PHE A 31 1.72 -8.35 -4.52
C PHE A 31 0.95 -8.49 -5.83
N THR A 32 1.61 -8.16 -6.94
CA THR A 32 0.99 -8.26 -8.27
C THR A 32 0.48 -9.68 -8.52
N LYS A 33 1.25 -10.68 -8.09
CA LYS A 33 0.85 -12.07 -8.27
C LYS A 33 -0.44 -12.36 -7.51
N GLU A 34 -0.60 -11.73 -6.35
CA GLU A 34 -1.79 -11.90 -5.53
C GLU A 34 -2.96 -11.13 -6.14
N GLN A 35 -2.70 -9.92 -6.63
CA GLN A 35 -3.72 -9.08 -7.26
C GLN A 35 -4.36 -9.79 -8.45
N GLN A 36 -3.63 -10.72 -9.07
CA GLN A 36 -4.14 -11.47 -10.21
C GLN A 36 -4.98 -12.67 -9.75
N ARG A 37 -4.62 -13.23 -8.59
CA ARG A 37 -5.34 -14.39 -8.03
C ARG A 37 -6.71 -13.97 -7.51
N LEU A 38 -6.75 -12.84 -6.81
CA LEU A 38 -7.99 -12.32 -6.22
C LEU A 38 -8.68 -11.30 -7.14
N GLY A 39 -7.90 -10.63 -8.00
CA GLY A 39 -8.47 -9.64 -8.89
C GLY A 39 -8.35 -8.23 -8.34
N ILE A 40 -7.72 -8.10 -7.16
CA ILE A 40 -7.53 -6.79 -6.51
C ILE A 40 -6.93 -5.77 -7.47
N PRO A 41 -7.59 -4.59 -7.61
CA PRO A 41 -7.14 -3.51 -8.51
C PRO A 41 -5.75 -2.99 -8.15
N LYS A 42 -5.19 -2.16 -9.02
CA LYS A 42 -3.87 -1.58 -8.81
C LYS A 42 -3.98 -0.13 -8.31
N ASP A 43 -4.95 0.13 -7.44
CA ASP A 43 -5.17 1.46 -6.89
C ASP A 43 -6.05 1.42 -5.64
N PRO A 44 -5.54 1.93 -4.50
CA PRO A 44 -6.27 1.96 -3.23
C PRO A 44 -7.57 2.77 -3.32
N ARG A 45 -7.52 3.94 -3.95
CA ARG A 45 -8.72 4.78 -4.10
C ARG A 45 -9.86 3.98 -4.74
N GLN A 46 -9.50 3.08 -5.66
CA GLN A 46 -10.50 2.24 -6.34
C GLN A 46 -10.58 0.86 -5.68
N TRP A 47 -10.57 0.83 -4.35
CA TRP A 47 -10.66 -0.42 -3.59
C TRP A 47 -11.88 -0.40 -2.67
N THR A 48 -12.12 -1.52 -1.98
CA THR A 48 -13.23 -1.62 -1.04
C THR A 48 -12.78 -2.33 0.24
N GLU A 49 -13.70 -2.57 1.16
CA GLU A 49 -13.37 -3.25 2.42
C GLU A 49 -12.62 -4.56 2.15
N THR A 50 -13.03 -5.27 1.09
CA THR A 50 -12.41 -6.55 0.74
C THR A 50 -10.97 -6.35 0.26
N HIS A 51 -10.78 -5.50 -0.77
CA HIS A 51 -9.45 -5.24 -1.32
C HIS A 51 -8.51 -4.66 -0.25
N VAL A 52 -9.04 -3.73 0.55
CA VAL A 52 -8.26 -3.10 1.61
C VAL A 52 -7.75 -4.13 2.61
N ARG A 53 -8.64 -5.03 3.03
CA ARG A 53 -8.29 -6.08 3.99
C ARG A 53 -7.44 -7.16 3.34
N ASP A 54 -7.79 -7.56 2.11
CA ASP A 54 -7.04 -8.58 1.39
C ASP A 54 -5.58 -8.15 1.22
N TRP A 55 -5.37 -6.84 1.00
CA TRP A 55 -4.02 -6.32 0.83
C TRP A 55 -3.32 -6.32 2.20
N VAL A 56 -3.87 -5.56 3.14
CA VAL A 56 -3.33 -5.51 4.51
C VAL A 56 -2.93 -6.90 4.99
N MET A 57 -3.86 -7.86 4.87
CA MET A 57 -3.62 -9.24 5.28
C MET A 57 -2.37 -9.79 4.58
N TRP A 58 -2.30 -9.60 3.27
CA TRP A 58 -1.15 -10.06 2.48
C TRP A 58 0.16 -9.45 3.00
N ALA A 59 0.11 -8.18 3.41
CA ALA A 59 1.30 -7.51 3.93
C ALA A 59 1.63 -7.95 5.36
N VAL A 60 0.65 -8.54 6.04
CA VAL A 60 0.84 -9.03 7.40
C VAL A 60 1.42 -10.44 7.42
N ASN A 61 1.10 -11.22 6.40
CA ASN A 61 1.60 -12.60 6.29
C ASN A 61 2.97 -12.64 5.61
N GLU A 62 3.15 -11.81 4.58
CA GLU A 62 4.40 -11.75 3.84
C GLU A 62 5.48 -11.03 4.63
N PHE A 63 5.09 -10.01 5.40
CA PHE A 63 6.04 -9.25 6.22
C PHE A 63 5.98 -9.69 7.69
N SER A 64 5.19 -10.73 7.98
CA SER A 64 5.03 -11.25 9.34
C SER A 64 4.82 -10.12 10.36
N LEU A 65 3.80 -9.30 10.12
CA LEU A 65 3.50 -8.19 11.01
C LEU A 65 2.60 -8.65 12.16
N LYS A 66 2.46 -7.80 13.18
CA LYS A 66 1.64 -8.15 14.34
C LYS A 66 1.04 -6.90 15.00
N GLY A 67 -0.09 -7.08 15.69
CA GLY A 67 -0.76 -5.99 16.36
C GLY A 67 -1.67 -5.17 15.46
N VAL A 68 -1.63 -5.43 14.14
CA VAL A 68 -2.46 -4.70 13.19
C VAL A 68 -3.91 -5.16 13.26
N ASP A 69 -4.82 -4.19 13.36
CA ASP A 69 -6.24 -4.48 13.45
C ASP A 69 -6.94 -4.26 12.11
N PHE A 70 -7.73 -5.25 11.70
CA PHE A 70 -8.47 -5.15 10.44
C PHE A 70 -9.79 -4.43 10.66
N GLN A 71 -10.26 -4.40 11.92
CA GLN A 71 -11.50 -3.68 12.26
C GLN A 71 -11.29 -2.19 12.04
N LYS A 72 -10.05 -1.72 12.27
CA LYS A 72 -9.69 -0.33 12.07
C LYS A 72 -9.74 0.05 10.59
N PHE A 73 -9.38 -0.91 9.73
CA PHE A 73 -9.40 -0.69 8.28
C PHE A 73 -10.65 -1.30 7.64
N CYS A 74 -11.75 -1.36 8.40
CA CYS A 74 -13.00 -1.91 7.89
C CYS A 74 -13.76 -0.86 7.08
N MET A 75 -13.19 -0.50 5.93
CA MET A 75 -13.78 0.50 5.05
C MET A 75 -13.22 0.36 3.63
N SER A 76 -13.81 1.12 2.69
CA SER A 76 -13.36 1.09 1.31
C SER A 76 -12.02 1.81 1.15
N GLY A 77 -11.31 1.49 0.06
CA GLY A 77 -10.02 2.10 -0.21
C GLY A 77 -10.11 3.60 -0.39
N ALA A 78 -11.19 4.07 -1.02
CA ALA A 78 -11.40 5.50 -1.23
C ALA A 78 -11.38 6.26 0.10
N ALA A 79 -11.98 5.65 1.13
CA ALA A 79 -12.01 6.24 2.46
C ALA A 79 -10.63 6.19 3.11
N LEU A 80 -9.97 5.03 2.96
CA LEU A 80 -8.64 4.81 3.52
C LEU A 80 -7.66 5.88 3.04
N CYS A 81 -7.71 6.20 1.74
CA CYS A 81 -6.83 7.22 1.16
C CYS A 81 -7.19 8.60 1.71
N ALA A 82 -8.49 8.88 1.80
CA ALA A 82 -8.98 10.16 2.32
C ALA A 82 -8.55 10.38 3.78
N LEU A 83 -8.31 9.28 4.50
CA LEU A 83 -7.89 9.34 5.90
C LEU A 83 -6.49 9.93 6.06
N GLY A 84 -5.63 9.68 5.07
CA GLY A 84 -4.26 10.18 5.14
C GLY A 84 -3.37 9.30 6.00
N LYS A 85 -2.08 9.62 6.04
CA LYS A 85 -1.12 8.85 6.83
C LYS A 85 -1.43 8.95 8.33
N GLU A 86 -1.77 10.14 8.79
CA GLU A 86 -2.10 10.36 10.20
C GLU A 86 -3.20 9.40 10.68
N CYS A 87 -4.39 9.52 10.10
CA CYS A 87 -5.51 8.67 10.47
C CYS A 87 -5.18 7.19 10.26
N PHE A 88 -4.51 6.87 9.15
CA PHE A 88 -4.13 5.50 8.84
C PHE A 88 -3.17 4.95 9.90
N LEU A 89 -2.19 5.76 10.31
CA LEU A 89 -1.21 5.34 11.32
C LEU A 89 -1.89 5.16 12.68
N GLU A 90 -3.00 5.87 12.90
CA GLU A 90 -3.76 5.76 14.14
C GLU A 90 -4.57 4.45 14.15
N LEU A 91 -4.84 3.91 12.96
CA LEU A 91 -5.59 2.66 12.82
C LEU A 91 -4.68 1.43 12.95
N ALA A 92 -3.42 1.56 12.52
CA ALA A 92 -2.46 0.46 12.59
C ALA A 92 -1.33 0.75 13.58
N PRO A 93 -0.71 -0.31 14.13
CA PRO A 93 0.40 -0.20 15.08
C PRO A 93 1.46 0.82 14.68
N ASP A 94 2.29 1.18 15.65
CA ASP A 94 3.37 2.16 15.47
C ASP A 94 4.41 1.70 14.43
N PHE A 95 4.47 0.40 14.15
CA PHE A 95 5.46 -0.10 13.18
C PHE A 95 4.83 -0.54 11.86
N VAL A 96 3.80 -1.40 11.92
CA VAL A 96 3.14 -1.88 10.71
C VAL A 96 2.47 -0.75 9.93
N GLY A 97 1.95 0.25 10.65
CA GLY A 97 1.29 1.38 10.01
C GLY A 97 2.15 2.04 8.95
N ASP A 98 3.46 2.16 9.23
CA ASP A 98 4.40 2.77 8.29
C ASP A 98 4.53 1.91 7.02
N ILE A 99 4.71 0.60 7.21
CA ILE A 99 4.86 -0.33 6.09
C ILE A 99 3.65 -0.28 5.16
N LEU A 100 2.46 -0.48 5.74
CA LEU A 100 1.22 -0.49 4.97
C LEU A 100 1.05 0.82 4.19
N TRP A 101 1.06 1.97 4.87
CA TRP A 101 0.89 3.25 4.19
C TRP A 101 2.02 3.50 3.18
N GLU A 102 3.20 2.93 3.41
CA GLU A 102 4.31 3.10 2.47
C GLU A 102 3.93 2.52 1.10
N HIS A 103 3.58 1.24 1.07
CA HIS A 103 3.17 0.57 -0.16
C HIS A 103 1.79 1.05 -0.61
N LEU A 104 0.92 1.33 0.38
CA LEU A 104 -0.43 1.81 0.11
C LEU A 104 -0.40 3.08 -0.72
N GLU A 105 0.41 4.05 -0.29
CA GLU A 105 0.54 5.33 -1.00
C GLU A 105 1.11 5.10 -2.40
N ILE A 106 2.05 4.14 -2.49
CA ILE A 106 2.67 3.80 -3.77
C ILE A 106 1.61 3.29 -4.75
N LEU A 107 0.74 2.39 -4.26
CA LEU A 107 -0.34 1.84 -5.08
C LEU A 107 -1.21 2.95 -5.68
N GLN A 108 -1.42 4.02 -4.91
CA GLN A 108 -2.22 5.15 -5.37
C GLN A 108 -1.57 5.84 -6.58
N LYS A 109 -0.25 5.99 -6.52
CA LYS A 109 0.51 6.64 -7.60
C LYS A 109 0.43 5.83 -8.90
N GLU A 110 0.39 4.49 -8.78
CA GLU A 110 0.31 3.62 -9.95
C GLU A 110 -0.81 4.05 -10.89
N ASP A 111 -2.00 4.28 -10.32
CA ASP A 111 -3.16 4.70 -11.11
C ASP A 111 -3.85 5.88 -10.43
N VAL A 112 -3.34 7.08 -10.68
CA VAL A 112 -3.90 8.30 -10.11
C VAL A 112 -5.37 8.48 -10.51
N LYS A 113 -6.27 8.06 -9.62
CA LYS A 113 -7.70 8.17 -9.88
C LYS A 113 -8.50 7.92 -8.59
N HIS A 3 1.20 13.36 -13.26
CA HIS A 3 2.44 12.91 -13.95
C HIS A 3 2.29 11.46 -14.44
N MET A 4 1.52 11.29 -15.52
CA MET A 4 1.27 9.96 -16.10
C MET A 4 0.50 9.06 -15.13
N GLU A 5 1.23 8.47 -14.17
CA GLU A 5 0.61 7.59 -13.18
C GLU A 5 0.16 8.38 -11.96
N CYS A 6 0.96 9.37 -11.55
CA CYS A 6 0.64 10.21 -10.40
C CYS A 6 -0.55 11.12 -10.72
N ALA A 7 -1.35 11.41 -9.69
CA ALA A 7 -2.52 12.28 -9.86
C ALA A 7 -2.12 13.76 -9.81
N ASP A 8 -1.36 14.19 -10.81
CA ASP A 8 -0.90 15.57 -10.91
C ASP A 8 -0.86 16.05 -12.36
N VAL A 9 -0.61 17.34 -12.55
CA VAL A 9 -0.54 17.92 -13.89
C VAL A 9 0.75 17.49 -14.60
N PRO A 10 0.63 16.81 -15.75
CA PRO A 10 1.79 16.34 -16.53
C PRO A 10 2.74 17.48 -16.91
N LEU A 11 3.89 17.54 -16.22
CA LEU A 11 4.89 18.56 -16.47
C LEU A 11 6.28 18.08 -16.04
N LEU A 12 6.39 17.69 -14.77
CA LEU A 12 7.65 17.20 -14.23
C LEU A 12 7.70 15.68 -14.26
N PRO A 14 10.67 13.62 -15.61
CA PRO A 14 12.00 13.33 -16.15
C PRO A 14 12.36 11.84 -16.03
N SER A 15 13.56 11.48 -16.49
CA SER A 15 14.02 10.10 -16.42
C SER A 15 13.95 9.57 -14.99
N LYS A 17 11.91 10.42 -12.59
CA LYS A 17 10.52 10.15 -12.24
C LYS A 17 10.04 8.85 -12.88
N GLU A 18 10.45 8.62 -14.12
CA GLU A 18 10.06 7.40 -14.85
C GLU A 18 10.72 6.15 -14.27
N MET A 19 12.00 6.26 -13.88
CA MET A 19 12.73 5.14 -13.30
C MET A 19 12.29 4.87 -11.87
N MET A 20 11.85 5.91 -11.17
CA MET A 20 11.40 5.80 -9.79
C MET A 20 10.23 4.80 -9.66
N SER A 21 9.31 4.83 -10.63
CA SER A 21 8.16 3.93 -10.59
C SER A 21 8.48 2.57 -11.22
N GLN A 22 9.44 2.54 -12.15
CA GLN A 22 9.85 1.30 -12.81
C GLN A 22 10.18 0.22 -11.79
N ALA A 23 11.05 0.56 -10.84
CA ALA A 23 11.46 -0.37 -9.79
C ALA A 23 10.29 -0.75 -8.88
N LEU A 24 9.39 0.20 -8.62
CA LEU A 24 8.23 -0.05 -7.76
C LEU A 24 7.35 -1.19 -8.31
N LYS A 25 7.21 -1.23 -9.64
CA LYS A 25 6.40 -2.26 -10.28
C LYS A 25 7.03 -3.65 -10.18
N ALA A 26 8.37 -3.71 -10.26
CA ALA A 26 9.09 -4.98 -10.20
C ALA A 26 9.40 -5.41 -8.76
N THR A 27 9.59 -4.44 -7.87
CA THR A 27 9.90 -4.73 -6.47
C THR A 27 8.72 -5.38 -5.74
N PHE A 28 7.50 -5.06 -6.18
CA PHE A 28 6.30 -5.61 -5.56
C PHE A 28 5.70 -6.72 -6.43
N SER A 29 6.53 -7.72 -6.74
CA SER A 29 6.10 -8.86 -7.56
C SER A 29 5.22 -9.81 -6.77
N GLY A 30 5.37 -9.82 -5.44
CA GLY A 30 4.57 -10.68 -4.59
C GLY A 30 3.16 -10.17 -4.40
N PHE A 31 2.96 -8.87 -4.66
CA PHE A 31 1.64 -8.25 -4.53
C PHE A 31 0.80 -8.54 -5.77
N THR A 32 1.38 -8.31 -6.95
CA THR A 32 0.69 -8.55 -8.21
C THR A 32 0.20 -9.99 -8.30
N LYS A 33 0.96 -10.92 -7.71
CA LYS A 33 0.58 -12.34 -7.70
C LYS A 33 -0.71 -12.54 -6.92
N GLU A 34 -0.91 -11.70 -5.90
CA GLU A 34 -2.10 -11.75 -5.06
C GLU A 34 -3.25 -11.03 -5.75
N GLN A 35 -2.95 -9.88 -6.36
CA GLN A 35 -3.94 -9.08 -7.07
C GLN A 35 -4.58 -9.86 -8.21
N GLN A 36 -3.83 -10.79 -8.80
CA GLN A 36 -4.34 -11.59 -9.92
C GLN A 36 -5.17 -12.79 -9.43
N ARG A 37 -5.09 -13.10 -8.13
CA ARG A 37 -5.84 -14.22 -7.56
C ARG A 37 -7.26 -13.78 -7.17
N LEU A 38 -7.38 -12.55 -6.67
CA LEU A 38 -8.67 -12.00 -6.23
C LEU A 38 -9.23 -10.98 -7.23
N GLY A 39 -8.34 -10.30 -7.96
CA GLY A 39 -8.78 -9.29 -8.91
C GLY A 39 -8.55 -7.87 -8.43
N ILE A 40 -7.89 -7.72 -7.28
CA ILE A 40 -7.60 -6.40 -6.72
C ILE A 40 -6.81 -5.54 -7.71
N PRO A 41 -7.31 -4.33 -8.03
CA PRO A 41 -6.64 -3.42 -8.96
C PRO A 41 -5.41 -2.75 -8.34
N LYS A 42 -4.62 -2.06 -9.17
CA LYS A 42 -3.41 -1.39 -8.69
C LYS A 42 -3.75 -0.09 -7.94
N ASP A 43 -4.77 0.62 -8.41
CA ASP A 43 -5.19 1.88 -7.77
C ASP A 43 -5.92 1.61 -6.45
N PRO A 44 -5.44 2.22 -5.35
CA PRO A 44 -6.04 2.05 -4.02
C PRO A 44 -7.35 2.81 -3.85
N ARG A 45 -7.49 3.96 -4.51
CA ARG A 45 -8.72 4.76 -4.41
C ARG A 45 -9.91 3.96 -4.98
N GLN A 46 -9.62 3.08 -5.94
CA GLN A 46 -10.65 2.25 -6.55
C GLN A 46 -10.69 0.85 -5.90
N TRP A 47 -10.57 0.83 -4.57
CA TRP A 47 -10.60 -0.41 -3.81
C TRP A 47 -11.84 -0.47 -2.93
N THR A 48 -12.11 -1.65 -2.35
CA THR A 48 -13.25 -1.80 -1.45
C THR A 48 -12.79 -2.43 -0.13
N GLU A 49 -13.73 -2.67 0.78
CA GLU A 49 -13.40 -3.27 2.07
C GLU A 49 -12.60 -4.56 1.91
N THR A 50 -12.97 -5.36 0.90
CA THR A 50 -12.29 -6.63 0.64
C THR A 50 -10.86 -6.41 0.17
N HIS A 51 -10.67 -5.53 -0.81
CA HIS A 51 -9.34 -5.23 -1.35
C HIS A 51 -8.43 -4.65 -0.26
N VAL A 52 -8.99 -3.74 0.54
CA VAL A 52 -8.25 -3.11 1.63
C VAL A 52 -7.77 -4.14 2.64
N ARG A 53 -8.71 -4.96 3.11
CA ARG A 53 -8.42 -6.00 4.11
C ARG A 53 -7.53 -7.10 3.52
N ASP A 54 -7.86 -7.59 2.33
CA ASP A 54 -7.07 -8.63 1.70
C ASP A 54 -5.62 -8.19 1.49
N TRP A 55 -5.44 -6.92 1.09
CA TRP A 55 -4.10 -6.38 0.87
C TRP A 55 -3.35 -6.37 2.22
N VAL A 56 -3.88 -5.59 3.17
CA VAL A 56 -3.30 -5.52 4.52
C VAL A 56 -2.89 -6.91 5.00
N MET A 57 -3.80 -7.87 4.88
CA MET A 57 -3.55 -9.26 5.28
C MET A 57 -2.30 -9.80 4.57
N TRP A 58 -2.27 -9.65 3.25
CA TRP A 58 -1.15 -10.12 2.43
C TRP A 58 0.18 -9.53 2.93
N ALA A 59 0.16 -8.25 3.31
CA ALA A 59 1.37 -7.57 3.80
C ALA A 59 1.74 -8.12 5.17
N VAL A 60 0.76 -8.18 6.06
CA VAL A 60 0.96 -8.69 7.42
C VAL A 60 1.61 -10.09 7.41
N ASN A 61 1.34 -10.87 6.34
CA ASN A 61 1.90 -12.21 6.21
C ASN A 61 3.32 -12.16 5.63
N GLU A 62 3.51 -11.39 4.57
CA GLU A 62 4.82 -11.26 3.93
C GLU A 62 5.83 -10.57 4.86
N PHE A 63 5.35 -9.65 5.69
CA PHE A 63 6.21 -8.91 6.62
C PHE A 63 6.04 -9.41 8.06
N SER A 64 5.22 -10.44 8.27
CA SER A 64 4.98 -10.97 9.61
C SER A 64 4.75 -9.84 10.61
N LEU A 65 3.72 -9.04 10.35
CA LEU A 65 3.40 -7.90 11.22
C LEU A 65 2.49 -8.31 12.37
N LYS A 66 2.57 -7.57 13.47
CA LYS A 66 1.77 -7.86 14.66
C LYS A 66 1.11 -6.60 15.23
N GLY A 67 0.00 -6.79 15.94
CA GLY A 67 -0.71 -5.66 16.53
C GLY A 67 -1.62 -4.93 15.55
N VAL A 68 -1.55 -5.29 14.25
CA VAL A 68 -2.37 -4.65 13.24
C VAL A 68 -3.82 -5.12 13.32
N ASP A 69 -4.75 -4.16 13.30
CA ASP A 69 -6.17 -4.48 13.39
C ASP A 69 -6.86 -4.32 12.03
N PHE A 70 -7.64 -5.33 11.66
CA PHE A 70 -8.38 -5.31 10.40
C PHE A 70 -9.73 -4.61 10.58
N GLN A 71 -10.25 -4.62 11.82
CA GLN A 71 -11.50 -3.94 12.12
C GLN A 71 -11.33 -2.44 11.87
N LYS A 72 -10.12 -1.94 12.12
CA LYS A 72 -9.78 -0.53 11.90
C LYS A 72 -9.80 -0.20 10.40
N PHE A 73 -9.40 -1.18 9.57
CA PHE A 73 -9.38 -1.00 8.12
C PHE A 73 -10.63 -1.60 7.46
N CYS A 74 -11.77 -1.54 8.17
CA CYS A 74 -13.02 -2.08 7.64
C CYS A 74 -13.72 -1.02 6.78
N MET A 75 -13.08 -0.66 5.66
CA MET A 75 -13.62 0.34 4.75
C MET A 75 -13.01 0.20 3.35
N SER A 76 -13.56 0.91 2.38
CA SER A 76 -13.08 0.87 1.00
C SER A 76 -11.78 1.65 0.85
N GLY A 77 -11.05 1.38 -0.23
CA GLY A 77 -9.79 2.06 -0.48
C GLY A 77 -9.95 3.57 -0.58
N ALA A 78 -11.04 4.02 -1.19
CA ALA A 78 -11.32 5.44 -1.34
C ALA A 78 -11.30 6.13 0.02
N ALA A 79 -11.85 5.45 1.04
CA ALA A 79 -11.89 5.98 2.39
C ALA A 79 -10.51 5.93 3.03
N LEU A 80 -9.83 4.79 2.86
CA LEU A 80 -8.49 4.59 3.41
C LEU A 80 -7.53 5.68 2.93
N CYS A 81 -7.55 5.97 1.62
CA CYS A 81 -6.68 6.99 1.04
C CYS A 81 -7.08 8.38 1.56
N ALA A 82 -8.40 8.61 1.68
CA ALA A 82 -8.92 9.89 2.17
C ALA A 82 -8.51 10.15 3.62
N LEU A 83 -8.31 9.06 4.38
CA LEU A 83 -7.92 9.16 5.79
C LEU A 83 -6.52 9.76 5.95
N GLY A 84 -5.63 9.50 4.99
CA GLY A 84 -4.29 10.00 5.05
C GLY A 84 -3.39 9.18 5.97
N LYS A 85 -2.11 9.51 6.01
CA LYS A 85 -1.14 8.80 6.85
C LYS A 85 -1.51 8.93 8.34
N GLU A 86 -1.89 10.14 8.76
CA GLU A 86 -2.28 10.39 10.15
C GLU A 86 -3.35 9.41 10.63
N CYS A 87 -4.52 9.46 10.01
CA CYS A 87 -5.62 8.58 10.38
C CYS A 87 -5.24 7.10 10.20
N PHE A 88 -4.50 6.80 9.13
CA PHE A 88 -4.07 5.42 8.85
C PHE A 88 -3.16 4.90 9.97
N LEU A 89 -2.20 5.73 10.39
CA LEU A 89 -1.27 5.36 11.46
C LEU A 89 -2.02 5.18 12.79
N GLU A 90 -3.16 5.86 12.92
CA GLU A 90 -3.99 5.76 14.12
C GLU A 90 -4.75 4.42 14.12
N LEU A 91 -4.92 3.83 12.93
CA LEU A 91 -5.63 2.55 12.79
C LEU A 91 -4.68 1.36 12.97
N ALA A 92 -3.44 1.51 12.51
CA ALA A 92 -2.45 0.44 12.61
C ALA A 92 -1.27 0.83 13.52
N PRO A 93 -0.65 -0.18 14.17
CA PRO A 93 0.50 0.03 15.06
C PRO A 93 1.54 1.02 14.54
N ASP A 94 2.38 1.48 15.46
CA ASP A 94 3.45 2.44 15.16
C ASP A 94 4.46 1.92 14.12
N PHE A 95 4.55 0.59 13.95
CA PHE A 95 5.51 0.03 13.00
C PHE A 95 4.83 -0.52 11.75
N VAL A 96 3.84 -1.39 11.95
CA VAL A 96 3.12 -2.00 10.82
C VAL A 96 2.41 -0.95 9.97
N GLY A 97 1.87 0.08 10.63
CA GLY A 97 1.18 1.15 9.92
C GLY A 97 2.06 1.82 8.88
N ASP A 98 3.35 1.96 9.20
CA ASP A 98 4.30 2.59 8.28
C ASP A 98 4.42 1.79 6.99
N ILE A 99 4.63 0.48 7.13
CA ILE A 99 4.77 -0.42 5.97
C ILE A 99 3.56 -0.35 5.06
N LEU A 100 2.38 -0.59 5.64
CA LEU A 100 1.13 -0.57 4.89
C LEU A 100 0.96 0.74 4.13
N TRP A 101 1.01 1.87 4.83
CA TRP A 101 0.87 3.18 4.18
C TRP A 101 2.02 3.43 3.19
N GLU A 102 3.19 2.85 3.44
CA GLU A 102 4.33 3.02 2.54
C GLU A 102 3.97 2.50 1.15
N HIS A 103 3.54 1.24 1.09
CA HIS A 103 3.14 0.61 -0.17
C HIS A 103 1.79 1.17 -0.64
N LEU A 104 0.91 1.46 0.32
CA LEU A 104 -0.41 2.02 0.01
C LEU A 104 -0.28 3.33 -0.73
N GLU A 105 0.65 4.18 -0.27
CA GLU A 105 0.89 5.48 -0.89
C GLU A 105 1.49 5.29 -2.28
N ILE A 106 2.31 4.24 -2.43
CA ILE A 106 2.94 3.92 -3.70
C ILE A 106 1.88 3.54 -4.75
N LEU A 107 0.84 2.84 -4.31
CA LEU A 107 -0.24 2.42 -5.20
C LEU A 107 -0.96 3.63 -5.80
N GLN A 108 -1.42 4.54 -4.93
CA GLN A 108 -2.12 5.75 -5.38
C GLN A 108 -1.26 6.61 -6.29
N LYS A 109 0.04 6.70 -5.98
CA LYS A 109 0.97 7.49 -6.78
C LYS A 109 1.28 6.82 -8.12
N GLU A 110 1.19 5.49 -8.16
CA GLU A 110 1.46 4.73 -9.38
C GLU A 110 0.16 4.35 -10.10
N ASP A 111 -0.91 5.12 -9.86
CA ASP A 111 -2.21 4.86 -10.47
C ASP A 111 -3.03 6.15 -10.56
N VAL A 112 -3.95 6.20 -11.51
CA VAL A 112 -4.82 7.36 -11.69
C VAL A 112 -6.28 7.04 -11.36
N LYS A 113 -7.10 8.08 -11.24
CA LYS A 113 -8.53 7.93 -10.93
C LYS A 113 -8.74 7.47 -9.48
N HIS A 3 31.33 10.41 -21.92
CA HIS A 3 29.88 10.11 -21.82
C HIS A 3 29.15 11.20 -21.04
N MET A 4 28.33 11.98 -21.74
CA MET A 4 27.56 13.07 -21.11
C MET A 4 28.48 14.06 -20.41
N GLU A 5 28.90 15.10 -21.13
CA GLU A 5 29.79 16.12 -20.57
C GLU A 5 29.00 17.38 -20.21
N CYS A 6 28.28 17.32 -19.09
CA CYS A 6 27.48 18.45 -18.61
C CYS A 6 27.61 18.61 -17.11
N ALA A 7 27.18 17.58 -16.36
CA ALA A 7 27.25 17.60 -14.90
C ALA A 7 28.07 16.41 -14.39
N ASP A 8 27.66 15.20 -14.79
CA ASP A 8 28.35 13.98 -14.39
C ASP A 8 28.71 13.15 -15.61
N VAL A 9 29.87 12.49 -15.57
CA VAL A 9 30.32 11.64 -16.66
C VAL A 9 30.19 10.16 -16.30
N PRO A 10 29.04 9.55 -16.61
CA PRO A 10 28.78 8.13 -16.32
C PRO A 10 29.84 7.20 -16.89
N LEU A 11 30.57 6.53 -16.01
CA LEU A 11 31.62 5.60 -16.41
C LEU A 11 31.72 4.43 -15.44
N LEU A 12 31.88 4.74 -14.15
CA LEU A 12 31.99 3.71 -13.11
C LEU A 12 31.30 4.18 -11.82
N PRO A 14 27.53 3.02 -9.49
CA PRO A 14 26.26 2.27 -9.34
C PRO A 14 25.04 3.19 -9.45
N SER A 15 23.99 2.68 -10.10
CA SER A 15 22.76 3.44 -10.28
C SER A 15 21.87 3.36 -9.04
N LYS A 17 19.31 4.96 -8.42
CA LYS A 17 17.90 5.00 -8.84
C LYS A 17 17.38 3.59 -9.06
N GLU A 18 18.20 2.72 -9.66
CA GLU A 18 17.81 1.33 -9.91
C GLU A 18 17.75 0.55 -8.61
N MET A 19 18.69 0.81 -7.71
CA MET A 19 18.74 0.15 -6.42
C MET A 19 17.55 0.55 -5.55
N MET A 20 17.16 1.82 -5.63
CA MET A 20 16.03 2.33 -4.87
C MET A 20 14.73 1.64 -5.26
N SER A 21 14.53 1.45 -6.57
CA SER A 21 13.32 0.79 -7.08
C SER A 21 13.42 -0.73 -6.91
N GLN A 22 14.64 -1.25 -6.89
CA GLN A 22 14.89 -2.70 -6.73
C GLN A 22 14.08 -3.27 -5.57
N ALA A 23 14.19 -2.65 -4.40
CA ALA A 23 13.47 -3.09 -3.21
C ALA A 23 11.96 -3.01 -3.41
N LEU A 24 11.50 -1.87 -3.94
CA LEU A 24 10.07 -1.67 -4.19
C LEU A 24 9.51 -2.71 -5.14
N LYS A 25 10.25 -2.98 -6.23
CA LYS A 25 9.84 -3.97 -7.23
C LYS A 25 9.81 -5.37 -6.63
N ALA A 26 10.73 -5.66 -5.70
CA ALA A 26 10.81 -6.96 -5.04
C ALA A 26 9.47 -7.31 -4.39
N THR A 27 8.82 -6.30 -3.80
CA THR A 27 7.53 -6.48 -3.15
C THR A 27 6.40 -6.54 -4.17
N PHE A 28 6.43 -5.62 -5.15
CA PHE A 28 5.42 -5.56 -6.21
C PHE A 28 5.14 -6.94 -6.81
N SER A 29 6.21 -7.69 -7.11
CA SER A 29 6.06 -9.03 -7.69
C SER A 29 5.26 -9.96 -6.76
N GLY A 30 5.50 -9.84 -5.45
CA GLY A 30 4.78 -10.65 -4.48
C GLY A 30 3.35 -10.20 -4.26
N PHE A 31 3.00 -9.03 -4.82
CA PHE A 31 1.66 -8.47 -4.70
C PHE A 31 0.82 -8.78 -5.94
N THR A 32 1.41 -8.54 -7.12
CA THR A 32 0.73 -8.80 -8.39
C THR A 32 0.26 -10.25 -8.48
N LYS A 33 1.01 -11.17 -7.88
CA LYS A 33 0.64 -12.59 -7.87
C LYS A 33 -0.72 -12.77 -7.20
N GLU A 34 -1.00 -11.93 -6.21
CA GLU A 34 -2.27 -11.96 -5.49
C GLU A 34 -3.33 -11.22 -6.28
N GLN A 35 -2.94 -10.08 -6.87
CA GLN A 35 -3.84 -9.25 -7.66
C GLN A 35 -4.42 -10.04 -8.84
N GLN A 36 -3.65 -11.00 -9.35
CA GLN A 36 -4.11 -11.83 -10.47
C GLN A 36 -4.95 -13.01 -9.98
N ARG A 37 -4.54 -13.60 -8.85
CA ARG A 37 -5.26 -14.73 -8.27
C ARG A 37 -6.65 -14.32 -7.77
N LEU A 38 -6.72 -13.14 -7.15
CA LEU A 38 -7.98 -12.62 -6.61
C LEU A 38 -8.67 -11.66 -7.58
N GLY A 39 -7.88 -10.94 -8.38
CA GLY A 39 -8.45 -9.97 -9.31
C GLY A 39 -8.35 -8.54 -8.81
N ILE A 40 -7.83 -8.36 -7.60
CA ILE A 40 -7.68 -7.03 -6.99
C ILE A 40 -6.91 -6.09 -7.91
N PRO A 41 -7.46 -4.89 -8.17
CA PRO A 41 -6.82 -3.89 -9.03
C PRO A 41 -5.67 -3.17 -8.34
N LYS A 42 -4.85 -2.46 -9.10
CA LYS A 42 -3.72 -1.73 -8.54
C LYS A 42 -4.09 -0.26 -8.32
N ASP A 43 -5.21 -0.03 -7.61
CA ASP A 43 -5.68 1.32 -7.33
C ASP A 43 -6.32 1.40 -5.95
N PRO A 44 -5.57 1.88 -4.95
CA PRO A 44 -6.07 2.03 -3.56
C PRO A 44 -7.29 2.92 -3.48
N ARG A 45 -7.31 4.00 -4.27
CA ARG A 45 -8.46 4.91 -4.28
C ARG A 45 -9.69 4.20 -4.86
N GLN A 46 -9.45 3.33 -5.84
CA GLN A 46 -10.52 2.56 -6.48
C GLN A 46 -10.61 1.14 -5.87
N TRP A 47 -10.51 1.07 -4.54
CA TRP A 47 -10.59 -0.19 -3.81
C TRP A 47 -11.83 -0.22 -2.93
N THR A 48 -12.09 -1.36 -2.29
CA THR A 48 -13.22 -1.48 -1.39
C THR A 48 -12.79 -2.16 -0.08
N GLU A 49 -13.74 -2.36 0.84
CA GLU A 49 -13.43 -2.98 2.14
C GLU A 49 -12.67 -4.29 1.98
N THR A 50 -13.10 -5.13 1.04
CA THR A 50 -12.43 -6.42 0.80
C THR A 50 -10.99 -6.23 0.33
N HIS A 51 -10.79 -5.37 -0.67
CA HIS A 51 -9.46 -5.09 -1.20
C HIS A 51 -8.54 -4.49 -0.14
N VAL A 52 -9.09 -3.56 0.65
CA VAL A 52 -8.34 -2.91 1.71
C VAL A 52 -7.83 -3.91 2.74
N ARG A 53 -8.74 -4.76 3.22
CA ARG A 53 -8.41 -5.77 4.22
C ARG A 53 -7.55 -6.89 3.63
N ASP A 54 -7.88 -7.33 2.41
CA ASP A 54 -7.11 -8.39 1.78
C ASP A 54 -5.66 -7.94 1.56
N TRP A 55 -5.48 -6.65 1.24
CA TRP A 55 -4.15 -6.10 1.01
C TRP A 55 -3.38 -6.06 2.33
N VAL A 56 -3.85 -5.23 3.27
CA VAL A 56 -3.23 -5.13 4.60
C VAL A 56 -2.85 -6.50 5.14
N MET A 57 -3.79 -7.45 5.04
CA MET A 57 -3.56 -8.82 5.52
C MET A 57 -2.40 -9.45 4.75
N TRP A 58 -2.44 -9.33 3.43
CA TRP A 58 -1.40 -9.86 2.55
C TRP A 58 -0.02 -9.32 2.96
N ALA A 59 0.03 -8.04 3.35
CA ALA A 59 1.29 -7.42 3.78
C ALA A 59 1.76 -8.05 5.09
N VAL A 60 0.84 -8.12 6.06
CA VAL A 60 1.12 -8.73 7.35
C VAL A 60 1.77 -10.11 7.19
N ASN A 61 1.37 -10.84 6.15
CA ASN A 61 1.91 -12.17 5.88
C ASN A 61 3.28 -12.09 5.21
N GLU A 62 3.42 -11.17 4.25
CA GLU A 62 4.68 -10.98 3.51
C GLU A 62 5.77 -10.41 4.42
N PHE A 63 5.39 -9.53 5.34
CA PHE A 63 6.34 -8.91 6.27
C PHE A 63 6.23 -9.48 7.69
N SER A 64 5.41 -10.53 7.86
CA SER A 64 5.22 -11.14 9.18
C SER A 64 5.03 -10.07 10.27
N LEU A 65 4.07 -9.17 10.03
CA LEU A 65 3.81 -8.08 10.97
C LEU A 65 2.95 -8.55 12.15
N LYS A 66 2.87 -7.72 13.19
CA LYS A 66 2.09 -8.04 14.38
C LYS A 66 1.48 -6.79 15.01
N GLY A 67 0.42 -6.99 15.79
CA GLY A 67 -0.25 -5.88 16.46
C GLY A 67 -1.23 -5.12 15.56
N VAL A 68 -1.28 -5.49 14.27
CA VAL A 68 -2.18 -4.83 13.33
C VAL A 68 -3.59 -5.41 13.41
N ASP A 69 -4.59 -4.52 13.27
CA ASP A 69 -5.99 -4.94 13.33
C ASP A 69 -6.69 -4.69 11.99
N PHE A 70 -7.58 -5.62 11.63
CA PHE A 70 -8.33 -5.52 10.38
C PHE A 70 -9.65 -4.76 10.59
N GLN A 71 -10.14 -4.77 11.84
CA GLN A 71 -11.37 -4.05 12.18
C GLN A 71 -11.20 -2.56 11.89
N LYS A 72 -9.99 -2.06 12.14
CA LYS A 72 -9.64 -0.66 11.90
C LYS A 72 -9.66 -0.34 10.41
N PHE A 73 -9.24 -1.30 9.58
CA PHE A 73 -9.21 -1.11 8.14
C PHE A 73 -10.47 -1.67 7.46
N CYS A 74 -11.60 -1.60 8.16
CA CYS A 74 -12.86 -2.08 7.62
C CYS A 74 -13.58 -0.96 6.87
N MET A 75 -13.01 -0.54 5.75
CA MET A 75 -13.57 0.53 4.94
C MET A 75 -13.10 0.44 3.50
N SER A 76 -13.76 1.19 2.61
CA SER A 76 -13.42 1.20 1.19
C SER A 76 -12.07 1.89 0.96
N GLY A 77 -11.43 1.56 -0.16
CA GLY A 77 -10.14 2.15 -0.51
C GLY A 77 -10.17 3.66 -0.51
N ALA A 78 -11.19 4.23 -1.15
CA ALA A 78 -11.35 5.69 -1.22
C ALA A 78 -11.32 6.31 0.17
N ALA A 79 -11.91 5.62 1.14
CA ALA A 79 -11.95 6.08 2.52
C ALA A 79 -10.56 6.04 3.15
N LEU A 80 -9.88 4.89 2.99
CA LEU A 80 -8.54 4.70 3.52
C LEU A 80 -7.57 5.77 3.01
N CYS A 81 -7.61 6.02 1.69
CA CYS A 81 -6.74 7.03 1.07
C CYS A 81 -7.07 8.43 1.61
N ALA A 82 -8.37 8.69 1.80
CA ALA A 82 -8.82 9.98 2.31
C ALA A 82 -8.35 10.22 3.75
N LEU A 83 -8.26 9.12 4.52
CA LEU A 83 -7.82 9.19 5.93
C LEU A 83 -6.41 9.79 6.05
N GLY A 84 -5.55 9.49 5.09
CA GLY A 84 -4.18 10.00 5.13
C GLY A 84 -3.29 9.20 6.07
N LYS A 85 -2.01 9.55 6.11
CA LYS A 85 -1.04 8.87 6.98
C LYS A 85 -1.44 8.97 8.45
N GLU A 86 -1.80 10.18 8.90
CA GLU A 86 -2.21 10.41 10.28
C GLU A 86 -3.29 9.42 10.72
N CYS A 87 -4.47 9.53 10.12
CA CYS A 87 -5.59 8.65 10.47
C CYS A 87 -5.22 7.18 10.26
N PHE A 88 -4.45 6.89 9.22
CA PHE A 88 -4.03 5.53 8.92
C PHE A 88 -3.18 4.97 10.06
N LEU A 89 -2.25 5.80 10.57
CA LEU A 89 -1.38 5.39 11.67
C LEU A 89 -2.19 5.16 12.94
N GLU A 90 -3.36 5.81 13.04
CA GLU A 90 -4.24 5.63 14.19
C GLU A 90 -4.94 4.27 14.12
N LEU A 91 -5.04 3.71 12.91
CA LEU A 91 -5.69 2.42 12.68
C LEU A 91 -4.72 1.26 12.93
N ALA A 92 -3.47 1.41 12.50
CA ALA A 92 -2.46 0.37 12.67
C ALA A 92 -1.46 0.75 13.76
N PRO A 93 -0.77 -0.25 14.35
CA PRO A 93 0.21 -0.02 15.42
C PRO A 93 1.33 0.93 15.00
N ASP A 94 2.19 1.27 15.96
CA ASP A 94 3.31 2.18 15.74
C ASP A 94 4.34 1.66 14.73
N PHE A 95 4.29 0.38 14.39
CA PHE A 95 5.28 -0.16 13.46
C PHE A 95 4.69 -0.47 12.07
N VAL A 96 3.68 -1.36 12.03
CA VAL A 96 3.05 -1.74 10.76
C VAL A 96 2.46 -0.54 10.01
N GLY A 97 2.00 0.46 10.76
CA GLY A 97 1.42 1.65 10.15
C GLY A 97 2.32 2.29 9.11
N ASP A 98 3.63 2.20 9.32
CA ASP A 98 4.61 2.76 8.40
C ASP A 98 4.70 1.95 7.10
N ILE A 99 4.78 0.63 7.23
CA ILE A 99 4.88 -0.26 6.08
C ILE A 99 3.64 -0.17 5.19
N LEU A 100 2.48 -0.46 5.78
CA LEU A 100 1.21 -0.43 5.07
C LEU A 100 1.01 0.89 4.31
N TRP A 101 1.01 2.01 5.01
CA TRP A 101 0.83 3.31 4.37
C TRP A 101 1.94 3.58 3.34
N GLU A 102 3.15 3.08 3.59
CA GLU A 102 4.26 3.28 2.65
C GLU A 102 3.88 2.70 1.28
N HIS A 103 3.55 1.40 1.27
CA HIS A 103 3.16 0.71 0.04
C HIS A 103 1.78 1.19 -0.43
N LEU A 104 0.94 1.59 0.53
CA LEU A 104 -0.41 2.08 0.22
C LEU A 104 -0.34 3.28 -0.72
N GLU A 105 0.50 4.26 -0.38
CA GLU A 105 0.64 5.46 -1.21
C GLU A 105 1.30 5.10 -2.54
N ILE A 106 2.22 4.14 -2.50
CA ILE A 106 2.93 3.67 -3.69
C ILE A 106 1.94 3.06 -4.70
N LEU A 107 0.94 2.35 -4.18
CA LEU A 107 -0.08 1.74 -5.01
C LEU A 107 -0.94 2.81 -5.68
N GLN A 108 -1.20 3.90 -4.95
CA GLN A 108 -1.99 5.02 -5.46
C GLN A 108 -1.36 5.64 -6.70
N LYS A 109 -0.09 6.06 -6.57
CA LYS A 109 0.63 6.66 -7.68
C LYS A 109 0.65 5.74 -8.90
N GLU A 110 0.76 4.43 -8.64
CA GLU A 110 0.77 3.43 -9.70
C GLU A 110 -0.66 3.02 -10.06
N ASP A 111 -1.37 3.92 -10.77
CA ASP A 111 -2.75 3.66 -11.16
C ASP A 111 -2.83 2.67 -12.31
N VAL A 112 -3.10 1.40 -11.97
CA VAL A 112 -3.20 0.34 -12.97
C VAL A 112 -4.43 -0.52 -12.69
N LYS A 113 -5.51 -0.28 -13.43
CA LYS A 113 -6.75 -1.03 -13.27
C LYS A 113 -6.54 -2.52 -13.59
N HIS A 3 10.07 17.14 -14.80
CA HIS A 3 11.09 17.84 -13.98
C HIS A 3 10.64 19.26 -13.67
N MET A 4 10.80 19.66 -12.40
CA MET A 4 10.42 20.99 -11.94
C MET A 4 8.93 21.24 -12.13
N GLU A 5 8.12 20.65 -11.24
CA GLU A 5 6.67 20.81 -11.28
C GLU A 5 6.27 22.24 -10.92
N CYS A 6 5.62 22.92 -11.87
CA CYS A 6 5.18 24.29 -11.66
C CYS A 6 3.71 24.33 -11.23
N ALA A 7 3.45 23.83 -10.02
CA ALA A 7 2.08 23.79 -9.47
C ALA A 7 2.10 23.79 -7.95
N ASP A 8 2.81 22.82 -7.36
CA ASP A 8 2.90 22.70 -5.91
C ASP A 8 4.36 22.71 -5.44
N VAL A 9 5.10 21.67 -5.83
CA VAL A 9 6.50 21.54 -5.46
C VAL A 9 7.30 20.82 -6.55
N PRO A 10 8.51 21.34 -6.87
CA PRO A 10 9.37 20.74 -7.90
C PRO A 10 9.74 19.28 -7.59
N LEU A 11 9.75 18.45 -8.63
CA LEU A 11 10.08 17.03 -8.47
C LEU A 11 10.99 16.56 -9.60
N LEU A 12 12.27 16.38 -9.28
CA LEU A 12 13.25 15.93 -10.26
C LEU A 12 13.53 14.44 -10.09
N PRO A 14 16.03 12.18 -12.22
CA PRO A 14 17.03 11.83 -13.23
C PRO A 14 17.22 10.32 -13.36
N SER A 15 18.11 9.90 -14.26
CA SER A 15 18.39 8.48 -14.49
C SER A 15 18.67 7.75 -13.17
N LYS A 17 17.87 8.64 -10.06
CA LYS A 17 16.69 8.61 -9.21
C LYS A 17 15.64 7.64 -9.76
N GLU A 18 15.59 7.49 -11.08
CA GLU A 18 14.64 6.58 -11.73
C GLU A 18 14.87 5.13 -11.29
N MET A 19 16.12 4.80 -10.94
CA MET A 19 16.46 3.45 -10.50
C MET A 19 15.79 3.12 -9.16
N MET A 20 15.57 4.15 -8.34
CA MET A 20 14.93 3.99 -7.03
C MET A 20 13.54 3.35 -7.19
N SER A 21 12.77 3.84 -8.15
CA SER A 21 11.43 3.32 -8.40
C SER A 21 11.50 1.87 -8.90
N GLN A 22 12.48 1.60 -9.77
CA GLN A 22 12.69 0.26 -10.32
C GLN A 22 12.79 -0.77 -9.21
N ALA A 23 13.67 -0.53 -8.25
CA ALA A 23 13.87 -1.43 -7.11
C ALA A 23 12.62 -1.51 -6.24
N LEU A 24 12.08 -0.34 -5.88
CA LEU A 24 10.88 -0.25 -5.04
C LEU A 24 9.70 -1.02 -5.64
N LYS A 25 9.46 -0.80 -6.93
CA LYS A 25 8.36 -1.45 -7.64
C LYS A 25 8.54 -2.97 -7.70
N ALA A 26 9.77 -3.43 -7.92
CA ALA A 26 10.05 -4.86 -8.00
C ALA A 26 9.96 -5.53 -6.64
N THR A 27 10.25 -4.79 -5.57
CA THR A 27 10.20 -5.32 -4.21
C THR A 27 8.79 -5.82 -3.85
N PHE A 28 7.76 -5.22 -4.46
CA PHE A 28 6.38 -5.61 -4.18
C PHE A 28 5.84 -6.58 -5.23
N SER A 29 6.71 -7.50 -5.70
CA SER A 29 6.32 -8.49 -6.70
C SER A 29 5.37 -9.54 -6.10
N GLY A 30 5.43 -9.72 -4.77
CA GLY A 30 4.57 -10.68 -4.11
C GLY A 30 3.14 -10.19 -3.94
N PHE A 31 2.86 -8.96 -4.40
CA PHE A 31 1.53 -8.38 -4.29
C PHE A 31 0.78 -8.52 -5.61
N THR A 32 1.45 -8.16 -6.71
CA THR A 32 0.86 -8.25 -8.04
C THR A 32 0.37 -9.67 -8.36
N LYS A 33 1.12 -10.68 -7.90
CA LYS A 33 0.74 -12.07 -8.12
C LYS A 33 -0.58 -12.37 -7.41
N GLU A 34 -0.77 -11.77 -6.24
CA GLU A 34 -1.99 -11.94 -5.46
C GLU A 34 -3.14 -11.17 -6.09
N GLN A 35 -2.84 -9.95 -6.56
CA GLN A 35 -3.85 -9.10 -7.20
C GLN A 35 -4.46 -9.78 -8.42
N GLN A 36 -3.69 -10.66 -9.06
CA GLN A 36 -4.18 -11.37 -10.25
C GLN A 36 -5.00 -12.60 -9.85
N ARG A 37 -4.56 -13.32 -8.82
CA ARG A 37 -5.26 -14.51 -8.35
C ARG A 37 -6.63 -14.14 -7.76
N LEU A 38 -6.67 -13.05 -6.99
CA LEU A 38 -7.90 -12.59 -6.35
C LEU A 38 -8.68 -11.63 -7.26
N GLY A 39 -7.97 -10.86 -8.09
CA GLY A 39 -8.62 -9.91 -8.97
C GLY A 39 -8.49 -8.48 -8.47
N ILE A 40 -7.94 -8.31 -7.26
CA ILE A 40 -7.75 -6.97 -6.67
C ILE A 40 -7.04 -6.04 -7.65
N PRO A 41 -7.67 -4.88 -7.95
CA PRO A 41 -7.10 -3.89 -8.88
C PRO A 41 -5.90 -3.14 -8.29
N LYS A 42 -5.22 -2.37 -9.13
CA LYS A 42 -4.06 -1.59 -8.68
C LYS A 42 -4.46 -0.13 -8.44
N ASP A 43 -5.57 0.08 -7.74
CA ASP A 43 -6.05 1.44 -7.45
C ASP A 43 -6.61 1.53 -6.03
N PRO A 44 -5.82 2.11 -5.10
CA PRO A 44 -6.23 2.27 -3.70
C PRO A 44 -7.51 3.10 -3.55
N ARG A 45 -7.73 4.05 -4.47
CA ARG A 45 -8.93 4.89 -4.44
C ARG A 45 -10.13 4.09 -4.95
N GLN A 46 -9.88 3.23 -5.94
CA GLN A 46 -10.94 2.38 -6.50
C GLN A 46 -10.93 0.99 -5.85
N TRP A 47 -10.68 0.97 -4.54
CA TRP A 47 -10.65 -0.28 -3.78
C TRP A 47 -11.87 -0.38 -2.87
N THR A 48 -12.08 -1.54 -2.25
CA THR A 48 -13.20 -1.72 -1.34
C THR A 48 -12.74 -2.40 -0.05
N GLU A 49 -13.66 -2.64 0.88
CA GLU A 49 -13.33 -3.29 2.16
C GLU A 49 -12.56 -4.59 1.94
N THR A 50 -12.96 -5.36 0.94
CA THR A 50 -12.31 -6.62 0.63
C THR A 50 -10.87 -6.41 0.19
N HIS A 51 -10.67 -5.51 -0.78
CA HIS A 51 -9.33 -5.21 -1.30
C HIS A 51 -8.44 -4.61 -0.20
N VAL A 52 -9.03 -3.71 0.60
CA VAL A 52 -8.32 -3.06 1.70
C VAL A 52 -7.87 -4.08 2.75
N ARG A 53 -8.84 -4.86 3.24
CA ARG A 53 -8.60 -5.88 4.25
C ARG A 53 -7.67 -6.98 3.73
N ASP A 54 -7.97 -7.51 2.54
CA ASP A 54 -7.13 -8.55 1.95
C ASP A 54 -5.68 -8.08 1.81
N TRP A 55 -5.50 -6.83 1.39
CA TRP A 55 -4.17 -6.28 1.24
C TRP A 55 -3.47 -6.22 2.60
N VAL A 56 -4.05 -5.46 3.53
CA VAL A 56 -3.52 -5.35 4.90
C VAL A 56 -3.09 -6.73 5.41
N MET A 57 -4.01 -7.70 5.38
CA MET A 57 -3.73 -9.06 5.82
C MET A 57 -2.55 -9.66 5.04
N TRP A 58 -2.58 -9.47 3.72
CA TRP A 58 -1.52 -9.97 2.84
C TRP A 58 -0.15 -9.40 3.27
N ALA A 59 -0.13 -8.16 3.74
CA ALA A 59 1.10 -7.51 4.19
C ALA A 59 1.57 -8.08 5.53
N VAL A 60 0.65 -8.72 6.26
CA VAL A 60 0.97 -9.31 7.55
C VAL A 60 1.63 -10.68 7.38
N ASN A 61 1.22 -11.42 6.33
CA ASN A 61 1.77 -12.74 6.06
C ASN A 61 3.06 -12.67 5.25
N GLU A 62 3.11 -11.75 4.27
CA GLU A 62 4.29 -11.58 3.43
C GLU A 62 5.44 -10.93 4.20
N PHE A 63 5.12 -9.96 5.05
CA PHE A 63 6.13 -9.26 5.83
C PHE A 63 6.16 -9.75 7.29
N SER A 64 5.43 -10.84 7.59
CA SER A 64 5.36 -11.40 8.94
C SER A 64 5.17 -10.29 9.98
N LEU A 65 4.16 -9.46 9.77
CA LEU A 65 3.87 -8.35 10.67
C LEU A 65 2.98 -8.79 11.82
N LYS A 66 2.71 -7.87 12.75
CA LYS A 66 1.88 -8.17 13.91
C LYS A 66 1.38 -6.90 14.60
N GLY A 67 0.23 -7.00 15.26
CA GLY A 67 -0.35 -5.86 15.96
C GLY A 67 -1.34 -5.07 15.12
N VAL A 68 -1.35 -5.29 13.80
CA VAL A 68 -2.26 -4.56 12.92
C VAL A 68 -3.68 -5.10 13.04
N ASP A 69 -4.63 -4.20 13.22
CA ASP A 69 -6.04 -4.56 13.38
C ASP A 69 -6.80 -4.40 12.06
N PHE A 70 -7.61 -5.41 11.73
CA PHE A 70 -8.40 -5.39 10.51
C PHE A 70 -9.73 -4.67 10.75
N GLN A 71 -10.21 -4.70 12.00
CA GLN A 71 -11.46 -4.01 12.36
C GLN A 71 -11.32 -2.51 12.08
N LYS A 72 -10.13 -1.98 12.35
CA LYS A 72 -9.82 -0.57 12.12
C LYS A 72 -9.83 -0.23 10.63
N PHE A 73 -9.50 -1.21 9.78
CA PHE A 73 -9.47 -1.00 8.34
C PHE A 73 -10.72 -1.58 7.65
N CYS A 74 -11.85 -1.55 8.35
CA CYS A 74 -13.10 -2.06 7.78
C CYS A 74 -13.80 -0.98 6.95
N MET A 75 -13.15 -0.57 5.86
CA MET A 75 -13.68 0.46 4.98
C MET A 75 -13.15 0.28 3.56
N SER A 76 -13.78 0.97 2.60
CA SER A 76 -13.39 0.88 1.20
C SER A 76 -12.10 1.67 0.95
N GLY A 77 -11.47 1.41 -0.19
CA GLY A 77 -10.24 2.08 -0.56
C GLY A 77 -10.39 3.59 -0.61
N ALA A 78 -11.50 4.06 -1.19
CA ALA A 78 -11.77 5.50 -1.28
C ALA A 78 -11.66 6.16 0.08
N ALA A 79 -12.14 5.45 1.12
CA ALA A 79 -12.08 5.96 2.48
C ALA A 79 -10.66 5.89 3.03
N LEU A 80 -9.99 4.76 2.78
CA LEU A 80 -8.62 4.56 3.23
C LEU A 80 -7.70 5.67 2.74
N CYS A 81 -7.80 6.00 1.44
CA CYS A 81 -6.98 7.06 0.86
C CYS A 81 -7.36 8.42 1.45
N ALA A 82 -8.65 8.63 1.67
CA ALA A 82 -9.16 9.87 2.26
C ALA A 82 -8.68 10.06 3.70
N LEU A 83 -8.29 8.97 4.36
CA LEU A 83 -7.81 9.01 5.74
C LEU A 83 -6.44 9.66 5.84
N GLY A 84 -5.59 9.43 4.84
CA GLY A 84 -4.25 9.99 4.85
C GLY A 84 -3.32 9.23 5.78
N LYS A 85 -2.06 9.67 5.86
CA LYS A 85 -1.06 9.04 6.72
C LYS A 85 -1.48 9.10 8.19
N GLU A 86 -1.88 10.29 8.64
CA GLU A 86 -2.31 10.49 10.03
C GLU A 86 -3.34 9.46 10.47
N CYS A 87 -4.52 9.48 9.86
CA CYS A 87 -5.60 8.56 10.21
C CYS A 87 -5.20 7.10 9.99
N PHE A 88 -4.51 6.81 8.88
CA PHE A 88 -4.10 5.44 8.58
C PHE A 88 -3.14 4.91 9.65
N LEU A 89 -2.15 5.73 10.02
CA LEU A 89 -1.18 5.35 11.05
C LEU A 89 -1.88 5.12 12.39
N GLU A 90 -2.97 5.86 12.63
CA GLU A 90 -3.75 5.72 13.86
C GLU A 90 -4.47 4.37 13.88
N LEU A 91 -4.75 3.82 12.69
CA LEU A 91 -5.44 2.54 12.56
C LEU A 91 -4.44 1.37 12.60
N ALA A 92 -3.22 1.61 12.10
CA ALA A 92 -2.18 0.58 12.08
C ALA A 92 -1.21 0.75 13.24
N PRO A 93 -0.38 -0.30 13.49
CA PRO A 93 0.62 -0.29 14.57
C PRO A 93 1.73 0.74 14.36
N ASP A 94 2.57 0.88 15.38
CA ASP A 94 3.71 1.81 15.33
C ASP A 94 4.73 1.44 14.25
N PHE A 95 4.81 0.14 13.92
CA PHE A 95 5.76 -0.31 12.90
C PHE A 95 5.06 -0.71 11.61
N VAL A 96 4.07 -1.61 11.73
CA VAL A 96 3.30 -2.08 10.58
C VAL A 96 2.64 -0.93 9.82
N GLY A 97 2.13 0.05 10.56
CA GLY A 97 1.48 1.20 9.95
C GLY A 97 2.32 1.86 8.87
N ASP A 98 3.62 2.02 9.14
CA ASP A 98 4.54 2.63 8.18
C ASP A 98 4.65 1.79 6.91
N ILE A 99 4.81 0.48 7.08
CA ILE A 99 4.94 -0.45 5.96
C ILE A 99 3.72 -0.37 5.03
N LEU A 100 2.53 -0.47 5.62
CA LEU A 100 1.28 -0.44 4.87
C LEU A 100 1.07 0.89 4.15
N TRP A 101 1.04 2.00 4.89
CA TRP A 101 0.83 3.32 4.28
C TRP A 101 1.93 3.66 3.28
N GLU A 102 3.15 3.18 3.50
CA GLU A 102 4.24 3.46 2.57
C GLU A 102 3.93 2.84 1.20
N HIS A 103 3.61 1.55 1.20
CA HIS A 103 3.27 0.84 -0.04
C HIS A 103 1.89 1.28 -0.54
N LEU A 104 1.01 1.65 0.39
CA LEU A 104 -0.34 2.10 0.06
C LEU A 104 -0.29 3.37 -0.79
N GLU A 105 0.54 4.34 -0.37
CA GLU A 105 0.69 5.58 -1.10
C GLU A 105 1.35 5.34 -2.45
N ILE A 106 2.25 4.35 -2.50
CA ILE A 106 2.94 3.98 -3.74
C ILE A 106 1.93 3.55 -4.80
N LEU A 107 0.94 2.75 -4.38
CA LEU A 107 -0.10 2.28 -5.29
C LEU A 107 -0.91 3.45 -5.84
N GLN A 108 -1.15 4.45 -4.99
CA GLN A 108 -1.90 5.65 -5.36
C GLN A 108 -1.14 6.47 -6.40
N LYS A 109 0.13 6.72 -6.12
CA LYS A 109 0.98 7.50 -7.02
C LYS A 109 1.23 6.75 -8.33
N GLU A 110 1.58 5.47 -8.22
CA GLU A 110 1.83 4.63 -9.39
C GLU A 110 0.59 4.57 -10.28
N ASP A 111 -0.58 4.48 -9.66
CA ASP A 111 -1.84 4.41 -10.39
C ASP A 111 -2.80 5.49 -9.88
N VAL A 112 -2.57 6.73 -10.31
CA VAL A 112 -3.41 7.86 -9.91
C VAL A 112 -4.78 7.81 -10.58
N LYS A 113 -5.67 6.98 -10.04
CA LYS A 113 -7.01 6.82 -10.58
C LYS A 113 -8.04 6.66 -9.46
N HIS A 3 18.83 5.63 5.75
CA HIS A 3 20.32 5.67 5.85
C HIS A 3 20.83 7.11 5.89
N MET A 4 20.40 7.93 4.93
CA MET A 4 20.82 9.32 4.84
C MET A 4 22.33 9.43 4.63
N GLU A 5 22.75 9.35 3.37
CA GLU A 5 24.17 9.42 3.02
C GLU A 5 24.69 10.85 3.13
N CYS A 6 23.88 11.81 2.66
CA CYS A 6 24.26 13.22 2.71
C CYS A 6 24.33 13.73 4.15
N ALA A 7 23.36 13.32 4.97
CA ALA A 7 23.31 13.73 6.37
C ALA A 7 24.47 13.11 7.16
N ASP A 8 24.70 11.82 6.95
CA ASP A 8 25.79 11.11 7.64
C ASP A 8 26.53 10.19 6.68
N VAL A 9 27.86 10.28 6.69
CA VAL A 9 28.70 9.45 5.83
C VAL A 9 29.50 8.44 6.65
N PRO A 10 28.95 7.22 6.84
CA PRO A 10 29.62 6.17 7.61
C PRO A 10 30.73 5.49 6.82
N LEU A 11 31.32 4.44 7.40
CA LEU A 11 32.40 3.70 6.74
C LEU A 11 31.99 3.26 5.34
N LEU A 12 30.78 2.69 5.23
CA LEU A 12 30.26 2.23 3.95
C LEU A 12 29.30 3.27 3.34
N PRO A 14 25.94 2.84 0.77
CA PRO A 14 25.01 2.10 -0.08
C PRO A 14 24.30 3.00 -1.10
N SER A 15 23.63 2.36 -2.06
CA SER A 15 22.90 3.09 -3.10
C SER A 15 21.42 3.22 -2.73
N LYS A 17 19.17 4.84 -4.16
CA LYS A 17 18.35 4.76 -5.37
C LYS A 17 18.07 3.29 -5.73
N GLU A 18 19.08 2.44 -5.58
CA GLU A 18 18.95 1.02 -5.88
C GLU A 18 18.05 0.31 -4.87
N MET A 19 18.20 0.67 -3.60
CA MET A 19 17.41 0.07 -2.52
C MET A 19 15.93 0.46 -2.64
N MET A 20 15.67 1.73 -2.97
CA MET A 20 14.30 2.22 -3.12
C MET A 20 13.54 1.45 -4.19
N SER A 21 14.19 1.17 -5.32
CA SER A 21 13.54 0.44 -6.42
C SER A 21 13.56 -1.07 -6.17
N GLN A 22 14.57 -1.54 -5.44
CA GLN A 22 14.70 -2.97 -5.11
C GLN A 22 13.42 -3.49 -4.46
N ALA A 23 12.97 -2.80 -3.41
CA ALA A 23 11.76 -3.20 -2.69
C ALA A 23 10.51 -3.01 -3.55
N LEU A 24 10.49 -1.94 -4.34
CA LEU A 24 9.35 -1.65 -5.22
C LEU A 24 9.10 -2.79 -6.19
N LYS A 25 10.16 -3.33 -6.78
CA LYS A 25 10.04 -4.42 -7.75
C LYS A 25 9.81 -5.76 -7.05
N ALA A 26 10.52 -6.01 -5.95
CA ALA A 26 10.40 -7.25 -5.20
C ALA A 26 9.01 -7.42 -4.58
N THR A 27 8.49 -6.35 -3.97
CA THR A 27 7.18 -6.41 -3.33
C THR A 27 6.04 -6.50 -4.35
N PHE A 28 6.07 -5.60 -5.35
CA PHE A 28 5.04 -5.58 -6.38
C PHE A 28 4.90 -6.93 -7.08
N SER A 29 6.03 -7.61 -7.34
CA SER A 29 6.00 -8.91 -8.00
C SER A 29 5.16 -9.91 -7.21
N GLY A 30 5.35 -9.93 -5.89
CA GLY A 30 4.59 -10.84 -5.04
C GLY A 30 3.17 -10.35 -4.79
N PHE A 31 2.96 -9.05 -4.99
CA PHE A 31 1.64 -8.45 -4.80
C PHE A 31 0.73 -8.75 -5.99
N THR A 32 1.26 -8.52 -7.20
CA THR A 32 0.51 -8.79 -8.43
C THR A 32 0.04 -10.24 -8.50
N LYS A 33 0.83 -11.15 -7.92
CA LYS A 33 0.46 -12.57 -7.91
C LYS A 33 -0.87 -12.77 -7.20
N GLU A 34 -1.13 -11.95 -6.19
CA GLU A 34 -2.37 -12.00 -5.44
C GLU A 34 -3.46 -11.23 -6.18
N GLN A 35 -3.08 -10.06 -6.72
CA GLN A 35 -4.00 -9.21 -7.47
C GLN A 35 -4.61 -9.94 -8.66
N GLN A 36 -3.89 -10.91 -9.21
CA GLN A 36 -4.38 -11.68 -10.36
C GLN A 36 -5.27 -12.83 -9.91
N ARG A 37 -4.99 -13.39 -8.73
CA ARG A 37 -5.78 -14.50 -8.19
C ARG A 37 -7.17 -14.05 -7.74
N LEU A 38 -7.23 -12.88 -7.11
CA LEU A 38 -8.51 -12.34 -6.62
C LEU A 38 -9.07 -11.24 -7.52
N GLY A 39 -8.19 -10.54 -8.25
CA GLY A 39 -8.63 -9.47 -9.12
C GLY A 39 -8.42 -8.08 -8.51
N ILE A 40 -7.66 -8.02 -7.41
CA ILE A 40 -7.39 -6.74 -6.73
C ILE A 40 -6.74 -5.73 -7.68
N PRO A 41 -7.39 -4.56 -7.86
CA PRO A 41 -6.86 -3.51 -8.74
C PRO A 41 -5.59 -2.87 -8.18
N LYS A 42 -4.94 -2.03 -9.00
CA LYS A 42 -3.71 -1.36 -8.57
C LYS A 42 -4.01 0.04 -8.02
N ASP A 43 -5.27 0.47 -8.07
CA ASP A 43 -5.67 1.78 -7.58
C ASP A 43 -6.25 1.69 -6.17
N PRO A 44 -5.50 2.17 -5.15
CA PRO A 44 -5.94 2.16 -3.75
C PRO A 44 -7.18 3.03 -3.51
N ARG A 45 -7.38 4.06 -4.33
CA ARG A 45 -8.54 4.93 -4.19
C ARG A 45 -9.78 4.24 -4.74
N GLN A 46 -9.60 3.46 -5.81
CA GLN A 46 -10.70 2.71 -6.41
C GLN A 46 -10.75 1.28 -5.85
N TRP A 47 -10.53 1.16 -4.55
CA TRP A 47 -10.54 -0.14 -3.86
C TRP A 47 -11.79 -0.25 -2.97
N THR A 48 -12.04 -1.44 -2.44
CA THR A 48 -13.18 -1.64 -1.55
C THR A 48 -12.73 -2.38 -0.28
N GLU A 49 -13.67 -2.62 0.64
CA GLU A 49 -13.34 -3.31 1.89
C GLU A 49 -12.59 -4.62 1.63
N THR A 50 -13.00 -5.35 0.59
CA THR A 50 -12.36 -6.61 0.24
C THR A 50 -10.89 -6.39 -0.18
N HIS A 51 -10.68 -5.50 -1.15
CA HIS A 51 -9.33 -5.20 -1.63
C HIS A 51 -8.46 -4.63 -0.51
N VAL A 52 -9.06 -3.78 0.33
CA VAL A 52 -8.36 -3.17 1.46
C VAL A 52 -7.93 -4.23 2.48
N ARG A 53 -8.89 -5.05 2.89
CA ARG A 53 -8.66 -6.11 3.88
C ARG A 53 -7.72 -7.20 3.33
N ASP A 54 -7.98 -7.67 2.12
CA ASP A 54 -7.14 -8.71 1.52
C ASP A 54 -5.71 -8.22 1.34
N TRP A 55 -5.54 -6.92 1.08
CA TRP A 55 -4.21 -6.34 0.92
C TRP A 55 -3.50 -6.27 2.26
N VAL A 56 -4.02 -5.43 3.17
CA VAL A 56 -3.45 -5.29 4.51
C VAL A 56 -3.04 -6.64 5.09
N MET A 57 -3.93 -7.63 5.00
CA MET A 57 -3.65 -8.98 5.51
C MET A 57 -2.42 -9.57 4.82
N TRP A 58 -2.39 -9.48 3.50
CA TRP A 58 -1.27 -10.00 2.71
C TRP A 58 0.03 -9.27 3.07
N ALA A 59 -0.05 -7.96 3.28
CA ALA A 59 1.12 -7.16 3.63
C ALA A 59 1.59 -7.47 5.06
N VAL A 60 0.69 -8.01 5.88
CA VAL A 60 1.00 -8.37 7.26
C VAL A 60 1.70 -9.74 7.32
N ASN A 61 1.35 -10.62 6.38
CA ASN A 61 1.95 -11.95 6.30
C ASN A 61 3.34 -11.88 5.65
N GLU A 62 3.47 -11.03 4.63
CA GLU A 62 4.74 -10.87 3.92
C GLU A 62 5.77 -10.15 4.81
N PHE A 63 5.32 -9.20 5.61
CA PHE A 63 6.21 -8.45 6.49
C PHE A 63 6.08 -8.90 7.96
N SER A 64 5.29 -9.96 8.21
CA SER A 64 5.07 -10.46 9.56
C SER A 64 4.82 -9.32 10.53
N LEU A 65 3.81 -8.49 10.23
CA LEU A 65 3.47 -7.35 11.06
C LEU A 65 2.69 -7.77 12.29
N LYS A 66 3.17 -7.36 13.47
CA LYS A 66 2.51 -7.71 14.73
C LYS A 66 1.81 -6.50 15.36
N GLY A 67 0.65 -6.75 15.96
CA GLY A 67 -0.11 -5.68 16.61
C GLY A 67 -1.08 -4.97 15.67
N VAL A 68 -1.03 -5.30 14.37
CA VAL A 68 -1.90 -4.67 13.39
C VAL A 68 -3.33 -5.22 13.49
N ASP A 69 -4.32 -4.33 13.41
CA ASP A 69 -5.72 -4.72 13.50
C ASP A 69 -6.44 -4.50 12.17
N PHE A 70 -7.29 -5.46 11.81
CA PHE A 70 -8.06 -5.37 10.56
C PHE A 70 -9.39 -4.66 10.81
N GLN A 71 -9.89 -4.72 12.05
CA GLN A 71 -11.13 -4.04 12.41
C GLN A 71 -10.99 -2.54 12.19
N LYS A 72 -9.78 -2.03 12.43
CA LYS A 72 -9.45 -0.61 12.23
C LYS A 72 -9.50 -0.24 10.75
N PHE A 73 -9.10 -1.18 9.89
CA PHE A 73 -9.10 -0.95 8.45
C PHE A 73 -10.34 -1.56 7.78
N CYS A 74 -11.48 -1.52 8.47
CA CYS A 74 -12.73 -2.07 7.94
C CYS A 74 -13.46 -1.02 7.10
N MET A 75 -12.87 -0.68 5.94
CA MET A 75 -13.46 0.30 5.04
C MET A 75 -12.91 0.13 3.62
N SER A 76 -13.52 0.82 2.66
CA SER A 76 -13.09 0.74 1.27
C SER A 76 -11.83 1.56 1.02
N GLY A 77 -11.19 1.32 -0.12
CA GLY A 77 -9.97 2.02 -0.47
C GLY A 77 -10.14 3.52 -0.51
N ALA A 78 -11.24 3.98 -1.11
CA ALA A 78 -11.53 5.42 -1.22
C ALA A 78 -11.48 6.08 0.16
N ALA A 79 -12.01 5.38 1.17
CA ALA A 79 -12.01 5.89 2.54
C ALA A 79 -10.61 5.85 3.15
N LEU A 80 -9.92 4.72 2.97
CA LEU A 80 -8.57 4.54 3.49
C LEU A 80 -7.62 5.62 2.97
N CYS A 81 -7.67 5.89 1.67
CA CYS A 81 -6.82 6.91 1.06
C CYS A 81 -7.20 8.30 1.57
N ALA A 82 -8.51 8.54 1.69
CA ALA A 82 -9.02 9.82 2.18
C ALA A 82 -8.56 10.09 3.62
N LEU A 83 -8.45 9.02 4.42
CA LEU A 83 -8.02 9.12 5.81
C LEU A 83 -6.63 9.74 5.93
N GLY A 84 -5.77 9.50 4.94
CA GLY A 84 -4.42 10.03 4.97
C GLY A 84 -3.50 9.26 5.90
N LYS A 85 -2.24 9.65 5.93
CA LYS A 85 -1.24 9.00 6.80
C LYS A 85 -1.63 9.10 8.27
N GLU A 86 -2.04 10.30 8.69
CA GLU A 86 -2.44 10.55 10.08
C GLU A 86 -3.46 9.52 10.56
N CYS A 87 -4.66 9.56 9.98
CA CYS A 87 -5.73 8.64 10.36
C CYS A 87 -5.32 7.18 10.19
N PHE A 88 -4.60 6.88 9.10
CA PHE A 88 -4.15 5.52 8.84
C PHE A 88 -3.21 5.03 9.94
N LEU A 89 -2.26 5.88 10.33
CA LEU A 89 -1.30 5.54 11.39
C LEU A 89 -2.03 5.35 12.73
N GLU A 90 -3.18 6.01 12.89
CA GLU A 90 -3.98 5.87 14.11
C GLU A 90 -4.69 4.51 14.14
N LEU A 91 -4.90 3.91 12.97
CA LEU A 91 -5.56 2.62 12.86
C LEU A 91 -4.58 1.46 13.10
N ALA A 92 -3.33 1.64 12.66
CA ALA A 92 -2.31 0.61 12.84
C ALA A 92 -1.25 1.02 13.86
N PRO A 93 -0.50 0.05 14.40
CA PRO A 93 0.55 0.30 15.39
C PRO A 93 1.57 1.34 14.94
N ASP A 94 2.44 1.71 15.88
CA ASP A 94 3.50 2.70 15.65
C ASP A 94 4.56 2.20 14.66
N PHE A 95 4.69 0.89 14.50
CA PHE A 95 5.72 0.35 13.60
C PHE A 95 5.13 -0.23 12.32
N VAL A 96 4.24 -1.23 12.45
CA VAL A 96 3.63 -1.87 11.29
C VAL A 96 2.80 -0.89 10.46
N GLY A 97 2.18 0.09 11.13
CA GLY A 97 1.37 1.09 10.45
C GLY A 97 2.11 1.73 9.28
N ASP A 98 3.41 1.98 9.47
CA ASP A 98 4.23 2.59 8.43
C ASP A 98 4.32 1.69 7.19
N ILE A 99 4.55 0.39 7.43
CA ILE A 99 4.67 -0.59 6.35
C ILE A 99 3.48 -0.53 5.39
N LEU A 100 2.28 -0.57 5.94
CA LEU A 100 1.06 -0.56 5.12
C LEU A 100 0.92 0.76 4.35
N TRP A 101 0.93 1.89 5.06
CA TRP A 101 0.80 3.20 4.39
C TRP A 101 1.97 3.46 3.43
N GLU A 102 3.13 2.84 3.69
CA GLU A 102 4.29 3.01 2.81
C GLU A 102 3.96 2.48 1.41
N HIS A 103 3.58 1.21 1.33
CA HIS A 103 3.22 0.58 0.06
C HIS A 103 1.86 1.07 -0.43
N LEU A 104 0.95 1.33 0.51
CA LEU A 104 -0.38 1.82 0.19
C LEU A 104 -0.32 3.13 -0.58
N GLU A 105 0.53 4.06 -0.12
CA GLU A 105 0.69 5.34 -0.79
C GLU A 105 1.35 5.16 -2.15
N ILE A 106 2.32 4.24 -2.21
CA ILE A 106 3.04 3.93 -3.44
C ILE A 106 2.05 3.55 -4.55
N LEU A 107 1.09 2.68 -4.20
CA LEU A 107 0.07 2.23 -5.15
C LEU A 107 -0.64 3.41 -5.81
N GLN A 108 -0.85 4.49 -5.04
CA GLN A 108 -1.51 5.69 -5.55
C GLN A 108 -0.70 6.32 -6.69
N LYS A 109 0.61 6.47 -6.46
CA LYS A 109 1.50 7.05 -7.46
C LYS A 109 1.63 6.16 -8.70
N GLU A 110 1.62 4.84 -8.49
CA GLU A 110 1.72 3.88 -9.59
C GLU A 110 0.69 4.17 -10.69
N ASP A 111 -0.50 4.59 -10.28
CA ASP A 111 -1.58 4.90 -11.22
C ASP A 111 -2.41 6.08 -10.72
N VAL A 112 -1.86 7.29 -10.88
CA VAL A 112 -2.54 8.51 -10.45
C VAL A 112 -3.66 8.89 -11.43
N LYS A 113 -4.50 9.84 -11.01
CA LYS A 113 -5.62 10.30 -11.84
C LYS A 113 -5.10 11.10 -13.04
N HIS A 3 -7.90 12.34 -9.70
CA HIS A 3 -6.77 11.37 -9.74
C HIS A 3 -6.36 10.91 -8.35
N MET A 4 -6.00 11.88 -7.49
CA MET A 4 -5.58 11.58 -6.12
C MET A 4 -4.36 10.65 -6.12
N GLU A 5 -3.24 11.17 -6.61
CA GLU A 5 -2.00 10.40 -6.67
C GLU A 5 -1.26 10.44 -5.34
N CYS A 6 -1.16 11.63 -4.75
CA CYS A 6 -0.49 11.82 -3.46
C CYS A 6 -1.50 12.20 -2.38
N ALA A 7 -1.52 11.43 -1.29
CA ALA A 7 -2.44 11.68 -0.20
C ALA A 7 -1.76 12.44 0.94
N ASP A 8 -0.67 11.88 1.47
CA ASP A 8 0.06 12.52 2.57
C ASP A 8 1.35 13.15 2.07
N VAL A 9 2.21 12.35 1.44
CA VAL A 9 3.48 12.84 0.92
C VAL A 9 3.56 12.68 -0.60
N PRO A 10 3.81 13.79 -1.34
CA PRO A 10 3.92 13.76 -2.80
C PRO A 10 5.22 13.09 -3.26
N LEU A 11 5.19 12.55 -4.47
CA LEU A 11 6.36 11.86 -5.03
C LEU A 11 6.47 12.10 -6.54
N LEU A 12 7.70 12.27 -7.02
CA LEU A 12 7.96 12.51 -8.44
C LEU A 12 8.30 11.20 -9.15
N PRO A 14 10.21 11.17 -12.56
CA PRO A 14 10.95 11.57 -13.76
C PRO A 14 11.68 10.39 -14.43
N SER A 15 12.34 10.67 -15.56
CA SER A 15 13.08 9.64 -16.30
C SER A 15 14.02 8.87 -15.38
N LYS A 17 14.14 8.66 -12.35
CA LYS A 17 13.40 8.02 -11.27
C LYS A 17 12.92 6.61 -11.63
N GLU A 18 12.73 6.35 -12.94
CA GLU A 18 12.29 5.03 -13.40
C GLU A 18 13.24 3.93 -12.94
N MET A 19 14.55 4.23 -12.95
CA MET A 19 15.55 3.26 -12.51
C MET A 19 15.27 2.80 -11.08
N MET A 20 14.88 3.74 -10.22
CA MET A 20 14.56 3.44 -8.82
C MET A 20 13.29 2.61 -8.75
N SER A 21 12.28 2.98 -9.55
CA SER A 21 11.01 2.25 -9.59
C SER A 21 11.23 0.80 -10.02
N GLN A 22 12.20 0.59 -10.91
CA GLN A 22 12.55 -0.74 -11.41
C GLN A 22 12.72 -1.72 -10.25
N ALA A 23 13.57 -1.35 -9.29
CA ALA A 23 13.83 -2.19 -8.12
C ALA A 23 12.56 -2.46 -7.33
N LEU A 24 11.81 -1.40 -7.01
CA LEU A 24 10.56 -1.51 -6.25
C LEU A 24 9.56 -2.41 -6.97
N LYS A 25 9.41 -2.20 -8.28
CA LYS A 25 8.48 -2.98 -9.09
C LYS A 25 8.75 -4.48 -9.00
N ALA A 26 10.03 -4.85 -8.99
CA ALA A 26 10.41 -6.27 -8.93
C ALA A 26 10.39 -6.79 -7.48
N THR A 27 10.67 -5.92 -6.51
CA THR A 27 10.67 -6.32 -5.11
C THR A 27 9.26 -6.62 -4.61
N PHE A 28 8.27 -5.89 -5.13
CA PHE A 28 6.87 -6.09 -4.74
C PHE A 28 6.16 -7.07 -5.67
N SER A 29 6.86 -8.15 -6.05
CA SER A 29 6.29 -9.17 -6.93
C SER A 29 5.32 -10.07 -6.17
N GLY A 30 5.38 -10.04 -4.84
CA GLY A 30 4.49 -10.86 -4.03
C GLY A 30 3.08 -10.28 -3.92
N PHE A 31 2.93 -9.00 -4.31
CA PHE A 31 1.64 -8.33 -4.25
C PHE A 31 0.86 -8.55 -5.55
N THR A 32 1.51 -8.26 -6.68
CA THR A 32 0.89 -8.44 -7.99
C THR A 32 0.39 -9.87 -8.18
N LYS A 33 1.20 -10.85 -7.76
CA LYS A 33 0.81 -12.26 -7.88
C LYS A 33 -0.48 -12.52 -7.09
N GLU A 34 -0.64 -11.81 -5.98
CA GLU A 34 -1.82 -11.94 -5.13
C GLU A 34 -3.01 -11.21 -5.74
N GLN A 35 -2.76 -10.01 -6.26
CA GLN A 35 -3.80 -9.19 -6.88
C GLN A 35 -4.43 -9.89 -8.08
N GLN A 36 -3.66 -10.76 -8.73
CA GLN A 36 -4.16 -11.50 -9.90
C GLN A 36 -5.02 -12.71 -9.49
N ARG A 37 -4.95 -13.09 -8.21
CA ARG A 37 -5.74 -14.22 -7.71
C ARG A 37 -7.15 -13.78 -7.31
N LEU A 38 -7.25 -12.55 -6.80
CA LEU A 38 -8.55 -11.99 -6.36
C LEU A 38 -9.09 -10.96 -7.36
N GLY A 39 -8.20 -10.34 -8.13
CA GLY A 39 -8.62 -9.33 -9.11
C GLY A 39 -8.41 -7.90 -8.60
N ILE A 40 -7.72 -7.75 -7.47
CA ILE A 40 -7.46 -6.44 -6.89
C ILE A 40 -6.75 -5.51 -7.88
N PRO A 41 -7.33 -4.30 -8.12
CA PRO A 41 -6.75 -3.33 -9.06
C PRO A 41 -5.51 -2.64 -8.50
N LYS A 42 -4.87 -1.81 -9.32
CA LYS A 42 -3.66 -1.10 -8.89
C LYS A 42 -3.97 0.34 -8.46
N ASP A 43 -5.09 0.54 -7.76
CA ASP A 43 -5.49 1.86 -7.30
C ASP A 43 -6.26 1.79 -5.98
N PRO A 44 -5.63 2.28 -4.88
CA PRO A 44 -6.25 2.29 -3.54
C PRO A 44 -7.58 3.04 -3.52
N ARG A 45 -7.67 4.14 -4.27
CA ARG A 45 -8.90 4.93 -4.32
C ARG A 45 -10.04 4.11 -4.92
N GLN A 46 -9.69 3.22 -5.86
CA GLN A 46 -10.67 2.35 -6.51
C GLN A 46 -10.71 0.98 -5.83
N TRP A 47 -10.59 0.97 -4.50
CA TRP A 47 -10.62 -0.27 -3.73
C TRP A 47 -11.85 -0.31 -2.82
N THR A 48 -12.12 -1.47 -2.22
CA THR A 48 -13.24 -1.61 -1.30
C THR A 48 -12.78 -2.31 -0.02
N GLU A 49 -13.71 -2.56 0.90
CA GLU A 49 -13.38 -3.23 2.17
C GLU A 49 -12.56 -4.50 1.96
N THR A 50 -12.93 -5.29 0.96
CA THR A 50 -12.23 -6.54 0.68
C THR A 50 -10.80 -6.30 0.18
N HIS A 51 -10.66 -5.41 -0.81
CA HIS A 51 -9.33 -5.10 -1.37
C HIS A 51 -8.42 -4.50 -0.31
N VAL A 52 -8.97 -3.57 0.49
CA VAL A 52 -8.21 -2.91 1.55
C VAL A 52 -7.69 -3.92 2.57
N ARG A 53 -8.59 -4.77 3.07
CA ARG A 53 -8.23 -5.77 4.07
C ARG A 53 -7.38 -6.89 3.47
N ASP A 54 -7.74 -7.37 2.28
CA ASP A 54 -6.98 -8.44 1.64
C ASP A 54 -5.52 -8.02 1.47
N TRP A 55 -5.29 -6.76 1.12
CA TRP A 55 -3.94 -6.25 0.95
C TRP A 55 -3.26 -6.19 2.32
N VAL A 56 -3.84 -5.41 3.23
CA VAL A 56 -3.33 -5.30 4.60
C VAL A 56 -2.93 -6.68 5.13
N MET A 57 -3.88 -7.63 5.10
CA MET A 57 -3.64 -8.99 5.56
C MET A 57 -2.44 -9.61 4.83
N TRP A 58 -2.42 -9.44 3.51
CA TRP A 58 -1.32 -9.95 2.68
C TRP A 58 0.02 -9.39 3.16
N ALA A 59 0.02 -8.13 3.58
CA ALA A 59 1.24 -7.47 4.05
C ALA A 59 1.66 -8.02 5.42
N VAL A 60 0.72 -8.66 6.12
CA VAL A 60 1.00 -9.24 7.44
C VAL A 60 1.67 -10.60 7.31
N ASN A 61 1.27 -11.36 6.28
CA ASN A 61 1.83 -12.69 6.04
C ASN A 61 3.04 -12.61 5.10
N GLU A 62 3.02 -11.63 4.20
CA GLU A 62 4.12 -11.42 3.25
C GLU A 62 5.32 -10.78 3.93
N PHE A 63 5.05 -9.83 4.83
CA PHE A 63 6.12 -9.12 5.55
C PHE A 63 6.18 -9.56 7.03
N SER A 64 5.46 -10.64 7.37
CA SER A 64 5.42 -11.15 8.74
C SER A 64 5.25 -10.03 9.77
N LEU A 65 4.15 -9.26 9.62
CA LEU A 65 3.86 -8.16 10.53
C LEU A 65 3.03 -8.63 11.72
N LYS A 66 2.83 -7.75 12.70
CA LYS A 66 2.05 -8.10 13.89
C LYS A 66 1.45 -6.85 14.55
N GLY A 67 0.33 -7.07 15.26
CA GLY A 67 -0.33 -5.96 15.94
C GLY A 67 -1.30 -5.19 15.05
N VAL A 68 -1.33 -5.51 13.76
CA VAL A 68 -2.23 -4.83 12.82
C VAL A 68 -3.66 -5.35 12.95
N ASP A 69 -4.61 -4.42 13.00
CA ASP A 69 -6.02 -4.77 13.12
C ASP A 69 -6.76 -4.59 11.80
N PHE A 70 -7.59 -5.57 11.47
CA PHE A 70 -8.38 -5.52 10.24
C PHE A 70 -9.71 -4.80 10.47
N GLN A 71 -10.21 -4.85 11.70
CA GLN A 71 -11.44 -4.14 12.06
C GLN A 71 -11.26 -2.65 11.85
N LYS A 72 -10.05 -2.16 12.10
CA LYS A 72 -9.70 -0.75 11.92
C LYS A 72 -9.74 -0.36 10.45
N PHE A 73 -9.36 -1.29 9.58
CA PHE A 73 -9.36 -1.04 8.13
C PHE A 73 -10.58 -1.66 7.45
N CYS A 74 -11.72 -1.66 8.17
CA CYS A 74 -12.96 -2.21 7.63
C CYS A 74 -13.71 -1.13 6.84
N MET A 75 -13.11 -0.71 5.72
CA MET A 75 -13.69 0.32 4.87
C MET A 75 -13.12 0.25 3.45
N SER A 76 -13.71 1.01 2.53
CA SER A 76 -13.26 1.04 1.14
C SER A 76 -11.97 1.82 1.00
N GLY A 77 -11.22 1.52 -0.06
CA GLY A 77 -9.96 2.18 -0.32
C GLY A 77 -10.09 3.68 -0.47
N ALA A 78 -11.19 4.12 -1.09
CA ALA A 78 -11.45 5.55 -1.28
C ALA A 78 -11.44 6.29 0.06
N ALA A 79 -12.00 5.66 1.09
CA ALA A 79 -12.05 6.22 2.43
C ALA A 79 -10.67 6.18 3.08
N LEU A 80 -9.98 5.04 2.92
CA LEU A 80 -8.65 4.84 3.46
C LEU A 80 -7.68 5.93 2.97
N CYS A 81 -7.73 6.22 1.67
CA CYS A 81 -6.87 7.24 1.08
C CYS A 81 -7.24 8.63 1.61
N ALA A 82 -8.54 8.87 1.75
CA ALA A 82 -9.04 10.16 2.25
C ALA A 82 -8.66 10.37 3.72
N LEU A 83 -8.41 9.27 4.45
CA LEU A 83 -8.04 9.35 5.86
C LEU A 83 -6.65 9.96 6.06
N GLY A 84 -5.73 9.67 5.14
CA GLY A 84 -4.38 10.18 5.25
C GLY A 84 -3.49 9.29 6.10
N LYS A 85 -2.20 9.59 6.12
CA LYS A 85 -1.23 8.81 6.89
C LYS A 85 -1.54 8.83 8.39
N GLU A 86 -1.78 10.03 8.93
CA GLU A 86 -2.10 10.18 10.35
C GLU A 86 -3.24 9.26 10.79
N CYS A 87 -4.36 9.30 10.07
CA CYS A 87 -5.51 8.46 10.39
C CYS A 87 -5.18 6.98 10.18
N PHE A 88 -4.46 6.68 9.10
CA PHE A 88 -4.07 5.31 8.78
C PHE A 88 -3.18 4.73 9.88
N LEU A 89 -2.21 5.53 10.34
CA LEU A 89 -1.30 5.11 11.40
C LEU A 89 -2.04 4.94 12.72
N GLU A 90 -3.15 5.66 12.89
CA GLU A 90 -3.97 5.55 14.10
C GLU A 90 -4.75 4.23 14.10
N LEU A 91 -4.97 3.67 12.91
CA LEU A 91 -5.69 2.40 12.77
C LEU A 91 -4.75 1.20 12.93
N ALA A 92 -3.51 1.35 12.46
CA ALA A 92 -2.52 0.29 12.54
C ALA A 92 -1.49 0.56 13.64
N PRO A 93 -0.75 -0.48 14.09
CA PRO A 93 0.28 -0.34 15.13
C PRO A 93 1.39 0.64 14.73
N ASP A 94 2.30 0.87 15.66
CA ASP A 94 3.43 1.78 15.47
C ASP A 94 4.43 1.31 14.41
N PHE A 95 4.33 0.04 13.97
CA PHE A 95 5.30 -0.46 12.98
C PHE A 95 4.66 -0.67 11.60
N VAL A 96 3.60 -1.48 11.53
CA VAL A 96 2.94 -1.77 10.26
C VAL A 96 2.32 -0.51 9.63
N GLY A 97 1.88 0.43 10.47
CA GLY A 97 1.29 1.67 9.98
C GLY A 97 2.14 2.34 8.92
N ASP A 98 3.45 2.41 9.16
CA ASP A 98 4.39 3.02 8.22
C ASP A 98 4.55 2.16 6.98
N ILE A 99 4.80 0.87 7.20
CA ILE A 99 5.00 -0.08 6.10
C ILE A 99 3.83 -0.06 5.12
N LEU A 100 2.62 -0.27 5.65
CA LEU A 100 1.41 -0.28 4.83
C LEU A 100 1.23 1.01 4.05
N TRP A 101 1.27 2.16 4.74
CA TRP A 101 1.12 3.46 4.08
C TRP A 101 2.23 3.70 3.04
N GLU A 102 3.41 3.12 3.25
CA GLU A 102 4.50 3.27 2.29
C GLU A 102 4.12 2.65 0.94
N HIS A 103 3.74 1.38 0.97
CA HIS A 103 3.34 0.66 -0.24
C HIS A 103 1.97 1.14 -0.71
N LEU A 104 1.10 1.49 0.24
CA LEU A 104 -0.24 1.97 -0.06
C LEU A 104 -0.19 3.27 -0.86
N GLU A 105 0.68 4.19 -0.43
CA GLU A 105 0.83 5.48 -1.12
C GLU A 105 1.45 5.27 -2.50
N ILE A 106 2.24 4.20 -2.65
CA ILE A 106 2.86 3.88 -3.92
C ILE A 106 1.80 3.44 -4.94
N LEU A 107 0.80 2.70 -4.46
CA LEU A 107 -0.30 2.22 -5.31
C LEU A 107 -1.13 3.37 -5.88
N GLN A 108 -1.54 4.30 -5.01
CA GLN A 108 -2.34 5.46 -5.43
C GLN A 108 -1.65 6.27 -6.53
N LYS A 109 -0.34 6.41 -6.43
CA LYS A 109 0.44 7.17 -7.42
C LYS A 109 0.45 6.42 -8.76
N GLU A 110 0.56 5.09 -8.69
CA GLU A 110 0.59 4.27 -9.90
C GLU A 110 -0.82 4.10 -10.48
N ASP A 111 -0.94 4.34 -11.77
CA ASP A 111 -2.23 4.22 -12.47
C ASP A 111 -2.06 3.50 -13.81
N VAL A 112 -2.21 2.17 -13.77
CA VAL A 112 -2.08 1.35 -14.97
C VAL A 112 -3.36 0.55 -15.23
N LYS A 113 -3.66 0.32 -16.51
CA LYS A 113 -4.85 -0.42 -16.90
C LYS A 113 -4.54 -1.93 -16.95
N HIS A 3 12.52 21.71 -13.17
CA HIS A 3 11.85 22.40 -12.03
C HIS A 3 12.85 23.17 -11.18
N MET A 4 12.86 24.49 -11.33
CA MET A 4 13.77 25.35 -10.57
C MET A 4 13.23 26.77 -10.50
N GLU A 5 13.04 27.40 -11.66
CA GLU A 5 12.53 28.76 -11.75
C GLU A 5 11.53 28.89 -12.88
N CYS A 6 10.24 28.79 -12.55
CA CYS A 6 9.16 28.88 -13.54
C CYS A 6 9.30 27.81 -14.63
N ALA A 7 9.60 26.58 -14.19
CA ALA A 7 9.76 25.47 -15.12
C ALA A 7 8.98 24.24 -14.64
N ASP A 8 7.82 24.02 -15.25
CA ASP A 8 6.96 22.89 -14.89
C ASP A 8 6.57 22.08 -16.12
N VAL A 9 6.54 20.76 -15.98
CA VAL A 9 6.18 19.87 -17.08
C VAL A 9 4.69 19.54 -17.05
N PRO A 10 4.02 19.59 -18.23
CA PRO A 10 2.59 19.30 -18.35
C PRO A 10 2.25 17.84 -18.01
N LEU A 11 1.08 17.64 -17.42
CA LEU A 11 0.63 16.29 -17.05
C LEU A 11 0.35 15.45 -18.29
N LEU A 12 1.30 14.57 -18.62
CA LEU A 12 1.17 13.71 -19.79
C LEU A 12 1.41 12.24 -19.42
N PRO A 14 2.62 9.60 -21.87
CA PRO A 14 3.16 9.01 -23.09
C PRO A 14 3.72 7.59 -22.87
N SER A 15 4.25 6.99 -23.93
CA SER A 15 4.81 5.65 -23.85
C SER A 15 5.80 5.54 -22.69
N LYS A 17 5.91 7.21 -20.00
CA LYS A 17 5.16 7.25 -18.74
C LYS A 17 4.48 5.91 -18.48
N GLU A 18 3.94 5.29 -19.54
CA GLU A 18 3.26 4.00 -19.44
C GLU A 18 4.24 2.91 -19.01
N MET A 19 5.46 2.97 -19.54
CA MET A 19 6.50 1.99 -19.21
C MET A 19 7.06 2.23 -17.81
N MET A 20 7.00 3.48 -17.35
CA MET A 20 7.49 3.84 -16.02
C MET A 20 6.81 3.02 -14.92
N SER A 21 5.52 2.74 -15.09
CA SER A 21 4.76 1.95 -14.12
C SER A 21 5.21 0.49 -14.13
N GLN A 22 5.53 -0.02 -15.33
CA GLN A 22 5.99 -1.40 -15.50
C GLN A 22 7.08 -1.76 -14.48
N ALA A 23 8.13 -0.93 -14.42
CA ALA A 23 9.22 -1.17 -13.50
C ALA A 23 8.80 -0.98 -12.04
N LEU A 24 8.08 0.10 -11.76
CA LEU A 24 7.61 0.40 -10.41
C LEU A 24 6.77 -0.75 -9.83
N LYS A 25 5.84 -1.27 -10.63
CA LYS A 25 4.99 -2.38 -10.19
C LYS A 25 5.75 -3.71 -10.17
N ALA A 26 6.74 -3.86 -11.04
CA ALA A 26 7.54 -5.09 -11.12
C ALA A 26 8.22 -5.39 -9.78
N THR A 27 8.67 -4.35 -9.08
CA THR A 27 9.34 -4.51 -7.79
C THR A 27 8.46 -5.27 -6.79
N PHE A 28 7.13 -5.06 -6.89
CA PHE A 28 6.19 -5.74 -6.01
C PHE A 28 5.62 -6.98 -6.67
N SER A 29 6.47 -7.99 -6.86
CA SER A 29 6.05 -9.26 -7.48
C SER A 29 5.19 -10.09 -6.54
N GLY A 30 5.36 -9.89 -5.23
CA GLY A 30 4.58 -10.63 -4.26
C GLY A 30 3.15 -10.12 -4.13
N PHE A 31 2.91 -8.89 -4.62
CA PHE A 31 1.58 -8.29 -4.56
C PHE A 31 0.82 -8.51 -5.88
N THR A 32 1.48 -8.20 -7.00
CA THR A 32 0.85 -8.36 -8.32
C THR A 32 0.35 -9.80 -8.52
N LYS A 33 1.06 -10.77 -7.94
CA LYS A 33 0.65 -12.17 -8.03
C LYS A 33 -0.72 -12.36 -7.40
N GLU A 34 -0.97 -11.62 -6.32
CA GLU A 34 -2.25 -11.67 -5.62
C GLU A 34 -3.29 -10.86 -6.37
N GLN A 35 -2.85 -9.71 -6.91
CA GLN A 35 -3.73 -8.81 -7.67
C GLN A 35 -4.34 -9.53 -8.88
N GLN A 36 -3.60 -10.47 -9.45
CA GLN A 36 -4.08 -11.22 -10.62
C GLN A 36 -4.92 -12.43 -10.20
N ARG A 37 -4.54 -13.08 -9.11
CA ARG A 37 -5.28 -14.25 -8.60
C ARG A 37 -6.62 -13.86 -7.99
N LEU A 38 -6.68 -12.66 -7.39
CA LEU A 38 -7.90 -12.17 -6.75
C LEU A 38 -8.59 -11.09 -7.58
N GLY A 39 -7.81 -10.29 -8.31
CA GLY A 39 -8.38 -9.22 -9.12
C GLY A 39 -8.18 -7.84 -8.52
N ILE A 40 -7.51 -7.77 -7.36
CA ILE A 40 -7.24 -6.51 -6.67
C ILE A 40 -6.50 -5.54 -7.60
N PRO A 41 -7.07 -4.34 -7.85
CA PRO A 41 -6.45 -3.34 -8.72
C PRO A 41 -5.29 -2.61 -8.05
N LYS A 42 -4.56 -1.80 -8.83
CA LYS A 42 -3.42 -1.04 -8.31
C LYS A 42 -3.82 0.40 -7.99
N ASP A 43 -4.97 0.57 -7.32
CA ASP A 43 -5.46 1.89 -6.96
C ASP A 43 -6.20 1.86 -5.62
N PRO A 44 -5.54 2.34 -4.54
CA PRO A 44 -6.13 2.38 -3.19
C PRO A 44 -7.44 3.16 -3.16
N ARG A 45 -7.44 4.35 -3.77
CA ARG A 45 -8.66 5.17 -3.82
C ARG A 45 -9.81 4.39 -4.49
N GLN A 46 -9.46 3.54 -5.46
CA GLN A 46 -10.45 2.73 -6.17
C GLN A 46 -10.50 1.30 -5.62
N TRP A 47 -10.44 1.18 -4.29
CA TRP A 47 -10.49 -0.12 -3.62
C TRP A 47 -11.76 -0.23 -2.78
N THR A 48 -12.04 -1.43 -2.27
CA THR A 48 -13.19 -1.64 -1.41
C THR A 48 -12.78 -2.39 -0.15
N GLU A 49 -13.74 -2.66 0.74
CA GLU A 49 -13.45 -3.37 2.00
C GLU A 49 -12.65 -4.65 1.76
N THR A 50 -13.02 -5.42 0.74
CA THR A 50 -12.33 -6.66 0.42
C THR A 50 -10.87 -6.40 0.04
N HIS A 51 -10.65 -5.45 -0.89
CA HIS A 51 -9.30 -5.12 -1.33
C HIS A 51 -8.45 -4.58 -0.17
N VAL A 52 -9.07 -3.76 0.67
CA VAL A 52 -8.39 -3.17 1.82
C VAL A 52 -7.99 -4.25 2.83
N ARG A 53 -8.95 -5.08 3.22
CA ARG A 53 -8.74 -6.16 4.17
C ARG A 53 -7.81 -7.24 3.60
N ASP A 54 -8.08 -7.69 2.38
CA ASP A 54 -7.25 -8.71 1.75
C ASP A 54 -5.81 -8.22 1.60
N TRP A 55 -5.63 -6.93 1.31
CA TRP A 55 -4.29 -6.37 1.16
C TRP A 55 -3.58 -6.34 2.51
N VAL A 56 -4.09 -5.53 3.45
CA VAL A 56 -3.52 -5.43 4.79
C VAL A 56 -3.12 -6.80 5.34
N MET A 57 -4.03 -7.79 5.21
CA MET A 57 -3.76 -9.15 5.66
C MET A 57 -2.55 -9.73 4.93
N TRP A 58 -2.55 -9.56 3.61
CA TRP A 58 -1.46 -10.04 2.76
C TRP A 58 -0.14 -9.35 3.13
N ALA A 59 -0.20 -8.06 3.46
CA ALA A 59 0.98 -7.29 3.84
C ALA A 59 1.50 -7.70 5.22
N VAL A 60 0.63 -8.34 6.01
CA VAL A 60 0.99 -8.79 7.35
C VAL A 60 1.70 -10.14 7.28
N ASN A 61 1.31 -10.96 6.29
CA ASN A 61 1.90 -12.28 6.10
C ASN A 61 3.22 -12.16 5.33
N GLU A 62 3.30 -11.19 4.41
CA GLU A 62 4.50 -10.96 3.61
C GLU A 62 5.60 -10.33 4.45
N PHE A 63 5.22 -9.38 5.31
CA PHE A 63 6.18 -8.69 6.18
C PHE A 63 6.16 -9.23 7.61
N SER A 64 5.40 -10.33 7.84
CA SER A 64 5.28 -10.92 9.17
C SER A 64 5.06 -9.85 10.23
N LEU A 65 4.03 -9.03 10.04
CA LEU A 65 3.72 -7.95 10.97
C LEU A 65 2.91 -8.46 12.16
N LYS A 66 2.77 -7.61 13.18
CA LYS A 66 2.02 -7.98 14.39
C LYS A 66 1.40 -6.76 15.06
N GLY A 67 0.31 -7.00 15.79
CA GLY A 67 -0.38 -5.92 16.49
C GLY A 67 -1.33 -5.11 15.61
N VAL A 68 -1.32 -5.37 14.31
CA VAL A 68 -2.20 -4.63 13.39
C VAL A 68 -3.64 -5.09 13.52
N ASP A 69 -4.55 -4.12 13.62
CA ASP A 69 -5.96 -4.41 13.75
C ASP A 69 -6.69 -4.26 12.43
N PHE A 70 -7.49 -5.27 12.07
CA PHE A 70 -8.24 -5.25 10.82
C PHE A 70 -9.58 -4.53 11.01
N GLN A 71 -10.07 -4.47 12.25
CA GLN A 71 -11.31 -3.76 12.57
C GLN A 71 -11.16 -2.28 12.23
N LYS A 72 -9.95 -1.76 12.45
CA LYS A 72 -9.63 -0.36 12.16
C LYS A 72 -9.68 -0.09 10.65
N PHE A 73 -9.31 -1.08 9.84
CA PHE A 73 -9.31 -0.94 8.39
C PHE A 73 -10.53 -1.60 7.75
N CYS A 74 -11.65 -1.65 8.49
CA CYS A 74 -12.89 -2.25 7.99
C CYS A 74 -13.68 -1.22 7.17
N MET A 75 -13.10 -0.84 6.03
CA MET A 75 -13.73 0.14 5.14
C MET A 75 -13.17 0.01 3.72
N SER A 76 -13.78 0.73 2.78
CA SER A 76 -13.35 0.69 1.39
C SER A 76 -12.08 1.50 1.18
N GLY A 77 -11.36 1.19 0.10
CA GLY A 77 -10.13 1.88 -0.21
C GLY A 77 -10.31 3.38 -0.39
N ALA A 78 -11.43 3.78 -0.99
CA ALA A 78 -11.73 5.19 -1.20
C ALA A 78 -11.66 5.95 0.12
N ALA A 79 -12.18 5.32 1.18
CA ALA A 79 -12.17 5.92 2.51
C ALA A 79 -10.75 5.90 3.09
N LEU A 80 -10.09 4.75 2.97
CA LEU A 80 -8.72 4.57 3.48
C LEU A 80 -7.79 5.65 2.93
N CYS A 81 -7.85 5.90 1.62
CA CYS A 81 -7.02 6.92 0.98
C CYS A 81 -7.42 8.31 1.45
N ALA A 82 -8.73 8.51 1.62
CA ALA A 82 -9.27 9.80 2.09
C ALA A 82 -8.91 10.07 3.56
N LEU A 83 -8.53 9.03 4.29
CA LEU A 83 -8.16 9.16 5.70
C LEU A 83 -6.79 9.82 5.88
N GLY A 84 -5.90 9.64 4.89
CA GLY A 84 -4.57 10.21 4.96
C GLY A 84 -3.63 9.37 5.82
N LYS A 85 -2.34 9.70 5.76
CA LYS A 85 -1.32 8.99 6.53
C LYS A 85 -1.59 9.07 8.03
N GLU A 86 -1.93 10.26 8.52
CA GLU A 86 -2.21 10.48 9.94
C GLU A 86 -3.27 9.50 10.46
N CYS A 87 -4.48 9.55 9.88
CA CYS A 87 -5.57 8.68 10.31
C CYS A 87 -5.19 7.21 10.14
N PHE A 88 -4.59 6.86 9.01
CA PHE A 88 -4.18 5.48 8.73
C PHE A 88 -3.19 4.99 9.77
N LEU A 89 -2.22 5.84 10.13
CA LEU A 89 -1.22 5.49 11.14
C LEU A 89 -1.87 5.30 12.51
N GLU A 90 -2.96 6.02 12.76
CA GLU A 90 -3.69 5.92 14.02
C GLU A 90 -4.48 4.59 14.07
N LEU A 91 -4.75 4.02 12.89
CA LEU A 91 -5.48 2.77 12.78
C LEU A 91 -4.55 1.55 12.96
N ALA A 92 -3.29 1.69 12.54
CA ALA A 92 -2.32 0.61 12.65
C ALA A 92 -1.22 0.94 13.66
N PRO A 93 -0.60 -0.11 14.24
CA PRO A 93 0.49 0.04 15.23
C PRO A 93 1.55 1.06 14.81
N ASP A 94 2.39 1.41 15.77
CA ASP A 94 3.48 2.39 15.57
C ASP A 94 4.53 1.90 14.57
N PHE A 95 4.63 0.59 14.34
CA PHE A 95 5.64 0.08 13.42
C PHE A 95 5.04 -0.45 12.10
N VAL A 96 4.03 -1.33 12.20
CA VAL A 96 3.40 -1.91 11.01
C VAL A 96 2.73 -0.83 10.14
N GLY A 97 2.16 0.19 10.79
CA GLY A 97 1.50 1.26 10.06
C GLY A 97 2.37 1.90 9.00
N ASP A 98 3.69 2.00 9.27
CA ASP A 98 4.63 2.59 8.33
C ASP A 98 4.70 1.78 7.03
N ILE A 99 4.88 0.46 7.17
CA ILE A 99 4.98 -0.44 6.01
C ILE A 99 3.71 -0.40 5.17
N LEU A 100 2.57 -0.61 5.81
CA LEU A 100 1.28 -0.61 5.12
C LEU A 100 1.09 0.67 4.30
N TRP A 101 1.15 1.83 4.95
CA TRP A 101 0.98 3.10 4.25
C TRP A 101 2.11 3.34 3.25
N GLU A 102 3.28 2.74 3.48
CA GLU A 102 4.40 2.89 2.55
C GLU A 102 4.03 2.33 1.17
N HIS A 103 3.64 1.06 1.14
CA HIS A 103 3.23 0.41 -0.10
C HIS A 103 1.86 0.91 -0.55
N LEU A 104 0.98 1.16 0.42
CA LEU A 104 -0.37 1.67 0.15
C LEU A 104 -0.31 2.97 -0.65
N GLU A 105 0.57 3.88 -0.21
CA GLU A 105 0.73 5.17 -0.88
C GLU A 105 1.34 4.99 -2.27
N ILE A 106 2.26 4.03 -2.39
CA ILE A 106 2.91 3.73 -3.67
C ILE A 106 1.88 3.35 -4.73
N LEU A 107 0.88 2.56 -4.33
CA LEU A 107 -0.18 2.14 -5.23
C LEU A 107 -0.91 3.35 -5.83
N GLN A 108 -1.07 4.39 -5.01
CA GLN A 108 -1.72 5.63 -5.45
C GLN A 108 -0.84 6.35 -6.46
N LYS A 109 0.45 6.47 -6.14
CA LYS A 109 1.42 7.13 -7.02
C LYS A 109 2.07 6.14 -8.00
N GLU A 110 1.32 5.11 -8.40
CA GLU A 110 1.84 4.11 -9.33
C GLU A 110 2.17 4.74 -10.69
N ASP A 111 1.17 5.38 -11.29
CA ASP A 111 1.35 6.02 -12.60
C ASP A 111 0.09 6.74 -13.04
N VAL A 112 0.14 8.07 -13.08
CA VAL A 112 -1.01 8.87 -13.49
C VAL A 112 -0.62 9.93 -14.52
N LYS A 113 -1.56 10.29 -15.38
CA LYS A 113 -1.32 11.30 -16.43
C LYS A 113 -0.97 12.65 -15.82
N HIS A 3 14.19 41.54 -2.66
CA HIS A 3 14.19 41.69 -4.14
C HIS A 3 13.54 43.02 -4.55
N MET A 4 13.64 43.34 -5.84
CA MET A 4 13.07 44.59 -6.37
C MET A 4 11.65 44.36 -6.89
N GLU A 5 11.53 43.52 -7.92
CA GLU A 5 10.23 43.21 -8.53
C GLU A 5 9.93 41.73 -8.49
N CYS A 6 10.83 40.92 -9.06
CA CYS A 6 10.66 39.47 -9.09
C CYS A 6 11.62 38.79 -8.12
N ALA A 7 11.07 37.92 -7.26
CA ALA A 7 11.85 37.20 -6.28
C ALA A 7 12.32 35.84 -6.82
N ASP A 8 11.38 35.09 -7.38
CA ASP A 8 11.68 33.77 -7.95
C ASP A 8 10.95 33.56 -9.27
N VAL A 9 11.63 32.96 -10.23
CA VAL A 9 11.05 32.69 -11.55
C VAL A 9 10.28 31.38 -11.55
N PRO A 10 9.05 31.37 -12.11
CA PRO A 10 8.20 30.18 -12.18
C PRO A 10 8.83 29.08 -13.04
N LEU A 11 8.70 27.84 -12.57
CA LEU A 11 9.26 26.69 -13.29
C LEU A 11 8.30 25.50 -13.26
N LEU A 12 8.25 24.76 -14.36
CA LEU A 12 7.37 23.59 -14.47
C LEU A 12 8.12 22.32 -14.04
N PRO A 14 7.13 18.30 -13.36
CA PRO A 14 6.20 17.16 -13.32
C PRO A 14 6.52 16.18 -12.20
N SER A 15 5.57 15.28 -11.91
CA SER A 15 5.76 14.30 -10.85
C SER A 15 6.88 13.31 -11.19
N LYS A 17 8.05 11.08 -8.46
CA LYS A 17 7.83 9.95 -7.57
C LYS A 17 6.68 9.05 -8.07
N GLU A 18 5.81 9.61 -8.91
CA GLU A 18 4.68 8.85 -9.44
C GLU A 18 5.15 7.87 -10.52
N MET A 19 6.18 8.26 -11.28
CA MET A 19 6.73 7.40 -12.34
C MET A 19 7.33 6.12 -11.77
N MET A 20 7.79 6.17 -10.52
CA MET A 20 8.39 4.99 -9.85
C MET A 20 7.42 3.80 -9.87
N SER A 21 6.12 4.08 -9.80
CA SER A 21 5.09 3.03 -9.81
C SER A 21 5.27 2.07 -10.98
N GLN A 22 5.67 2.61 -12.13
CA GLN A 22 5.89 1.81 -13.34
C GLN A 22 6.81 0.61 -13.06
N ALA A 23 7.97 0.88 -12.47
CA ALA A 23 8.93 -0.17 -12.14
C ALA A 23 8.54 -0.90 -10.86
N LEU A 24 7.85 -0.21 -9.95
CA LEU A 24 7.40 -0.79 -8.69
C LEU A 24 6.45 -1.96 -8.92
N LYS A 25 5.65 -1.90 -9.99
CA LYS A 25 4.71 -2.97 -10.31
C LYS A 25 5.45 -4.27 -10.65
N ALA A 26 6.68 -4.14 -11.16
CA ALA A 26 7.50 -5.30 -11.53
C ALA A 26 8.37 -5.76 -10.36
N THR A 27 8.77 -4.82 -9.50
CA THR A 27 9.62 -5.15 -8.34
C THR A 27 8.83 -5.92 -7.28
N PHE A 28 7.52 -5.64 -7.18
CA PHE A 28 6.67 -6.31 -6.20
C PHE A 28 6.07 -7.59 -6.80
N SER A 29 6.91 -8.62 -6.92
CA SER A 29 6.48 -9.91 -7.45
C SER A 29 5.60 -10.67 -6.46
N GLY A 30 5.75 -10.35 -5.17
CA GLY A 30 4.95 -10.99 -4.14
C GLY A 30 3.56 -10.37 -3.99
N PHE A 31 3.38 -9.17 -4.54
CA PHE A 31 2.10 -8.47 -4.47
C PHE A 31 1.29 -8.70 -5.75
N THR A 32 1.90 -8.40 -6.90
CA THR A 32 1.23 -8.58 -8.19
C THR A 32 0.72 -10.01 -8.37
N LYS A 33 1.44 -10.99 -7.81
CA LYS A 33 1.02 -12.39 -7.90
C LYS A 33 -0.32 -12.59 -7.21
N GLU A 34 -0.58 -11.79 -6.17
CA GLU A 34 -1.82 -11.86 -5.44
C GLU A 34 -2.90 -11.04 -6.16
N GLN A 35 -2.49 -9.89 -6.69
CA GLN A 35 -3.41 -8.99 -7.40
C GLN A 35 -4.05 -9.70 -8.59
N GLN A 36 -3.36 -10.68 -9.16
CA GLN A 36 -3.90 -11.44 -10.29
C GLN A 36 -4.79 -12.58 -9.81
N ARG A 37 -4.42 -13.21 -8.70
CA ARG A 37 -5.18 -14.32 -8.12
C ARG A 37 -6.55 -13.85 -7.64
N LEU A 38 -6.59 -12.69 -6.99
CA LEU A 38 -7.84 -12.13 -6.45
C LEU A 38 -8.42 -11.05 -7.36
N GLY A 39 -7.57 -10.35 -8.10
CA GLY A 39 -8.03 -9.29 -8.98
C GLY A 39 -7.86 -7.90 -8.37
N ILE A 40 -7.20 -7.84 -7.20
CA ILE A 40 -6.95 -6.57 -6.51
C ILE A 40 -6.31 -5.54 -7.43
N PRO A 41 -6.98 -4.40 -7.66
CA PRO A 41 -6.47 -3.33 -8.53
C PRO A 41 -5.17 -2.71 -7.99
N LYS A 42 -4.49 -1.94 -8.83
CA LYS A 42 -3.24 -1.29 -8.44
C LYS A 42 -3.49 0.17 -8.03
N ASP A 43 -4.59 0.41 -7.30
CA ASP A 43 -4.94 1.75 -6.86
C ASP A 43 -5.83 1.71 -5.61
N PRO A 44 -5.43 2.40 -4.53
CA PRO A 44 -6.18 2.44 -3.28
C PRO A 44 -7.51 3.18 -3.39
N ARG A 45 -7.54 4.26 -4.17
CA ARG A 45 -8.76 5.04 -4.36
C ARG A 45 -9.85 4.18 -5.01
N GLN A 46 -9.43 3.27 -5.88
CA GLN A 46 -10.36 2.36 -6.57
C GLN A 46 -10.40 0.99 -5.89
N TRP A 47 -10.42 1.01 -4.55
CA TRP A 47 -10.47 -0.22 -3.76
C TRP A 47 -11.72 -0.24 -2.89
N THR A 48 -12.00 -1.39 -2.27
CA THR A 48 -13.15 -1.50 -1.38
C THR A 48 -12.74 -2.21 -0.08
N GLU A 49 -13.70 -2.41 0.83
CA GLU A 49 -13.42 -3.06 2.11
C GLU A 49 -12.65 -4.37 1.93
N THR A 50 -13.04 -5.18 0.96
CA THR A 50 -12.38 -6.45 0.69
C THR A 50 -10.93 -6.25 0.28
N HIS A 51 -10.70 -5.36 -0.69
CA HIS A 51 -9.34 -5.08 -1.18
C HIS A 51 -8.46 -4.52 -0.06
N VAL A 52 -9.04 -3.62 0.75
CA VAL A 52 -8.32 -3.01 1.87
C VAL A 52 -7.90 -4.06 2.90
N ARG A 53 -8.89 -4.80 3.39
CA ARG A 53 -8.66 -5.85 4.39
C ARG A 53 -7.78 -6.96 3.84
N ASP A 54 -8.10 -7.45 2.63
CA ASP A 54 -7.32 -8.52 2.03
C ASP A 54 -5.87 -8.08 1.82
N TRP A 55 -5.68 -6.85 1.34
CA TRP A 55 -4.34 -6.32 1.12
C TRP A 55 -3.57 -6.29 2.44
N VAL A 56 -4.07 -5.48 3.39
CA VAL A 56 -3.47 -5.39 4.72
C VAL A 56 -3.06 -6.78 5.22
N MET A 57 -3.99 -7.74 5.13
CA MET A 57 -3.73 -9.12 5.55
C MET A 57 -2.54 -9.70 4.80
N TRP A 58 -2.51 -9.49 3.49
CA TRP A 58 -1.41 -9.96 2.65
C TRP A 58 -0.08 -9.38 3.11
N ALA A 59 -0.08 -8.11 3.53
CA ALA A 59 1.13 -7.44 4.01
C ALA A 59 1.54 -7.98 5.39
N VAL A 60 0.60 -8.59 6.10
CA VAL A 60 0.87 -9.16 7.42
C VAL A 60 1.52 -10.54 7.28
N ASN A 61 1.16 -11.25 6.20
CA ASN A 61 1.70 -12.58 5.93
C ASN A 61 3.05 -12.49 5.21
N GLU A 62 3.18 -11.48 4.33
CA GLU A 62 4.42 -11.29 3.57
C GLU A 62 5.53 -10.73 4.47
N PHE A 63 5.17 -9.80 5.36
CA PHE A 63 6.14 -9.19 6.27
C PHE A 63 6.02 -9.76 7.69
N SER A 64 5.24 -10.85 7.85
CA SER A 64 5.03 -11.48 9.16
C SER A 64 4.82 -10.42 10.25
N LEU A 65 3.89 -9.50 10.01
CA LEU A 65 3.60 -8.42 10.96
C LEU A 65 2.69 -8.92 12.08
N LYS A 66 2.50 -8.08 13.10
CA LYS A 66 1.66 -8.43 14.24
C LYS A 66 1.13 -7.17 14.93
N GLY A 67 0.05 -7.34 15.71
CA GLY A 67 -0.55 -6.23 16.42
C GLY A 67 -1.47 -5.38 15.56
N VAL A 68 -1.50 -5.64 14.25
CA VAL A 68 -2.35 -4.87 13.34
C VAL A 68 -3.80 -5.37 13.40
N ASP A 69 -4.73 -4.44 13.53
CA ASP A 69 -6.16 -4.78 13.60
C ASP A 69 -6.85 -4.47 12.28
N PHE A 70 -7.75 -5.38 11.88
CA PHE A 70 -8.49 -5.23 10.62
C PHE A 70 -9.79 -4.44 10.83
N GLN A 71 -10.34 -4.46 12.05
CA GLN A 71 -11.57 -3.72 12.36
C GLN A 71 -11.33 -2.22 12.14
N LYS A 72 -10.08 -1.78 12.37
CA LYS A 72 -9.69 -0.39 12.18
C LYS A 72 -9.72 -0.01 10.70
N PHE A 73 -9.37 -0.97 9.84
CA PHE A 73 -9.35 -0.74 8.39
C PHE A 73 -10.60 -1.34 7.72
N CYS A 74 -11.72 -1.34 8.45
CA CYS A 74 -12.97 -1.89 7.91
C CYS A 74 -13.69 -0.83 7.07
N MET A 75 -13.08 -0.48 5.94
CA MET A 75 -13.64 0.53 5.03
C MET A 75 -13.10 0.35 3.61
N SER A 76 -13.71 1.05 2.66
CA SER A 76 -13.29 0.97 1.27
C SER A 76 -11.97 1.71 1.04
N GLY A 77 -11.31 1.38 -0.07
CA GLY A 77 -10.03 2.00 -0.39
C GLY A 77 -10.12 3.52 -0.46
N ALA A 78 -11.16 4.03 -1.12
CA ALA A 78 -11.37 5.47 -1.25
C ALA A 78 -11.34 6.15 0.12
N ALA A 79 -11.92 5.47 1.12
CA ALA A 79 -11.96 5.99 2.49
C ALA A 79 -10.58 5.90 3.14
N LEU A 80 -9.93 4.75 2.95
CA LEU A 80 -8.60 4.51 3.51
C LEU A 80 -7.60 5.57 3.05
N CYS A 81 -7.60 5.87 1.74
CA CYS A 81 -6.71 6.88 1.18
C CYS A 81 -7.08 8.28 1.68
N ALA A 82 -8.39 8.53 1.80
CA ALA A 82 -8.90 9.82 2.26
C ALA A 82 -8.52 10.08 3.72
N LEU A 83 -8.27 9.01 4.49
CA LEU A 83 -7.90 9.11 5.90
C LEU A 83 -6.52 9.75 6.08
N GLY A 84 -5.63 9.53 5.10
CA GLY A 84 -4.28 10.07 5.19
C GLY A 84 -3.39 9.28 6.12
N LYS A 85 -2.10 9.63 6.14
CA LYS A 85 -1.12 8.95 7.00
C LYS A 85 -1.52 9.05 8.48
N GLU A 86 -1.89 10.26 8.91
CA GLU A 86 -2.29 10.50 10.30
C GLU A 86 -3.32 9.47 10.78
N CYS A 87 -4.50 9.48 10.17
CA CYS A 87 -5.58 8.56 10.55
C CYS A 87 -5.16 7.10 10.35
N PHE A 88 -4.46 6.80 9.25
CA PHE A 88 -4.02 5.44 8.96
C PHE A 88 -3.10 4.90 10.06
N LEU A 89 -2.13 5.73 10.47
CA LEU A 89 -1.19 5.34 11.53
C LEU A 89 -1.91 5.17 12.86
N GLU A 90 -3.01 5.89 13.05
CA GLU A 90 -3.81 5.78 14.27
C GLU A 90 -4.60 4.47 14.29
N LEU A 91 -4.80 3.88 13.10
CA LEU A 91 -5.55 2.62 12.98
C LEU A 91 -4.64 1.39 13.16
N ALA A 92 -3.39 1.51 12.69
CA ALA A 92 -2.43 0.40 12.79
C ALA A 92 -1.29 0.73 13.75
N PRO A 93 -0.59 -0.31 14.25
CA PRO A 93 0.54 -0.13 15.18
C PRO A 93 1.64 0.77 14.62
N ASP A 94 2.60 1.09 15.50
CA ASP A 94 3.74 1.97 15.17
C ASP A 94 4.63 1.44 14.03
N PHE A 95 4.56 0.14 13.72
CA PHE A 95 5.43 -0.40 12.66
C PHE A 95 4.68 -0.77 11.39
N VAL A 96 3.60 -1.54 11.50
CA VAL A 96 2.82 -1.95 10.32
C VAL A 96 2.20 -0.75 9.60
N GLY A 97 1.82 0.27 10.38
CA GLY A 97 1.22 1.47 9.80
C GLY A 97 2.10 2.10 8.73
N ASP A 98 3.41 2.11 8.95
CA ASP A 98 4.35 2.68 8.00
C ASP A 98 4.43 1.83 6.72
N ILE A 99 4.57 0.52 6.90
CA ILE A 99 4.65 -0.41 5.77
C ILE A 99 3.42 -0.30 4.87
N LEU A 100 2.25 -0.47 5.47
CA LEU A 100 0.99 -0.43 4.73
C LEU A 100 0.79 0.91 4.00
N TRP A 101 0.77 2.02 4.74
CA TRP A 101 0.57 3.33 4.11
C TRP A 101 1.68 3.68 3.12
N GLU A 102 2.89 3.15 3.31
CA GLU A 102 3.99 3.44 2.37
C GLU A 102 3.72 2.75 1.03
N HIS A 103 3.46 1.44 1.09
CA HIS A 103 3.15 0.67 -0.12
C HIS A 103 1.81 1.11 -0.71
N LEU A 104 0.89 1.48 0.18
CA LEU A 104 -0.44 1.96 -0.22
C LEU A 104 -0.31 3.26 -0.99
N GLU A 105 0.61 4.12 -0.53
CA GLU A 105 0.85 5.41 -1.18
C GLU A 105 1.46 5.19 -2.56
N ILE A 106 2.20 4.09 -2.71
CA ILE A 106 2.82 3.74 -3.99
C ILE A 106 1.75 3.37 -5.02
N LEU A 107 0.68 2.73 -4.56
CA LEU A 107 -0.42 2.33 -5.43
C LEU A 107 -1.20 3.54 -5.95
N GLN A 108 -1.44 4.53 -5.07
CA GLN A 108 -2.17 5.73 -5.45
C GLN A 108 -1.37 6.60 -6.43
N LYS A 109 -0.09 6.84 -6.13
CA LYS A 109 0.77 7.65 -7.00
C LYS A 109 0.85 7.07 -8.42
N GLU A 110 0.57 5.77 -8.55
CA GLU A 110 0.60 5.09 -9.85
C GLU A 110 -0.26 5.82 -10.88
N ASP A 111 -1.44 6.27 -10.46
CA ASP A 111 -2.37 6.98 -11.34
C ASP A 111 -2.93 8.23 -10.66
N VAL A 112 -3.91 8.87 -11.30
CA VAL A 112 -4.52 10.07 -10.74
C VAL A 112 -5.79 9.74 -9.95
N LYS A 113 -6.73 9.07 -10.60
CA LYS A 113 -7.99 8.70 -9.96
C LYS A 113 -7.90 7.30 -9.34
N HIS A 3 -5.57 10.93 -17.29
CA HIS A 3 -6.27 10.65 -16.01
C HIS A 3 -7.55 9.83 -16.22
N MET A 4 -8.24 10.06 -17.36
CA MET A 4 -9.48 9.35 -17.68
C MET A 4 -10.60 9.74 -16.72
N GLU A 5 -10.62 9.14 -15.54
CA GLU A 5 -11.64 9.44 -14.53
C GLU A 5 -11.02 10.08 -13.30
N CYS A 6 -10.05 9.37 -12.69
CA CYS A 6 -9.36 9.87 -11.51
C CYS A 6 -8.07 10.57 -11.90
N ALA A 7 -7.86 11.77 -11.33
CA ALA A 7 -6.66 12.56 -11.61
C ALA A 7 -5.38 11.77 -11.33
N ASP A 8 -4.36 12.01 -12.15
CA ASP A 8 -3.08 11.32 -12.00
C ASP A 8 -2.44 11.63 -10.64
N VAL A 9 -2.37 10.62 -9.78
CA VAL A 9 -1.80 10.77 -8.44
C VAL A 9 -0.27 10.97 -8.52
N PRO A 10 0.21 12.16 -8.13
CA PRO A 10 1.64 12.48 -8.14
C PRO A 10 2.32 12.17 -6.81
N LEU A 11 3.50 11.54 -6.88
CA LEU A 11 4.25 11.20 -5.68
C LEU A 11 5.74 11.00 -6.00
N LEU A 12 6.03 9.95 -6.75
CA LEU A 12 7.41 9.63 -7.15
C LEU A 12 7.43 8.67 -8.34
N PRO A 14 9.36 9.39 -11.63
CA PRO A 14 10.24 10.05 -12.60
C PRO A 14 10.64 9.13 -13.75
N SER A 15 11.46 9.65 -14.67
CA SER A 15 11.92 8.87 -15.82
C SER A 15 13.32 8.30 -15.55
N LYS A 17 15.24 9.04 -13.04
CA LYS A 17 15.35 8.79 -11.60
C LYS A 17 14.61 7.51 -11.20
N GLU A 18 13.69 7.05 -12.06
CA GLU A 18 12.90 5.84 -11.79
C GLU A 18 13.79 4.62 -11.54
N MET A 19 15.03 4.65 -12.04
CA MET A 19 15.97 3.53 -11.87
C MET A 19 16.17 3.20 -10.39
N MET A 20 16.06 4.21 -9.52
CA MET A 20 16.21 4.03 -8.08
C MET A 20 15.01 3.30 -7.48
N SER A 21 13.80 3.66 -7.97
CA SER A 21 12.57 3.04 -7.49
C SER A 21 12.46 1.58 -7.94
N GLN A 22 13.10 1.26 -9.07
CA GLN A 22 13.10 -0.10 -9.62
C GLN A 22 13.33 -1.15 -8.53
N ALA A 23 14.41 -0.99 -7.76
CA ALA A 23 14.75 -1.91 -6.69
C ALA A 23 13.62 -2.04 -5.68
N LEU A 24 13.05 -0.89 -5.27
CA LEU A 24 11.95 -0.87 -4.31
C LEU A 24 10.71 -1.55 -4.89
N LYS A 25 10.43 -1.30 -6.17
CA LYS A 25 9.28 -1.88 -6.85
C LYS A 25 9.39 -3.41 -6.90
N ALA A 26 10.59 -3.92 -7.17
CA ALA A 26 10.83 -5.35 -7.23
C ALA A 26 10.38 -6.06 -5.95
N THR A 27 10.57 -5.38 -4.81
CA THR A 27 10.18 -5.92 -3.51
C THR A 27 8.66 -6.14 -3.43
N PHE A 28 7.90 -5.26 -4.09
CA PHE A 28 6.45 -5.36 -4.09
C PHE A 28 5.92 -6.34 -5.15
N SER A 29 6.81 -7.15 -5.74
CA SER A 29 6.41 -8.13 -6.75
C SER A 29 5.55 -9.22 -6.13
N GLY A 30 5.62 -9.37 -4.80
CA GLY A 30 4.83 -10.37 -4.11
C GLY A 30 3.36 -9.96 -3.97
N PHE A 31 3.02 -8.77 -4.46
CA PHE A 31 1.66 -8.26 -4.38
C PHE A 31 0.91 -8.57 -5.68
N THR A 32 1.56 -8.32 -6.81
CA THR A 32 0.95 -8.57 -8.12
C THR A 32 0.54 -10.04 -8.26
N LYS A 33 1.35 -10.94 -7.71
CA LYS A 33 1.04 -12.38 -7.76
C LYS A 33 -0.26 -12.68 -7.01
N GLU A 34 -0.51 -11.92 -5.96
CA GLU A 34 -1.72 -12.09 -5.15
C GLU A 34 -2.89 -11.35 -5.80
N GLN A 35 -2.62 -10.16 -6.35
CA GLN A 35 -3.65 -9.35 -7.01
C GLN A 35 -4.32 -10.11 -8.15
N GLN A 36 -3.61 -11.05 -8.76
CA GLN A 36 -4.17 -11.85 -9.85
C GLN A 36 -4.95 -13.04 -9.31
N ARG A 37 -4.49 -13.61 -8.20
CA ARG A 37 -5.15 -14.76 -7.58
C ARG A 37 -6.45 -14.35 -6.89
N LEU A 38 -6.48 -13.14 -6.34
CA LEU A 38 -7.66 -12.62 -5.64
C LEU A 38 -8.45 -11.65 -6.51
N GLY A 39 -7.76 -10.92 -7.41
CA GLY A 39 -8.41 -9.96 -8.27
C GLY A 39 -8.27 -8.53 -7.77
N ILE A 40 -7.61 -8.35 -6.61
CA ILE A 40 -7.41 -7.03 -6.02
C ILE A 40 -6.71 -6.09 -7.01
N PRO A 41 -7.34 -4.95 -7.33
CA PRO A 41 -6.79 -3.95 -8.26
C PRO A 41 -5.55 -3.26 -7.69
N LYS A 42 -4.95 -2.38 -8.48
CA LYS A 42 -3.76 -1.63 -8.04
C LYS A 42 -4.09 -0.16 -7.78
N ASP A 43 -5.33 0.09 -7.34
CA ASP A 43 -5.78 1.46 -7.07
C ASP A 43 -6.38 1.57 -5.66
N PRO A 44 -5.58 2.07 -4.69
CA PRO A 44 -6.03 2.23 -3.30
C PRO A 44 -7.21 3.19 -3.16
N ARG A 45 -7.34 4.14 -4.10
CA ARG A 45 -8.43 5.09 -4.06
C ARG A 45 -9.71 4.43 -4.61
N GLN A 46 -9.54 3.61 -5.64
CA GLN A 46 -10.66 2.89 -6.25
C GLN A 46 -10.76 1.47 -5.68
N TRP A 47 -10.53 1.34 -4.37
CA TRP A 47 -10.59 0.06 -3.68
C TRP A 47 -11.85 0.00 -2.80
N THR A 48 -12.09 -1.17 -2.18
CA THR A 48 -13.23 -1.32 -1.29
C THR A 48 -12.81 -2.06 -0.02
N GLU A 49 -13.74 -2.28 0.90
CA GLU A 49 -13.44 -2.96 2.16
C GLU A 49 -12.68 -4.26 1.94
N THR A 50 -13.11 -5.05 0.95
CA THR A 50 -12.46 -6.33 0.65
C THR A 50 -11.00 -6.13 0.20
N HIS A 51 -10.80 -5.27 -0.79
CA HIS A 51 -9.45 -5.00 -1.32
C HIS A 51 -8.53 -4.46 -0.21
N VAL A 52 -9.08 -3.59 0.63
CA VAL A 52 -8.33 -3.00 1.75
C VAL A 52 -7.90 -4.09 2.73
N ARG A 53 -8.87 -4.89 3.15
CA ARG A 53 -8.63 -5.99 4.10
C ARG A 53 -7.71 -7.05 3.52
N ASP A 54 -8.06 -7.56 2.33
CA ASP A 54 -7.26 -8.58 1.67
C ASP A 54 -5.82 -8.12 1.47
N TRP A 55 -5.64 -6.82 1.21
CA TRP A 55 -4.29 -6.28 1.03
C TRP A 55 -3.55 -6.26 2.36
N VAL A 56 -4.08 -5.50 3.33
CA VAL A 56 -3.51 -5.42 4.67
C VAL A 56 -3.07 -6.80 5.16
N MET A 57 -4.00 -7.75 5.14
CA MET A 57 -3.72 -9.13 5.57
C MET A 57 -2.54 -9.71 4.79
N TRP A 58 -2.56 -9.55 3.46
CA TRP A 58 -1.49 -10.04 2.59
C TRP A 58 -0.13 -9.47 3.04
N ALA A 59 -0.12 -8.21 3.46
CA ALA A 59 1.10 -7.55 3.91
C ALA A 59 1.56 -8.08 5.27
N VAL A 60 0.65 -8.71 6.00
CA VAL A 60 0.96 -9.28 7.31
C VAL A 60 1.69 -10.61 7.17
N ASN A 61 1.32 -11.38 6.14
CA ASN A 61 1.95 -12.67 5.88
C ASN A 61 3.24 -12.52 5.08
N GLU A 62 3.28 -11.51 4.20
CA GLU A 62 4.46 -11.26 3.37
C GLU A 62 5.59 -10.62 4.20
N PHE A 63 5.22 -9.69 5.07
CA PHE A 63 6.20 -8.99 5.92
C PHE A 63 6.18 -9.53 7.36
N SER A 64 5.42 -10.60 7.60
CA SER A 64 5.31 -11.19 8.95
C SER A 64 5.11 -10.09 9.99
N LEU A 65 4.07 -9.28 9.80
CA LEU A 65 3.77 -8.17 10.70
C LEU A 65 3.00 -8.65 11.93
N LYS A 66 2.78 -7.74 12.89
CA LYS A 66 2.07 -8.07 14.11
C LYS A 66 1.41 -6.83 14.73
N GLY A 67 0.26 -7.04 15.37
CA GLY A 67 -0.46 -5.95 16.01
C GLY A 67 -1.37 -5.19 15.07
N VAL A 68 -1.33 -5.50 13.77
CA VAL A 68 -2.18 -4.83 12.79
C VAL A 68 -3.63 -5.25 12.94
N ASP A 69 -4.52 -4.26 13.05
CA ASP A 69 -5.94 -4.52 13.20
C ASP A 69 -6.68 -4.40 11.87
N PHE A 70 -7.46 -5.42 11.54
CA PHE A 70 -8.24 -5.43 10.31
C PHE A 70 -9.58 -4.73 10.52
N GLN A 71 -10.07 -4.72 11.76
CA GLN A 71 -11.33 -4.05 12.09
C GLN A 71 -11.19 -2.54 11.86
N LYS A 72 -9.98 -2.03 12.11
CA LYS A 72 -9.66 -0.62 11.92
C LYS A 72 -9.71 -0.25 10.43
N PHE A 73 -9.32 -1.19 9.56
CA PHE A 73 -9.31 -0.96 8.12
C PHE A 73 -10.56 -1.52 7.45
N CYS A 74 -11.69 -1.49 8.15
CA CYS A 74 -12.95 -1.99 7.61
C CYS A 74 -13.68 -0.87 6.87
N MET A 75 -13.11 -0.45 5.75
CA MET A 75 -13.68 0.62 4.93
C MET A 75 -13.17 0.55 3.50
N SER A 76 -13.81 1.31 2.61
CA SER A 76 -13.43 1.33 1.20
C SER A 76 -12.11 2.09 1.00
N GLY A 77 -11.45 1.81 -0.12
CA GLY A 77 -10.18 2.46 -0.43
C GLY A 77 -10.28 3.97 -0.44
N ALA A 78 -11.34 4.49 -1.05
CA ALA A 78 -11.57 5.94 -1.12
C ALA A 78 -11.51 6.56 0.28
N ALA A 79 -12.06 5.84 1.27
CA ALA A 79 -12.05 6.30 2.65
C ALA A 79 -10.65 6.25 3.24
N LEU A 80 -9.96 5.12 3.00
CA LEU A 80 -8.60 4.90 3.49
C LEU A 80 -7.65 6.02 3.01
N CYS A 81 -7.74 6.34 1.71
CA CYS A 81 -6.90 7.40 1.14
C CYS A 81 -7.26 8.76 1.73
N ALA A 82 -8.56 9.00 1.92
CA ALA A 82 -9.05 10.26 2.49
C ALA A 82 -8.61 10.42 3.95
N LEU A 83 -8.38 9.30 4.63
CA LEU A 83 -7.96 9.31 6.03
C LEU A 83 -6.57 9.94 6.22
N GLY A 84 -5.68 9.68 5.27
CA GLY A 84 -4.33 10.22 5.35
C GLY A 84 -3.42 9.36 6.21
N LYS A 85 -2.13 9.69 6.23
CA LYS A 85 -1.14 8.95 7.01
C LYS A 85 -1.47 8.97 8.51
N GLU A 86 -1.77 10.16 9.04
CA GLU A 86 -2.10 10.31 10.46
C GLU A 86 -3.23 9.36 10.89
N CYS A 87 -4.34 9.36 10.15
CA CYS A 87 -5.47 8.49 10.47
C CYS A 87 -5.12 7.02 10.26
N PHE A 88 -4.37 6.73 9.19
CA PHE A 88 -3.96 5.37 8.88
C PHE A 88 -3.06 4.82 9.97
N LEU A 89 -2.12 5.64 10.44
CA LEU A 89 -1.20 5.24 11.51
C LEU A 89 -1.95 5.01 12.82
N GLU A 90 -3.12 5.65 12.96
CA GLU A 90 -3.94 5.48 14.15
C GLU A 90 -4.72 4.16 14.08
N LEU A 91 -4.91 3.65 12.86
CA LEU A 91 -5.62 2.39 12.64
C LEU A 91 -4.69 1.19 12.81
N ALA A 92 -3.44 1.34 12.37
CA ALA A 92 -2.44 0.28 12.47
C ALA A 92 -1.39 0.59 13.54
N PRO A 93 -0.71 -0.44 14.07
CA PRO A 93 0.34 -0.27 15.09
C PRO A 93 1.45 0.68 14.66
N ASP A 94 2.38 0.93 15.58
CA ASP A 94 3.51 1.83 15.35
C ASP A 94 4.47 1.35 14.25
N PHE A 95 4.40 0.06 13.87
CA PHE A 95 5.32 -0.43 12.84
C PHE A 95 4.63 -0.72 11.50
N VAL A 96 3.62 -1.57 11.51
CA VAL A 96 2.91 -1.94 10.28
C VAL A 96 2.27 -0.71 9.60
N GLY A 97 1.84 0.26 10.41
CA GLY A 97 1.23 1.46 9.86
C GLY A 97 2.11 2.16 8.83
N ASP A 98 3.43 2.09 9.05
CA ASP A 98 4.39 2.71 8.13
C ASP A 98 4.51 1.91 6.84
N ILE A 99 4.72 0.59 6.98
CA ILE A 99 4.86 -0.30 5.82
C ILE A 99 3.64 -0.21 4.91
N LEU A 100 2.47 -0.50 5.49
CA LEU A 100 1.21 -0.48 4.74
C LEU A 100 1.01 0.83 4.00
N TRP A 101 1.00 1.96 4.70
CA TRP A 101 0.81 3.27 4.06
C TRP A 101 1.93 3.56 3.05
N GLU A 102 3.13 3.07 3.29
CA GLU A 102 4.24 3.30 2.37
C GLU A 102 3.92 2.68 1.00
N HIS A 103 3.62 1.38 1.00
CA HIS A 103 3.28 0.66 -0.23
C HIS A 103 1.90 1.10 -0.73
N LEU A 104 1.01 1.44 0.21
CA LEU A 104 -0.34 1.89 -0.11
C LEU A 104 -0.31 3.14 -0.98
N GLU A 105 0.49 4.14 -0.56
CA GLU A 105 0.61 5.38 -1.31
C GLU A 105 1.27 5.13 -2.66
N ILE A 106 2.19 4.18 -2.69
CA ILE A 106 2.89 3.81 -3.93
C ILE A 106 1.90 3.29 -4.97
N LEU A 107 0.92 2.52 -4.51
CA LEU A 107 -0.12 1.98 -5.39
C LEU A 107 -0.97 3.10 -5.98
N GLN A 108 -1.19 4.16 -5.19
CA GLN A 108 -1.99 5.31 -5.63
C GLN A 108 -1.31 6.04 -6.79
N LYS A 109 -0.05 6.44 -6.57
CA LYS A 109 0.73 7.16 -7.60
C LYS A 109 0.83 6.34 -8.89
N GLU A 110 0.99 5.03 -8.75
CA GLU A 110 1.11 4.13 -9.89
C GLU A 110 -0.17 4.12 -10.74
N ASP A 111 -1.30 3.86 -10.08
CA ASP A 111 -2.59 3.81 -10.78
C ASP A 111 -3.17 5.21 -10.96
N VAL A 112 -3.24 5.65 -12.22
CA VAL A 112 -3.78 6.97 -12.56
C VAL A 112 -4.99 6.85 -13.49
N LYS A 113 -5.83 5.86 -13.23
CA LYS A 113 -7.02 5.62 -14.04
C LYS A 113 -8.28 6.17 -13.36
N HIS A 3 26.63 15.81 9.12
CA HIS A 3 25.47 14.98 9.52
C HIS A 3 25.19 13.90 8.48
N MET A 4 25.00 14.32 7.22
CA MET A 4 24.71 13.41 6.10
C MET A 4 23.28 12.87 6.19
N GLU A 5 23.01 12.03 7.18
CA GLU A 5 21.68 11.44 7.37
C GLU A 5 21.51 10.93 8.81
N CYS A 6 20.27 10.65 9.19
CA CYS A 6 19.97 10.15 10.52
C CYS A 6 20.14 8.63 10.57
N ALA A 7 21.38 8.18 10.34
CA ALA A 7 21.69 6.75 10.34
C ALA A 7 23.21 6.53 10.36
N ASP A 8 23.91 7.23 9.47
CA ASP A 8 25.37 7.13 9.37
C ASP A 8 25.99 8.49 9.11
N VAL A 9 27.12 8.75 9.76
CA VAL A 9 27.84 10.01 9.61
C VAL A 9 28.65 10.02 8.33
N PRO A 10 28.96 11.23 7.79
CA PRO A 10 29.73 11.37 6.55
C PRO A 10 31.13 10.79 6.68
N LEU A 11 31.32 9.60 6.08
CA LEU A 11 32.61 8.90 6.12
C LEU A 11 32.51 7.55 5.41
N LEU A 12 31.45 6.80 5.71
CA LEU A 12 31.22 5.49 5.11
C LEU A 12 30.56 5.64 3.74
N PRO A 14 27.51 3.77 2.59
CA PRO A 14 26.29 2.94 2.62
C PRO A 14 25.29 3.35 1.55
N SER A 15 24.53 2.38 1.04
CA SER A 15 23.53 2.65 -0.01
C SER A 15 22.12 2.66 0.58
N LYS A 17 19.74 4.66 -0.14
CA LYS A 17 18.79 4.86 -1.25
C LYS A 17 18.38 3.52 -1.86
N GLU A 18 19.35 2.62 -2.01
CA GLU A 18 19.10 1.30 -2.58
C GLU A 18 18.34 0.41 -1.60
N MET A 19 18.68 0.54 -0.31
CA MET A 19 18.02 -0.25 0.74
C MET A 19 16.55 0.17 0.91
N MET A 20 16.32 1.48 0.91
CA MET A 20 14.96 2.01 1.06
C MET A 20 14.05 1.55 -0.08
N SER A 21 14.56 1.60 -1.30
CA SER A 21 13.79 1.19 -2.47
C SER A 21 13.69 -0.34 -2.56
N GLN A 22 14.70 -1.03 -2.00
CA GLN A 22 14.73 -2.49 -2.00
C GLN A 22 13.40 -3.09 -1.54
N ALA A 23 12.88 -2.59 -0.42
CA ALA A 23 11.61 -3.06 0.13
C ALA A 23 10.46 -2.84 -0.86
N LEU A 24 10.41 -1.65 -1.47
CA LEU A 24 9.37 -1.32 -2.44
C LEU A 24 9.42 -2.26 -3.64
N LYS A 25 10.63 -2.51 -4.15
CA LYS A 25 10.83 -3.39 -5.29
C LYS A 25 10.37 -4.82 -4.98
N ALA A 26 10.70 -5.29 -3.78
CA ALA A 26 10.31 -6.64 -3.35
C ALA A 26 8.80 -6.78 -3.22
N THR A 27 8.14 -5.70 -2.77
CA THR A 27 6.69 -5.70 -2.60
C THR A 27 5.96 -5.81 -3.94
N PHE A 28 6.43 -5.05 -4.93
CA PHE A 28 5.82 -5.04 -6.27
C PHE A 28 5.55 -6.45 -6.77
N SER A 29 6.61 -7.26 -6.92
CA SER A 29 6.47 -8.64 -7.40
C SER A 29 5.58 -9.47 -6.47
N GLY A 30 5.73 -9.27 -5.16
CA GLY A 30 4.94 -10.02 -4.19
C GLY A 30 3.49 -9.55 -4.13
N PHE A 31 3.18 -8.44 -4.79
CA PHE A 31 1.82 -7.90 -4.81
C PHE A 31 1.11 -8.25 -6.12
N THR A 32 1.85 -8.20 -7.23
CA THR A 32 1.28 -8.51 -8.54
C THR A 32 0.86 -9.98 -8.62
N LYS A 33 1.47 -10.84 -7.79
CA LYS A 33 1.14 -12.26 -7.77
C LYS A 33 -0.20 -12.50 -7.08
N GLU A 34 -0.48 -11.72 -6.03
CA GLU A 34 -1.73 -11.84 -5.30
C GLU A 34 -2.84 -11.06 -6.00
N GLN A 35 -2.48 -9.95 -6.65
CA GLN A 35 -3.45 -9.13 -7.37
C GLN A 35 -4.13 -9.91 -8.50
N GLN A 36 -3.41 -10.89 -9.05
CA GLN A 36 -3.97 -11.72 -10.13
C GLN A 36 -4.77 -12.90 -9.57
N ARG A 37 -4.28 -13.49 -8.49
CA ARG A 37 -4.95 -14.62 -7.85
C ARG A 37 -6.22 -14.18 -7.12
N LEU A 38 -6.20 -12.97 -6.58
CA LEU A 38 -7.33 -12.41 -5.85
C LEU A 38 -8.16 -11.46 -6.72
N GLY A 39 -7.50 -10.73 -7.61
CA GLY A 39 -8.18 -9.78 -8.47
C GLY A 39 -8.04 -8.34 -7.99
N ILE A 40 -7.41 -8.16 -6.82
CA ILE A 40 -7.19 -6.84 -6.23
C ILE A 40 -6.55 -5.87 -7.24
N PRO A 41 -7.23 -4.73 -7.51
CA PRO A 41 -6.75 -3.72 -8.46
C PRO A 41 -5.43 -3.06 -8.00
N LYS A 42 -4.85 -2.25 -8.89
CA LYS A 42 -3.60 -1.56 -8.59
C LYS A 42 -3.85 -0.16 -8.01
N ASP A 43 -5.11 0.31 -8.11
CA ASP A 43 -5.48 1.64 -7.60
C ASP A 43 -6.25 1.52 -6.28
N PRO A 44 -5.73 2.17 -5.22
CA PRO A 44 -6.37 2.15 -3.89
C PRO A 44 -7.70 2.88 -3.84
N ARG A 45 -7.91 3.84 -4.75
CA ARG A 45 -9.17 4.59 -4.79
C ARG A 45 -10.32 3.71 -5.27
N GLN A 46 -10.03 2.76 -6.15
CA GLN A 46 -11.05 1.85 -6.67
C GLN A 46 -11.11 0.56 -5.86
N TRP A 47 -10.67 0.62 -4.60
CA TRP A 47 -10.69 -0.54 -3.71
C TRP A 47 -11.92 -0.49 -2.81
N THR A 48 -12.18 -1.59 -2.10
CA THR A 48 -13.31 -1.65 -1.18
C THR A 48 -12.88 -2.32 0.12
N GLU A 49 -13.83 -2.55 1.02
CA GLU A 49 -13.52 -3.18 2.32
C GLU A 49 -12.77 -4.50 2.11
N THR A 50 -13.14 -5.24 1.07
CA THR A 50 -12.50 -6.52 0.77
C THR A 50 -11.05 -6.32 0.32
N HIS A 51 -10.84 -5.47 -0.68
CA HIS A 51 -9.49 -5.20 -1.19
C HIS A 51 -8.59 -4.61 -0.10
N VAL A 52 -9.16 -3.72 0.72
CA VAL A 52 -8.44 -3.09 1.82
C VAL A 52 -8.02 -4.11 2.87
N ARG A 53 -9.00 -4.89 3.33
CA ARG A 53 -8.77 -5.92 4.35
C ARG A 53 -7.90 -7.06 3.82
N ASP A 54 -8.24 -7.57 2.63
CA ASP A 54 -7.46 -8.65 2.04
C ASP A 54 -6.01 -8.21 1.78
N TRP A 55 -5.83 -6.92 1.44
CA TRP A 55 -4.50 -6.40 1.19
C TRP A 55 -3.69 -6.38 2.49
N VAL A 56 -4.14 -5.57 3.45
CA VAL A 56 -3.49 -5.49 4.76
C VAL A 56 -3.13 -6.89 5.28
N MET A 57 -4.07 -7.83 5.18
CA MET A 57 -3.83 -9.21 5.60
C MET A 57 -2.65 -9.80 4.86
N TRP A 58 -2.64 -9.64 3.52
CA TRP A 58 -1.57 -10.12 2.68
C TRP A 58 -0.23 -9.51 3.08
N ALA A 59 -0.26 -8.21 3.45
CA ALA A 59 0.95 -7.51 3.86
C ALA A 59 1.45 -8.00 5.23
N VAL A 60 0.54 -8.61 6.00
CA VAL A 60 0.88 -9.14 7.33
C VAL A 60 1.53 -10.51 7.20
N ASN A 61 1.12 -11.27 6.18
CA ASN A 61 1.67 -12.60 5.94
C ASN A 61 3.00 -12.53 5.18
N GLU A 62 3.11 -11.57 4.25
CA GLU A 62 4.32 -11.40 3.46
C GLU A 62 5.44 -10.79 4.31
N PHE A 63 5.09 -9.85 5.18
CA PHE A 63 6.07 -9.19 6.05
C PHE A 63 6.03 -9.75 7.48
N SER A 64 5.24 -10.80 7.72
CA SER A 64 5.11 -11.39 9.05
C SER A 64 4.95 -10.31 10.12
N LEU A 65 3.93 -9.47 9.94
CA LEU A 65 3.66 -8.37 10.87
C LEU A 65 2.82 -8.85 12.06
N LYS A 66 2.65 -7.96 13.04
CA LYS A 66 1.86 -8.29 14.23
C LYS A 66 1.32 -7.03 14.91
N GLY A 67 0.21 -7.18 15.62
CA GLY A 67 -0.40 -6.06 16.32
C GLY A 67 -1.34 -5.23 15.44
N VAL A 68 -1.39 -5.52 14.14
CA VAL A 68 -2.26 -4.79 13.23
C VAL A 68 -3.70 -5.25 13.35
N ASP A 69 -4.62 -4.28 13.45
CA ASP A 69 -6.04 -4.59 13.57
C ASP A 69 -6.76 -4.37 12.25
N PHE A 70 -7.63 -5.31 11.88
CA PHE A 70 -8.38 -5.24 10.63
C PHE A 70 -9.69 -4.48 10.80
N GLN A 71 -10.21 -4.43 12.04
CA GLN A 71 -11.44 -3.69 12.32
C GLN A 71 -11.23 -2.19 12.05
N LYS A 72 -9.99 -1.73 12.27
CA LYS A 72 -9.62 -0.34 12.03
C LYS A 72 -9.65 -0.02 10.53
N PHE A 73 -9.27 -1.00 9.71
CA PHE A 73 -9.25 -0.82 8.26
C PHE A 73 -10.48 -1.44 7.59
N CYS A 74 -11.62 -1.38 8.29
CA CYS A 74 -12.87 -1.93 7.78
C CYS A 74 -13.63 -0.86 6.99
N MET A 75 -13.08 -0.49 5.83
CA MET A 75 -13.70 0.53 4.98
C MET A 75 -13.23 0.39 3.53
N SER A 76 -13.87 1.15 2.64
CA SER A 76 -13.53 1.12 1.22
C SER A 76 -12.19 1.82 0.96
N GLY A 77 -11.59 1.51 -0.20
CA GLY A 77 -10.32 2.10 -0.57
C GLY A 77 -10.36 3.62 -0.58
N ALA A 78 -11.38 4.17 -1.25
CA ALA A 78 -11.54 5.63 -1.34
C ALA A 78 -11.48 6.27 0.06
N ALA A 79 -12.06 5.59 1.04
CA ALA A 79 -12.06 6.08 2.42
C ALA A 79 -10.67 6.01 3.03
N LEU A 80 -10.00 4.87 2.83
CA LEU A 80 -8.64 4.67 3.34
C LEU A 80 -7.69 5.75 2.84
N CYS A 81 -7.77 6.07 1.54
CA CYS A 81 -6.92 7.10 0.95
C CYS A 81 -7.26 8.48 1.52
N ALA A 82 -8.55 8.74 1.71
CA ALA A 82 -9.02 10.02 2.26
C ALA A 82 -8.53 10.22 3.69
N LEU A 83 -8.38 9.13 4.44
CA LEU A 83 -7.91 9.19 5.83
C LEU A 83 -6.52 9.80 5.94
N GLY A 84 -5.66 9.48 4.96
CA GLY A 84 -4.29 10.00 4.98
C GLY A 84 -3.38 9.20 5.89
N LYS A 85 -2.09 9.56 5.88
CA LYS A 85 -1.09 8.89 6.71
C LYS A 85 -1.43 8.97 8.20
N GLU A 86 -1.64 10.19 8.70
CA GLU A 86 -1.96 10.41 10.11
C GLU A 86 -3.08 9.49 10.61
N CYS A 87 -4.20 9.46 9.89
CA CYS A 87 -5.34 8.61 10.28
C CYS A 87 -5.00 7.13 10.13
N PHE A 88 -4.33 6.76 9.04
CA PHE A 88 -3.96 5.37 8.78
C PHE A 88 -3.01 4.85 9.87
N LEU A 89 -2.01 5.66 10.23
CA LEU A 89 -1.05 5.28 11.26
C LEU A 89 -1.74 5.12 12.62
N GLU A 90 -2.82 5.88 12.84
CA GLU A 90 -3.59 5.78 14.08
C GLU A 90 -4.39 4.48 14.13
N LEU A 91 -4.68 3.91 12.96
CA LEU A 91 -5.43 2.66 12.86
C LEU A 91 -4.53 1.44 13.05
N ALA A 92 -3.29 1.54 12.57
CA ALA A 92 -2.33 0.43 12.68
C ALA A 92 -1.28 0.71 13.75
N PRO A 93 -0.62 -0.35 14.27
CA PRO A 93 0.41 -0.21 15.31
C PRO A 93 1.57 0.69 14.88
N ASP A 94 2.50 0.89 15.81
CA ASP A 94 3.67 1.75 15.58
C ASP A 94 4.62 1.21 14.50
N PHE A 95 4.48 -0.06 14.10
CA PHE A 95 5.39 -0.61 13.08
C PHE A 95 4.71 -0.84 11.73
N VAL A 96 3.67 -1.67 11.72
CA VAL A 96 2.96 -1.99 10.47
C VAL A 96 2.38 -0.74 9.80
N GLY A 97 1.99 0.25 10.60
CA GLY A 97 1.43 1.48 10.05
C GLY A 97 2.34 2.13 9.01
N ASP A 98 3.65 1.99 9.20
CA ASP A 98 4.62 2.56 8.27
C ASP A 98 4.68 1.77 6.96
N ILE A 99 4.74 0.43 7.08
CA ILE A 99 4.80 -0.44 5.91
C ILE A 99 3.55 -0.32 5.05
N LEU A 100 2.40 -0.65 5.65
CA LEU A 100 1.11 -0.62 4.96
C LEU A 100 0.89 0.71 4.23
N TRP A 101 0.95 1.83 4.96
CA TRP A 101 0.74 3.15 4.33
C TRP A 101 1.84 3.44 3.30
N GLU A 102 3.06 2.99 3.54
CA GLU A 102 4.15 3.22 2.58
C GLU A 102 3.75 2.67 1.21
N HIS A 103 3.40 1.39 1.18
CA HIS A 103 2.98 0.73 -0.07
C HIS A 103 1.61 1.24 -0.50
N LEU A 104 0.76 1.59 0.48
CA LEU A 104 -0.58 2.11 0.21
C LEU A 104 -0.52 3.35 -0.68
N GLU A 105 0.38 4.28 -0.34
CA GLU A 105 0.52 5.51 -1.12
C GLU A 105 1.15 5.20 -2.47
N ILE A 106 2.02 4.19 -2.51
CA ILE A 106 2.68 3.78 -3.75
C ILE A 106 1.65 3.32 -4.78
N LEU A 107 0.62 2.61 -4.31
CA LEU A 107 -0.46 2.14 -5.19
C LEU A 107 -1.17 3.31 -5.86
N GLN A 108 -1.26 4.43 -5.13
CA GLN A 108 -1.91 5.64 -5.65
C GLN A 108 -1.12 6.23 -6.81
N LYS A 109 0.15 6.54 -6.56
CA LYS A 109 1.02 7.11 -7.59
C LYS A 109 1.28 6.12 -8.74
N GLU A 110 1.31 4.83 -8.42
CA GLU A 110 1.54 3.78 -9.41
C GLU A 110 0.34 3.61 -10.34
N ASP A 111 -0.86 3.73 -9.78
CA ASP A 111 -2.09 3.59 -10.55
C ASP A 111 -3.22 4.40 -9.92
N VAL A 112 -3.65 5.44 -10.63
CA VAL A 112 -4.73 6.32 -10.16
C VAL A 112 -6.09 5.83 -10.64
N LYS A 113 -6.12 5.14 -11.78
CA LYS A 113 -7.37 4.61 -12.35
C LYS A 113 -7.79 3.32 -11.64
N HIS A 3 -2.10 29.33 -36.25
CA HIS A 3 -3.18 28.51 -35.63
C HIS A 3 -4.38 28.39 -36.57
N MET A 4 -5.02 29.52 -36.86
CA MET A 4 -6.19 29.57 -37.74
C MET A 4 -7.37 28.81 -37.13
N GLU A 5 -7.39 27.48 -37.30
CA GLU A 5 -8.46 26.65 -36.77
C GLU A 5 -7.93 25.29 -36.32
N CYS A 6 -7.92 25.07 -35.00
CA CYS A 6 -7.45 23.81 -34.41
C CYS A 6 -6.00 23.50 -34.81
N ALA A 7 -5.06 24.00 -34.02
CA ALA A 7 -3.64 23.79 -34.28
C ALA A 7 -3.06 22.79 -33.28
N ASP A 8 -3.15 21.50 -33.60
CA ASP A 8 -2.64 20.44 -32.73
C ASP A 8 -2.24 19.20 -33.54
N VAL A 9 -1.27 18.44 -33.02
CA VAL A 9 -0.79 17.23 -33.67
C VAL A 9 -0.71 16.07 -32.68
N PRO A 10 -1.77 15.25 -32.58
CA PRO A 10 -1.81 14.09 -31.67
C PRO A 10 -0.72 13.07 -32.00
N LEU A 11 0.07 12.72 -31.00
CA LEU A 11 1.15 11.75 -31.18
C LEU A 11 1.34 10.88 -29.93
N LEU A 12 1.67 9.61 -30.14
CA LEU A 12 1.89 8.68 -29.05
C LEU A 12 3.29 8.86 -28.45
N PRO A 14 5.37 7.71 -24.70
CA PRO A 14 5.42 7.10 -23.37
C PRO A 14 5.91 8.07 -22.30
N SER A 15 5.66 7.75 -21.04
CA SER A 15 6.08 8.60 -19.92
C SER A 15 6.61 7.77 -18.75
N LYS A 17 5.59 7.51 -15.94
CA LYS A 17 4.48 6.89 -15.23
C LYS A 17 4.11 5.54 -15.86
N GLU A 18 4.13 5.49 -17.20
CA GLU A 18 3.81 4.27 -17.93
C GLU A 18 4.78 3.14 -17.57
N MET A 19 6.05 3.50 -17.41
CA MET A 19 7.10 2.54 -17.07
C MET A 19 7.18 2.32 -15.55
N MET A 20 6.78 3.33 -14.78
CA MET A 20 6.82 3.24 -13.32
C MET A 20 6.04 2.03 -12.80
N SER A 21 4.89 1.74 -13.42
CA SER A 21 4.09 0.60 -13.00
C SER A 21 4.78 -0.71 -13.39
N GLN A 22 5.40 -0.71 -14.57
CA GLN A 22 6.14 -1.87 -15.06
C GLN A 22 7.16 -2.35 -14.04
N ALA A 23 7.95 -1.40 -13.53
CA ALA A 23 8.99 -1.71 -12.53
C ALA A 23 8.38 -1.96 -11.15
N LEU A 24 7.34 -1.20 -10.80
CA LEU A 24 6.67 -1.34 -9.51
C LEU A 24 6.09 -2.76 -9.34
N LYS A 25 5.44 -3.25 -10.38
CA LYS A 25 4.85 -4.58 -10.37
C LYS A 25 5.93 -5.67 -10.45
N ALA A 26 7.05 -5.35 -11.13
CA ALA A 26 8.15 -6.29 -11.26
C ALA A 26 8.92 -6.43 -9.94
N THR A 27 8.99 -5.34 -9.18
CA THR A 27 9.68 -5.35 -7.89
C THR A 27 8.80 -5.99 -6.82
N PHE A 28 7.50 -5.72 -6.89
CA PHE A 28 6.53 -6.28 -5.94
C PHE A 28 5.85 -7.51 -6.56
N SER A 29 6.64 -8.56 -6.79
CA SER A 29 6.13 -9.80 -7.37
C SER A 29 5.19 -10.54 -6.41
N GLY A 30 5.35 -10.30 -5.11
CA GLY A 30 4.50 -10.95 -4.13
C GLY A 30 3.12 -10.31 -4.04
N PHE A 31 3.00 -9.08 -4.53
CA PHE A 31 1.73 -8.36 -4.50
C PHE A 31 0.99 -8.48 -5.83
N THR A 32 1.69 -8.23 -6.93
CA THR A 32 1.11 -8.32 -8.27
C THR A 32 0.57 -9.72 -8.55
N LYS A 33 1.27 -10.74 -8.05
CA LYS A 33 0.82 -12.12 -8.23
C LYS A 33 -0.49 -12.36 -7.48
N GLU A 34 -0.67 -11.66 -6.36
CA GLU A 34 -1.89 -11.77 -5.56
C GLU A 34 -3.07 -11.17 -6.33
N GLN A 35 -2.81 -10.07 -7.04
CA GLN A 35 -3.84 -9.39 -7.84
C GLN A 35 -4.42 -10.33 -8.90
N GLN A 36 -3.63 -11.33 -9.30
CA GLN A 36 -4.07 -12.30 -10.31
C GLN A 36 -4.91 -13.42 -9.69
N ARG A 37 -4.81 -13.59 -8.37
CA ARG A 37 -5.55 -14.64 -7.67
C ARG A 37 -6.93 -14.16 -7.24
N LEU A 38 -7.00 -12.92 -6.74
CA LEU A 38 -8.26 -12.34 -6.27
C LEU A 38 -8.79 -11.26 -7.22
N GLY A 39 -7.90 -10.63 -7.99
CA GLY A 39 -8.32 -9.59 -8.91
C GLY A 39 -8.12 -8.18 -8.34
N ILE A 40 -7.39 -8.09 -7.22
CA ILE A 40 -7.13 -6.81 -6.58
C ILE A 40 -6.57 -5.78 -7.58
N PRO A 41 -7.22 -4.60 -7.67
CA PRO A 41 -6.80 -3.54 -8.58
C PRO A 41 -5.40 -3.01 -8.25
N LYS A 42 -4.85 -2.19 -9.14
CA LYS A 42 -3.52 -1.63 -8.95
C LYS A 42 -3.59 -0.20 -8.39
N ASP A 43 -4.52 0.03 -7.46
CA ASP A 43 -4.69 1.36 -6.85
C ASP A 43 -5.69 1.31 -5.69
N PRO A 44 -5.28 1.81 -4.51
CA PRO A 44 -6.12 1.85 -3.30
C PRO A 44 -7.38 2.68 -3.50
N ARG A 45 -7.26 3.83 -4.17
CA ARG A 45 -8.43 4.69 -4.41
C ARG A 45 -9.59 3.91 -5.05
N GLN A 46 -9.25 2.96 -5.93
CA GLN A 46 -10.25 2.13 -6.59
C GLN A 46 -10.40 0.76 -5.91
N TRP A 47 -10.28 0.75 -4.57
CA TRP A 47 -10.41 -0.48 -3.79
C TRP A 47 -11.66 -0.43 -2.92
N THR A 48 -11.94 -1.54 -2.23
CA THR A 48 -13.09 -1.60 -1.33
C THR A 48 -12.67 -2.26 -0.01
N GLU A 49 -13.63 -2.47 0.89
CA GLU A 49 -13.34 -3.10 2.19
C GLU A 49 -12.58 -4.42 2.01
N THR A 50 -12.93 -5.18 0.98
CA THR A 50 -12.28 -6.46 0.71
C THR A 50 -10.83 -6.27 0.27
N HIS A 51 -10.62 -5.44 -0.76
CA HIS A 51 -9.27 -5.18 -1.28
C HIS A 51 -8.37 -4.57 -0.21
N VAL A 52 -8.92 -3.63 0.56
CA VAL A 52 -8.19 -2.97 1.63
C VAL A 52 -7.70 -3.97 2.67
N ARG A 53 -8.64 -4.77 3.18
CA ARG A 53 -8.33 -5.77 4.20
C ARG A 53 -7.49 -6.91 3.64
N ASP A 54 -7.86 -7.42 2.46
CA ASP A 54 -7.12 -8.52 1.85
C ASP A 54 -5.65 -8.12 1.64
N TRP A 55 -5.42 -6.86 1.30
CA TRP A 55 -4.06 -6.37 1.11
C TRP A 55 -3.37 -6.31 2.46
N VAL A 56 -3.93 -5.51 3.38
CA VAL A 56 -3.40 -5.41 4.75
C VAL A 56 -3.00 -6.78 5.28
N MET A 57 -3.96 -7.72 5.25
CA MET A 57 -3.72 -9.09 5.72
C MET A 57 -2.52 -9.71 5.00
N TRP A 58 -2.48 -9.53 3.68
CA TRP A 58 -1.40 -10.05 2.86
C TRP A 58 -0.04 -9.47 3.30
N ALA A 59 -0.05 -8.21 3.74
CA ALA A 59 1.17 -7.54 4.19
C ALA A 59 1.55 -8.01 5.60
N VAL A 60 0.59 -8.58 6.32
CA VAL A 60 0.83 -9.08 7.68
C VAL A 60 1.45 -10.48 7.64
N ASN A 61 1.07 -11.27 6.63
CA ASN A 61 1.59 -12.63 6.47
C ASN A 61 2.88 -12.62 5.64
N GLU A 62 2.95 -11.71 4.66
CA GLU A 62 4.11 -11.60 3.79
C GLU A 62 5.29 -10.96 4.52
N PHE A 63 4.99 -9.92 5.32
CA PHE A 63 6.03 -9.23 6.09
C PHE A 63 6.06 -9.67 7.56
N SER A 64 5.27 -10.71 7.89
CA SER A 64 5.21 -11.23 9.26
C SER A 64 5.07 -10.09 10.27
N LEU A 65 4.02 -9.27 10.09
CA LEU A 65 3.78 -8.13 10.97
C LEU A 65 3.00 -8.55 12.21
N LYS A 66 2.84 -7.62 13.16
CA LYS A 66 2.11 -7.90 14.40
C LYS A 66 1.46 -6.63 14.98
N GLY A 67 0.36 -6.83 15.71
CA GLY A 67 -0.35 -5.71 16.31
C GLY A 67 -1.34 -5.03 15.37
N VAL A 68 -1.39 -5.48 14.11
CA VAL A 68 -2.29 -4.89 13.12
C VAL A 68 -3.72 -5.39 13.31
N ASP A 69 -4.67 -4.47 13.24
CA ASP A 69 -6.09 -4.80 13.40
C ASP A 69 -6.85 -4.59 12.10
N PHE A 70 -7.74 -5.53 11.78
CA PHE A 70 -8.53 -5.45 10.56
C PHE A 70 -9.83 -4.66 10.81
N GLN A 71 -10.28 -4.63 12.06
CA GLN A 71 -11.49 -3.87 12.42
C GLN A 71 -11.27 -2.39 12.12
N LYS A 72 -10.03 -1.93 12.28
CA LYS A 72 -9.66 -0.55 12.01
C LYS A 72 -9.68 -0.25 10.51
N PHE A 73 -9.33 -1.25 9.70
CA PHE A 73 -9.30 -1.09 8.24
C PHE A 73 -10.58 -1.65 7.59
N CYS A 74 -11.71 -1.54 8.29
CA CYS A 74 -12.98 -2.02 7.76
C CYS A 74 -13.67 -0.92 6.94
N MET A 75 -13.05 -0.56 5.82
CA MET A 75 -13.57 0.48 4.94
C MET A 75 -13.02 0.31 3.52
N SER A 76 -13.63 1.03 2.57
CA SER A 76 -13.20 0.97 1.18
C SER A 76 -11.87 1.70 0.96
N GLY A 77 -11.20 1.38 -0.14
CA GLY A 77 -9.92 1.99 -0.45
C GLY A 77 -10.01 3.51 -0.55
N ALA A 78 -11.07 4.00 -1.20
CA ALA A 78 -11.27 5.44 -1.36
C ALA A 78 -11.25 6.14 0.00
N ALA A 79 -11.87 5.50 1.00
CA ALA A 79 -11.91 6.06 2.36
C ALA A 79 -10.53 5.99 3.00
N LEU A 80 -9.85 4.85 2.83
CA LEU A 80 -8.52 4.64 3.37
C LEU A 80 -7.55 5.73 2.90
N CYS A 81 -7.61 6.06 1.61
CA CYS A 81 -6.75 7.09 1.04
C CYS A 81 -7.09 8.47 1.61
N ALA A 82 -8.40 8.74 1.74
CA ALA A 82 -8.88 10.01 2.27
C ALA A 82 -8.47 10.20 3.73
N LEU A 83 -8.29 9.08 4.45
CA LEU A 83 -7.88 9.12 5.86
C LEU A 83 -6.50 9.73 6.04
N GLY A 84 -5.60 9.46 5.09
CA GLY A 84 -4.24 9.98 5.17
C GLY A 84 -3.37 9.20 6.13
N LYS A 85 -2.10 9.59 6.24
CA LYS A 85 -1.15 8.94 7.12
C LYS A 85 -1.60 8.99 8.58
N GLU A 86 -1.89 10.19 9.06
CA GLU A 86 -2.33 10.39 10.45
C GLU A 86 -3.41 9.40 10.87
N CYS A 87 -4.47 9.29 10.08
CA CYS A 87 -5.57 8.38 10.38
C CYS A 87 -5.16 6.91 10.20
N PHE A 88 -4.41 6.63 9.14
CA PHE A 88 -3.96 5.27 8.85
C PHE A 88 -3.07 4.74 9.98
N LEU A 89 -2.11 5.57 10.43
CA LEU A 89 -1.21 5.18 11.50
C LEU A 89 -1.96 4.99 12.82
N GLU A 90 -3.11 5.67 12.96
CA GLU A 90 -3.95 5.53 14.15
C GLU A 90 -4.73 4.21 14.10
N LEU A 91 -4.90 3.66 12.89
CA LEU A 91 -5.61 2.40 12.68
C LEU A 91 -4.67 1.20 12.85
N ALA A 92 -3.45 1.33 12.35
CA ALA A 92 -2.45 0.26 12.43
C ALA A 92 -1.40 0.56 13.50
N PRO A 93 -0.71 -0.47 14.00
CA PRO A 93 0.33 -0.32 15.03
C PRO A 93 1.47 0.61 14.61
N ASP A 94 2.37 0.86 15.55
CA ASP A 94 3.52 1.75 15.33
C ASP A 94 4.48 1.25 14.24
N PHE A 95 4.40 -0.02 13.84
CA PHE A 95 5.32 -0.54 12.83
C PHE A 95 4.65 -0.78 11.47
N VAL A 96 3.58 -1.57 11.45
CA VAL A 96 2.88 -1.87 10.19
C VAL A 96 2.31 -0.61 9.54
N GLY A 97 1.87 0.35 10.37
CA GLY A 97 1.31 1.58 9.85
C GLY A 97 2.23 2.29 8.87
N ASP A 98 3.54 2.21 9.12
CA ASP A 98 4.54 2.83 8.26
C ASP A 98 4.71 2.04 6.96
N ILE A 99 4.78 0.72 7.07
CA ILE A 99 4.95 -0.16 5.92
C ILE A 99 3.76 -0.07 4.96
N LEU A 100 2.57 -0.33 5.49
CA LEU A 100 1.34 -0.31 4.70
C LEU A 100 1.09 1.05 4.03
N TRP A 101 0.98 2.12 4.81
CA TRP A 101 0.71 3.45 4.25
C TRP A 101 1.81 3.91 3.28
N GLU A 102 3.06 3.49 3.51
CA GLU A 102 4.14 3.90 2.61
C GLU A 102 3.90 3.30 1.21
N HIS A 103 3.70 1.98 1.16
CA HIS A 103 3.44 1.30 -0.10
C HIS A 103 2.06 1.69 -0.64
N LEU A 104 1.13 1.97 0.29
CA LEU A 104 -0.23 2.39 -0.06
C LEU A 104 -0.19 3.64 -0.92
N GLU A 105 0.62 4.63 -0.51
CA GLU A 105 0.75 5.87 -1.25
C GLU A 105 1.32 5.61 -2.64
N ILE A 106 2.31 4.72 -2.69
CA ILE A 106 2.96 4.33 -3.94
C ILE A 106 1.91 3.82 -4.94
N LEU A 107 0.99 2.99 -4.43
CA LEU A 107 -0.09 2.44 -5.24
C LEU A 107 -1.00 3.55 -5.77
N GLN A 108 -1.30 4.52 -4.90
CA GLN A 108 -2.17 5.66 -5.27
C GLN A 108 -1.60 6.39 -6.49
N LYS A 109 -0.30 6.65 -6.47
CA LYS A 109 0.38 7.35 -7.57
C LYS A 109 0.24 6.59 -8.88
N GLU A 110 0.36 5.26 -8.82
CA GLU A 110 0.26 4.43 -10.00
C GLU A 110 -1.10 3.74 -10.09
N ASP A 111 -2.10 4.46 -10.61
CA ASP A 111 -3.45 3.92 -10.76
C ASP A 111 -3.49 2.96 -11.94
N VAL A 112 -2.95 3.40 -13.08
CA VAL A 112 -2.92 2.59 -14.29
C VAL A 112 -1.48 2.22 -14.65
N LYS A 113 -1.30 1.49 -15.76
CA LYS A 113 0.03 1.09 -16.20
C LYS A 113 0.82 2.30 -16.70
N HIS A 3 -2.04 18.74 10.98
CA HIS A 3 -3.43 18.52 10.53
C HIS A 3 -3.47 17.91 9.13
N MET A 4 -4.19 16.79 9.01
CA MET A 4 -4.32 16.08 7.74
C MET A 4 -2.94 15.77 7.15
N GLU A 5 -2.20 14.88 7.81
CA GLU A 5 -0.86 14.48 7.36
C GLU A 5 -0.91 13.22 6.52
N CYS A 6 -0.11 13.19 5.45
CA CYS A 6 -0.06 12.03 4.56
C CYS A 6 1.34 11.86 3.96
N ALA A 7 1.73 12.81 3.11
CA ALA A 7 3.05 12.77 2.47
C ALA A 7 4.02 13.73 3.13
N ASP A 8 4.92 13.19 3.96
CA ASP A 8 5.91 14.00 4.65
C ASP A 8 7.27 13.32 4.62
N VAL A 9 7.98 13.47 3.50
CA VAL A 9 9.30 12.88 3.33
C VAL A 9 10.38 13.94 3.14
N PRO A 10 11.45 13.90 3.96
CA PRO A 10 12.56 14.85 3.88
C PRO A 10 13.50 14.57 2.70
N LEU A 11 14.42 15.51 2.46
CA LEU A 11 15.39 15.36 1.36
C LEU A 11 16.66 14.67 1.85
N LEU A 12 16.64 13.34 1.86
CA LEU A 12 17.78 12.55 2.29
C LEU A 12 17.59 11.07 1.93
N PRO A 14 19.73 8.08 3.06
CA PRO A 14 20.76 7.31 3.78
C PRO A 14 20.58 5.81 3.62
N SER A 15 21.47 5.03 4.25
CA SER A 15 21.42 3.57 4.16
C SER A 15 20.05 3.03 4.60
N LYS A 17 17.20 4.45 4.68
CA LYS A 17 16.16 4.82 3.72
C LYS A 17 16.27 4.00 2.44
N GLU A 18 17.50 3.76 1.98
CA GLU A 18 17.75 2.98 0.78
C GLU A 18 17.23 1.55 0.93
N MET A 19 17.41 0.97 2.11
CA MET A 19 16.95 -0.39 2.38
C MET A 19 15.46 -0.42 2.73
N MET A 20 14.97 0.68 3.32
CA MET A 20 13.56 0.79 3.71
C MET A 20 12.64 0.63 2.50
N SER A 21 12.94 1.37 1.43
CA SER A 21 12.12 1.31 0.21
C SER A 21 12.45 0.07 -0.61
N GLN A 22 13.69 -0.42 -0.48
CA GLN A 22 14.14 -1.60 -1.20
C GLN A 22 13.14 -2.76 -1.06
N ALA A 23 12.73 -3.04 0.19
CA ALA A 23 11.78 -4.10 0.47
C ALA A 23 10.40 -3.78 -0.10
N LEU A 24 9.94 -2.54 0.07
CA LEU A 24 8.63 -2.13 -0.43
C LEU A 24 8.55 -2.26 -1.96
N LYS A 25 9.62 -1.86 -2.64
CA LYS A 25 9.69 -1.95 -4.10
C LYS A 25 9.64 -3.41 -4.57
N ALA A 26 10.15 -4.33 -3.72
CA ALA A 26 10.17 -5.75 -4.05
C ALA A 26 8.79 -6.39 -3.89
N THR A 27 7.98 -5.86 -2.97
CA THR A 27 6.62 -6.38 -2.72
C THR A 27 5.78 -6.42 -4.00
N PHE A 28 6.08 -5.52 -4.94
CA PHE A 28 5.36 -5.42 -6.22
C PHE A 28 5.12 -6.80 -6.83
N SER A 29 6.20 -7.57 -7.06
CA SER A 29 6.07 -8.91 -7.65
C SER A 29 5.24 -9.83 -6.77
N GLY A 30 5.41 -9.73 -5.44
CA GLY A 30 4.65 -10.55 -4.52
C GLY A 30 3.22 -10.06 -4.33
N PHE A 31 2.91 -8.88 -4.88
CA PHE A 31 1.57 -8.31 -4.77
C PHE A 31 0.75 -8.64 -6.01
N THR A 32 1.34 -8.46 -7.19
CA THR A 32 0.67 -8.74 -8.45
C THR A 32 0.20 -10.20 -8.51
N LYS A 33 0.99 -11.12 -7.93
CA LYS A 33 0.62 -12.53 -7.91
C LYS A 33 -0.67 -12.73 -7.10
N GLU A 34 -0.85 -11.90 -6.08
CA GLU A 34 -2.04 -11.95 -5.24
C GLU A 34 -3.20 -11.22 -5.90
N GLN A 35 -2.90 -10.06 -6.51
CA GLN A 35 -3.91 -9.25 -7.19
C GLN A 35 -4.57 -10.02 -8.33
N GLN A 36 -3.87 -10.99 -8.90
CA GLN A 36 -4.42 -11.80 -10.00
C GLN A 36 -5.22 -12.98 -9.45
N ARG A 37 -4.73 -13.59 -8.37
CA ARG A 37 -5.42 -14.73 -7.75
C ARG A 37 -6.71 -14.30 -7.07
N LEU A 38 -6.73 -13.08 -6.52
CA LEU A 38 -7.90 -12.54 -5.83
C LEU A 38 -8.70 -11.59 -6.72
N GLY A 39 -7.99 -10.85 -7.57
CA GLY A 39 -8.65 -9.89 -8.45
C GLY A 39 -8.50 -8.45 -7.97
N ILE A 40 -7.85 -8.26 -6.82
CA ILE A 40 -7.64 -6.93 -6.23
C ILE A 40 -6.99 -5.98 -7.25
N PRO A 41 -7.61 -4.81 -7.48
CA PRO A 41 -7.10 -3.82 -8.43
C PRO A 41 -5.77 -3.21 -7.98
N LYS A 42 -5.18 -2.39 -8.84
CA LYS A 42 -3.90 -1.74 -8.55
C LYS A 42 -4.11 -0.35 -7.93
N ASP A 43 -5.31 0.22 -8.10
CA ASP A 43 -5.61 1.54 -7.56
C ASP A 43 -6.27 1.44 -6.19
N PRO A 44 -5.65 2.05 -5.17
CA PRO A 44 -6.17 2.05 -3.78
C PRO A 44 -7.48 2.83 -3.64
N ARG A 45 -7.70 3.83 -4.49
CA ARG A 45 -8.94 4.62 -4.45
C ARG A 45 -10.12 3.80 -4.95
N GLN A 46 -9.86 2.92 -5.93
CA GLN A 46 -10.89 2.06 -6.50
C GLN A 46 -10.91 0.70 -5.79
N TRP A 47 -10.77 0.73 -4.47
CA TRP A 47 -10.80 -0.48 -3.66
C TRP A 47 -12.02 -0.50 -2.75
N THR A 48 -12.25 -1.64 -2.09
CA THR A 48 -13.37 -1.76 -1.16
C THR A 48 -12.91 -2.42 0.14
N GLU A 49 -13.84 -2.62 1.07
CA GLU A 49 -13.49 -3.24 2.36
C GLU A 49 -12.71 -4.54 2.15
N THR A 50 -13.10 -5.32 1.13
CA THR A 50 -12.44 -6.58 0.83
C THR A 50 -11.00 -6.35 0.35
N HIS A 51 -10.84 -5.55 -0.71
CA HIS A 51 -9.51 -5.26 -1.26
C HIS A 51 -8.59 -4.64 -0.20
N VAL A 52 -9.16 -3.76 0.62
CA VAL A 52 -8.41 -3.10 1.68
C VAL A 52 -7.85 -4.10 2.69
N ARG A 53 -8.72 -5.00 3.18
CA ARG A 53 -8.33 -6.00 4.17
C ARG A 53 -7.50 -7.11 3.52
N ASP A 54 -7.88 -7.54 2.32
CA ASP A 54 -7.13 -8.59 1.63
C ASP A 54 -5.69 -8.16 1.39
N TRP A 55 -5.49 -6.86 1.11
CA TRP A 55 -4.14 -6.34 0.90
C TRP A 55 -3.42 -6.29 2.24
N VAL A 56 -3.96 -5.51 3.19
CA VAL A 56 -3.39 -5.42 4.53
C VAL A 56 -2.93 -6.79 5.04
N MET A 57 -3.84 -7.76 4.99
CA MET A 57 -3.54 -9.13 5.42
C MET A 57 -2.33 -9.68 4.67
N TRP A 58 -2.35 -9.49 3.35
CA TRP A 58 -1.25 -9.95 2.50
C TRP A 58 0.07 -9.27 2.89
N ALA A 59 -0.01 -7.98 3.22
CA ALA A 59 1.18 -7.21 3.62
C ALA A 59 1.70 -7.68 4.99
N VAL A 60 0.81 -8.32 5.77
CA VAL A 60 1.16 -8.84 7.08
C VAL A 60 1.88 -10.18 6.93
N ASN A 61 1.55 -10.91 5.86
CA ASN A 61 2.18 -12.21 5.57
C ASN A 61 3.53 -12.02 4.88
N GLU A 62 3.62 -10.99 4.04
CA GLU A 62 4.86 -10.69 3.30
C GLU A 62 5.93 -10.15 4.24
N PHE A 63 5.52 -9.29 5.17
CA PHE A 63 6.45 -8.70 6.14
C PHE A 63 6.33 -9.35 7.52
N SER A 64 5.53 -10.42 7.62
CA SER A 64 5.32 -11.12 8.90
C SER A 64 5.11 -10.11 10.03
N LEU A 65 4.13 -9.22 9.84
CA LEU A 65 3.83 -8.19 10.82
C LEU A 65 2.96 -8.74 11.95
N LYS A 66 2.72 -7.91 12.97
CA LYS A 66 1.91 -8.31 14.12
C LYS A 66 1.31 -7.09 14.83
N GLY A 67 0.15 -7.31 15.47
CA GLY A 67 -0.51 -6.23 16.20
C GLY A 67 -1.44 -5.39 15.32
N VAL A 68 -1.42 -5.60 14.01
CA VAL A 68 -2.28 -4.84 13.10
C VAL A 68 -3.72 -5.33 13.15
N ASP A 69 -4.66 -4.39 13.21
CA ASP A 69 -6.07 -4.73 13.28
C ASP A 69 -6.76 -4.49 11.93
N PHE A 70 -7.64 -5.42 11.55
CA PHE A 70 -8.37 -5.31 10.28
C PHE A 70 -9.69 -4.56 10.47
N GLN A 71 -10.25 -4.60 11.67
CA GLN A 71 -11.50 -3.89 11.96
C GLN A 71 -11.29 -2.39 11.75
N LYS A 72 -10.06 -1.92 12.00
CA LYS A 72 -9.70 -0.52 11.82
C LYS A 72 -9.77 -0.12 10.35
N PHE A 73 -9.39 -1.05 9.47
CA PHE A 73 -9.41 -0.79 8.03
C PHE A 73 -10.64 -1.40 7.35
N CYS A 74 -11.77 -1.41 8.08
CA CYS A 74 -13.01 -1.95 7.54
C CYS A 74 -13.76 -0.86 6.77
N MET A 75 -13.21 -0.49 5.62
CA MET A 75 -13.81 0.55 4.77
C MET A 75 -13.29 0.44 3.34
N SER A 76 -13.90 1.22 2.44
CA SER A 76 -13.51 1.21 1.03
C SER A 76 -12.16 1.91 0.83
N GLY A 77 -11.52 1.61 -0.29
CA GLY A 77 -10.23 2.21 -0.60
C GLY A 77 -10.29 3.72 -0.62
N ALA A 78 -11.33 4.27 -1.24
CA ALA A 78 -11.52 5.72 -1.32
C ALA A 78 -11.47 6.35 0.08
N ALA A 79 -12.04 5.64 1.06
CA ALA A 79 -12.05 6.12 2.44
C ALA A 79 -10.66 6.05 3.06
N LEU A 80 -9.98 4.91 2.84
CA LEU A 80 -8.63 4.69 3.37
C LEU A 80 -7.67 5.77 2.86
N CYS A 81 -7.72 6.05 1.56
CA CYS A 81 -6.86 7.07 0.95
C CYS A 81 -7.18 8.46 1.53
N ALA A 82 -8.48 8.71 1.75
CA ALA A 82 -8.93 9.98 2.30
C ALA A 82 -8.45 10.17 3.74
N LEU A 83 -8.33 9.06 4.47
CA LEU A 83 -7.87 9.09 5.87
C LEU A 83 -6.45 9.63 5.98
N GLY A 84 -5.60 9.34 4.98
CA GLY A 84 -4.22 9.80 5.00
C GLY A 84 -3.36 9.02 5.96
N LYS A 85 -2.07 9.35 6.00
CA LYS A 85 -1.13 8.67 6.89
C LYS A 85 -1.50 8.89 8.36
N GLU A 86 -1.90 10.12 8.68
CA GLU A 86 -2.30 10.48 10.04
C GLU A 86 -3.33 9.51 10.59
N CYS A 87 -4.51 9.47 9.97
CA CYS A 87 -5.58 8.59 10.42
C CYS A 87 -5.20 7.11 10.26
N PHE A 88 -4.48 6.78 9.18
CA PHE A 88 -4.06 5.41 8.93
C PHE A 88 -3.13 4.91 10.04
N LEU A 89 -2.14 5.74 10.43
CA LEU A 89 -1.21 5.39 11.49
C LEU A 89 -1.94 5.24 12.82
N GLU A 90 -3.03 5.99 12.99
CA GLU A 90 -3.84 5.92 14.21
C GLU A 90 -4.63 4.60 14.26
N LEU A 91 -4.86 4.01 13.08
CA LEU A 91 -5.60 2.76 12.96
C LEU A 91 -4.69 1.54 13.17
N ALA A 92 -3.49 1.59 12.60
CA ALA A 92 -2.53 0.49 12.71
C ALA A 92 -1.43 0.78 13.72
N PRO A 93 -0.79 -0.28 14.26
CA PRO A 93 0.30 -0.15 15.24
C PRO A 93 1.36 0.89 14.86
N ASP A 94 2.19 1.24 15.84
CA ASP A 94 3.26 2.22 15.66
C ASP A 94 4.36 1.73 14.70
N PHE A 95 4.37 0.43 14.40
CA PHE A 95 5.40 -0.11 13.50
C PHE A 95 4.81 -0.49 12.13
N VAL A 96 3.86 -1.43 12.15
CA VAL A 96 3.23 -1.92 10.90
C VAL A 96 2.54 -0.79 10.13
N GLY A 97 1.98 0.19 10.86
CA GLY A 97 1.30 1.30 10.22
C GLY A 97 2.16 2.00 9.18
N ASP A 98 3.46 2.10 9.45
CA ASP A 98 4.39 2.74 8.52
C ASP A 98 4.53 1.95 7.23
N ILE A 99 4.75 0.64 7.35
CA ILE A 99 4.92 -0.25 6.20
C ILE A 99 3.68 -0.23 5.30
N LEU A 100 2.52 -0.55 5.89
CA LEU A 100 1.26 -0.60 5.14
C LEU A 100 1.05 0.70 4.35
N TRP A 101 1.11 1.85 5.02
CA TRP A 101 0.91 3.12 4.33
C TRP A 101 2.05 3.40 3.34
N GLU A 102 3.25 2.87 3.60
CA GLU A 102 4.37 3.06 2.68
C GLU A 102 4.01 2.51 1.30
N HIS A 103 3.55 1.26 1.26
CA HIS A 103 3.14 0.62 0.01
C HIS A 103 1.78 1.14 -0.44
N LEU A 104 0.89 1.39 0.53
CA LEU A 104 -0.46 1.90 0.26
C LEU A 104 -0.39 3.18 -0.58
N GLU A 105 0.45 4.11 -0.15
CA GLU A 105 0.60 5.38 -0.86
C GLU A 105 1.22 5.13 -2.23
N ILE A 106 2.21 4.23 -2.28
CA ILE A 106 2.87 3.87 -3.53
C ILE A 106 1.85 3.43 -4.58
N LEU A 107 0.92 2.57 -4.18
CA LEU A 107 -0.13 2.08 -5.08
C LEU A 107 -0.84 3.24 -5.77
N GLN A 108 -1.04 4.34 -5.04
CA GLN A 108 -1.70 5.53 -5.55
C GLN A 108 -0.93 6.14 -6.71
N LYS A 109 0.34 6.48 -6.46
CA LYS A 109 1.21 7.09 -7.46
C LYS A 109 1.59 6.11 -8.58
N GLU A 110 1.67 4.83 -8.26
CA GLU A 110 2.03 3.80 -9.25
C GLU A 110 1.02 3.73 -10.39
N ASP A 111 -0.18 3.24 -10.10
CA ASP A 111 -1.22 3.11 -11.12
C ASP A 111 -2.61 3.40 -10.56
N VAL A 112 -3.54 3.70 -11.46
CA VAL A 112 -4.92 3.99 -11.09
C VAL A 112 -5.88 3.02 -11.77
N LYS A 113 -5.61 1.73 -11.63
CA LYS A 113 -6.43 0.68 -12.23
C LYS A 113 -7.65 0.37 -11.37
N HIS A 3 37.93 14.87 2.41
CA HIS A 3 36.53 14.54 2.84
C HIS A 3 35.72 15.80 3.15
N MET A 4 36.40 16.86 3.60
CA MET A 4 35.76 18.13 3.95
C MET A 4 34.97 18.02 5.24
N GLU A 5 33.82 17.33 5.20
CA GLU A 5 32.99 17.16 6.38
C GLU A 5 31.81 16.23 6.09
N CYS A 6 31.10 16.48 4.99
CA CYS A 6 29.95 15.66 4.60
C CYS A 6 30.37 14.56 3.63
N ALA A 7 31.23 14.90 2.66
CA ALA A 7 31.70 13.94 1.67
C ALA A 7 32.58 12.87 2.32
N ASP A 8 31.99 11.72 2.61
CA ASP A 8 32.71 10.61 3.23
C ASP A 8 32.22 9.26 2.70
N VAL A 9 33.13 8.49 2.13
CA VAL A 9 32.80 7.17 1.57
C VAL A 9 33.57 6.06 2.29
N PRO A 10 32.90 5.31 3.19
CA PRO A 10 33.52 4.23 3.94
C PRO A 10 33.70 2.95 3.10
N LEU A 11 34.21 1.90 3.72
CA LEU A 11 34.42 0.62 3.04
C LEU A 11 33.11 0.04 2.52
N LEU A 12 32.13 -0.09 3.41
CA LEU A 12 30.83 -0.63 3.05
C LEU A 12 29.76 0.47 3.06
N PRO A 14 26.48 0.89 0.59
CA PRO A 14 25.58 0.59 -0.52
C PRO A 14 24.69 1.78 -0.91
N SER A 15 24.28 1.81 -2.18
CA SER A 15 23.42 2.89 -2.67
C SER A 15 22.02 2.80 -2.09
N LYS A 17 19.58 4.82 -2.59
CA LYS A 17 18.61 5.15 -3.64
C LYS A 17 18.17 3.88 -4.36
N GLU A 18 19.13 2.99 -4.64
CA GLU A 18 18.83 1.73 -5.31
C GLU A 18 18.25 0.72 -4.33
N MET A 19 18.79 0.71 -3.11
CA MET A 19 18.32 -0.21 -2.05
C MET A 19 16.82 -0.08 -1.84
N MET A 20 16.34 1.17 -1.73
CA MET A 20 14.93 1.45 -1.53
C MET A 20 14.06 0.86 -2.64
N SER A 21 14.59 0.84 -3.87
CA SER A 21 13.85 0.30 -5.01
C SER A 21 14.02 -1.22 -5.12
N GLN A 22 15.16 -1.73 -4.65
CA GLN A 22 15.43 -3.17 -4.69
C GLN A 22 14.31 -3.96 -4.00
N ALA A 23 14.00 -3.56 -2.77
CA ALA A 23 12.95 -4.23 -1.99
C ALA A 23 11.55 -3.79 -2.44
N LEU A 24 11.42 -2.51 -2.83
CA LEU A 24 10.14 -1.98 -3.29
C LEU A 24 9.63 -2.71 -4.53
N LYS A 25 10.53 -2.93 -5.50
CA LYS A 25 10.19 -3.64 -6.72
C LYS A 25 9.95 -5.13 -6.44
N ALA A 26 10.72 -5.67 -5.48
CA ALA A 26 10.58 -7.07 -5.09
C ALA A 26 9.22 -7.33 -4.46
N THR A 27 8.71 -6.34 -3.71
CA THR A 27 7.41 -6.46 -3.06
C THR A 27 6.30 -6.49 -4.10
N PHE A 28 6.36 -5.58 -5.07
CA PHE A 28 5.36 -5.51 -6.15
C PHE A 28 5.11 -6.88 -6.76
N SER A 29 6.20 -7.63 -7.02
CA SER A 29 6.08 -8.97 -7.60
C SER A 29 5.23 -9.89 -6.71
N GLY A 30 5.48 -9.84 -5.40
CA GLY A 30 4.73 -10.67 -4.47
C GLY A 30 3.30 -10.17 -4.26
N PHE A 31 3.04 -8.94 -4.69
CA PHE A 31 1.72 -8.34 -4.54
C PHE A 31 0.86 -8.64 -5.77
N THR A 32 1.44 -8.43 -6.96
CA THR A 32 0.72 -8.70 -8.21
C THR A 32 0.22 -10.14 -8.26
N LYS A 33 1.02 -11.08 -7.76
CA LYS A 33 0.63 -12.49 -7.74
C LYS A 33 -0.68 -12.67 -6.96
N GLU A 34 -0.84 -11.87 -5.90
CA GLU A 34 -2.05 -11.91 -5.08
C GLU A 34 -3.18 -11.16 -5.79
N GLN A 35 -2.83 -10.02 -6.39
CA GLN A 35 -3.79 -9.19 -7.13
C GLN A 35 -4.45 -9.97 -8.26
N GLN A 36 -3.74 -10.95 -8.81
CA GLN A 36 -4.26 -11.77 -9.91
C GLN A 36 -5.22 -12.85 -9.40
N ARG A 37 -5.14 -13.17 -8.10
CA ARG A 37 -5.99 -14.20 -7.51
C ARG A 37 -7.40 -13.66 -7.27
N LEU A 38 -7.49 -12.43 -6.74
CA LEU A 38 -8.78 -11.80 -6.45
C LEU A 38 -9.20 -10.80 -7.52
N GLY A 39 -8.23 -10.24 -8.25
CA GLY A 39 -8.54 -9.25 -9.28
C GLY A 39 -8.37 -7.82 -8.78
N ILE A 40 -7.75 -7.66 -7.60
CA ILE A 40 -7.52 -6.35 -7.00
C ILE A 40 -6.64 -5.48 -7.90
N PRO A 41 -7.08 -4.24 -8.19
CA PRO A 41 -6.31 -3.31 -9.04
C PRO A 41 -5.10 -2.74 -8.31
N LYS A 42 -4.21 -2.08 -9.05
CA LYS A 42 -3.00 -1.51 -8.47
C LYS A 42 -3.21 -0.03 -8.11
N ASP A 43 -4.25 0.23 -7.29
CA ASP A 43 -4.57 1.60 -6.86
C ASP A 43 -5.59 1.59 -5.72
N PRO A 44 -5.25 2.24 -4.58
CA PRO A 44 -6.11 2.31 -3.40
C PRO A 44 -7.41 3.09 -3.63
N ARG A 45 -7.33 4.23 -4.31
CA ARG A 45 -8.52 5.05 -4.59
C ARG A 45 -9.63 4.19 -5.20
N GLN A 46 -9.26 3.25 -6.06
CA GLN A 46 -10.23 2.37 -6.71
C GLN A 46 -10.28 1.00 -6.03
N TRP A 47 -10.31 1.00 -4.70
CA TRP A 47 -10.37 -0.24 -3.91
C TRP A 47 -11.63 -0.27 -3.05
N THR A 48 -11.90 -1.43 -2.44
CA THR A 48 -13.04 -1.58 -1.55
C THR A 48 -12.61 -2.29 -0.27
N GLU A 49 -13.55 -2.49 0.65
CA GLU A 49 -13.24 -3.16 1.93
C GLU A 49 -12.47 -4.47 1.73
N THR A 50 -12.89 -5.25 0.74
CA THR A 50 -12.23 -6.53 0.45
C THR A 50 -10.79 -6.34 0.00
N HIS A 51 -10.58 -5.43 -0.96
CA HIS A 51 -9.24 -5.13 -1.47
C HIS A 51 -8.33 -4.61 -0.36
N VAL A 52 -8.89 -3.73 0.48
CA VAL A 52 -8.14 -3.14 1.60
C VAL A 52 -7.68 -4.23 2.58
N ARG A 53 -8.63 -5.04 3.04
CA ARG A 53 -8.36 -6.10 3.99
C ARG A 53 -7.47 -7.19 3.38
N ASP A 54 -7.80 -7.64 2.17
CA ASP A 54 -7.03 -8.68 1.50
C ASP A 54 -5.57 -8.25 1.35
N TRP A 55 -5.36 -6.96 1.07
CA TRP A 55 -4.01 -6.42 0.92
C TRP A 55 -3.31 -6.42 2.28
N VAL A 56 -3.87 -5.66 3.24
CA VAL A 56 -3.33 -5.60 4.60
C VAL A 56 -2.93 -6.99 5.09
N MET A 57 -3.87 -7.94 4.99
CA MET A 57 -3.62 -9.33 5.41
C MET A 57 -2.39 -9.89 4.70
N TRP A 58 -2.35 -9.68 3.38
CA TRP A 58 -1.23 -10.14 2.55
C TRP A 58 0.09 -9.51 3.02
N ALA A 59 0.04 -8.24 3.41
CA ALA A 59 1.22 -7.51 3.88
C ALA A 59 1.66 -7.98 5.27
N VAL A 60 0.72 -8.61 6.00
CA VAL A 60 1.01 -9.11 7.34
C VAL A 60 1.69 -10.47 7.26
N ASN A 61 1.30 -11.27 6.26
CA ASN A 61 1.87 -12.59 6.05
C ASN A 61 3.21 -12.51 5.32
N GLU A 62 3.30 -11.59 4.35
CA GLU A 62 4.53 -11.40 3.58
C GLU A 62 5.63 -10.76 4.42
N PHE A 63 5.24 -9.81 5.27
CA PHE A 63 6.20 -9.13 6.14
C PHE A 63 6.19 -9.68 7.57
N SER A 64 5.40 -10.74 7.80
CA SER A 64 5.29 -11.34 9.15
C SER A 64 5.10 -10.27 10.21
N LEU A 65 4.10 -9.41 10.01
CA LEU A 65 3.83 -8.30 10.92
C LEU A 65 2.94 -8.75 12.08
N LYS A 66 2.86 -7.92 13.11
CA LYS A 66 2.05 -8.22 14.29
C LYS A 66 1.54 -6.95 14.97
N GLY A 67 0.40 -7.08 15.66
CA GLY A 67 -0.20 -5.95 16.35
C GLY A 67 -1.16 -5.14 15.49
N VAL A 68 -1.19 -5.41 14.18
CA VAL A 68 -2.08 -4.69 13.27
C VAL A 68 -3.51 -5.25 13.35
N ASP A 69 -4.48 -4.35 13.40
CA ASP A 69 -5.89 -4.75 13.48
C ASP A 69 -6.61 -4.54 12.14
N PHE A 70 -7.46 -5.50 11.78
CA PHE A 70 -8.20 -5.45 10.52
C PHE A 70 -9.52 -4.69 10.68
N GLN A 71 -10.08 -4.68 11.89
CA GLN A 71 -11.32 -3.95 12.17
C GLN A 71 -11.11 -2.45 11.91
N LYS A 72 -9.88 -1.99 12.11
CA LYS A 72 -9.51 -0.59 11.89
C LYS A 72 -9.58 -0.23 10.40
N PHE A 73 -9.28 -1.20 9.53
CA PHE A 73 -9.30 -0.96 8.09
C PHE A 73 -10.59 -1.51 7.44
N CYS A 74 -11.70 -1.48 8.19
CA CYS A 74 -12.97 -1.96 7.66
C CYS A 74 -13.66 -0.88 6.83
N MET A 75 -13.04 -0.53 5.70
CA MET A 75 -13.56 0.49 4.81
C MET A 75 -12.98 0.33 3.40
N SER A 76 -13.56 1.04 2.44
CA SER A 76 -13.11 0.97 1.05
C SER A 76 -11.79 1.73 0.87
N GLY A 77 -11.09 1.44 -0.23
CA GLY A 77 -9.83 2.09 -0.53
C GLY A 77 -9.96 3.60 -0.64
N ALA A 78 -11.04 4.05 -1.29
CA ALA A 78 -11.29 5.48 -1.45
C ALA A 78 -11.33 6.19 -0.11
N ALA A 79 -11.95 5.53 0.89
CA ALA A 79 -12.06 6.08 2.23
C ALA A 79 -10.70 6.05 2.93
N LEU A 80 -10.01 4.91 2.80
CA LEU A 80 -8.68 4.73 3.39
C LEU A 80 -7.71 5.79 2.89
N CYS A 81 -7.75 6.08 1.59
CA CYS A 81 -6.87 7.10 0.99
C CYS A 81 -7.20 8.49 1.54
N ALA A 82 -8.50 8.77 1.67
CA ALA A 82 -8.97 10.05 2.18
C ALA A 82 -8.50 10.28 3.62
N LEU A 83 -8.38 9.19 4.39
CA LEU A 83 -7.94 9.26 5.79
C LEU A 83 -6.54 9.86 5.92
N GLY A 84 -5.68 9.60 4.92
CA GLY A 84 -4.32 10.12 4.96
C GLY A 84 -3.42 9.31 5.87
N LYS A 85 -2.14 9.68 5.93
CA LYS A 85 -1.17 8.98 6.77
C LYS A 85 -1.55 9.07 8.25
N GLU A 86 -1.89 10.27 8.71
CA GLU A 86 -2.28 10.50 10.10
C GLU A 86 -3.34 9.51 10.57
N CYS A 87 -4.55 9.61 10.00
CA CYS A 87 -5.65 8.73 10.38
C CYS A 87 -5.27 7.26 10.21
N PHE A 88 -4.57 6.93 9.12
CA PHE A 88 -4.15 5.55 8.85
C PHE A 88 -3.21 5.04 9.95
N LEU A 89 -2.26 5.89 10.36
CA LEU A 89 -1.30 5.53 11.40
C LEU A 89 -2.03 5.34 12.74
N GLU A 90 -3.12 6.07 12.95
CA GLU A 90 -3.92 5.95 14.17
C GLU A 90 -4.65 4.60 14.17
N LEU A 91 -4.90 4.06 12.98
CA LEU A 91 -5.59 2.78 12.81
C LEU A 91 -4.61 1.61 12.89
N ALA A 92 -3.41 1.81 12.34
CA ALA A 92 -2.38 0.77 12.33
C ALA A 92 -1.38 0.95 13.47
N PRO A 93 -0.54 -0.08 13.71
CA PRO A 93 0.47 -0.04 14.79
C PRO A 93 1.60 0.96 14.52
N ASP A 94 2.48 1.11 15.50
CA ASP A 94 3.62 2.03 15.41
C ASP A 94 4.60 1.63 14.31
N PHE A 95 4.70 0.32 14.02
CA PHE A 95 5.63 -0.15 12.99
C PHE A 95 4.90 -0.62 11.73
N VAL A 96 3.89 -1.47 11.91
CA VAL A 96 3.11 -2.00 10.79
C VAL A 96 2.43 -0.87 10.00
N GLY A 97 1.93 0.14 10.72
CA GLY A 97 1.28 1.26 10.06
C GLY A 97 2.14 1.90 8.98
N ASP A 98 3.45 2.00 9.23
CA ASP A 98 4.38 2.58 8.28
C ASP A 98 4.47 1.72 7.01
N ILE A 99 4.67 0.41 7.19
CA ILE A 99 4.77 -0.52 6.06
C ILE A 99 3.53 -0.45 5.16
N LEU A 100 2.36 -0.50 5.78
CA LEU A 100 1.10 -0.47 5.03
C LEU A 100 0.91 0.85 4.27
N TRP A 101 0.90 1.97 4.98
CA TRP A 101 0.72 3.27 4.33
C TRP A 101 1.86 3.59 3.36
N GLU A 102 3.05 3.05 3.60
CA GLU A 102 4.18 3.32 2.69
C GLU A 102 3.89 2.73 1.31
N HIS A 103 3.58 1.43 1.27
CA HIS A 103 3.26 0.76 0.01
C HIS A 103 1.89 1.23 -0.50
N LEU A 104 0.97 1.48 0.44
CA LEU A 104 -0.38 1.95 0.11
C LEU A 104 -0.32 3.29 -0.61
N GLU A 105 0.48 4.22 -0.09
CA GLU A 105 0.62 5.54 -0.69
C GLU A 105 1.25 5.42 -2.08
N ILE A 106 2.18 4.46 -2.22
CA ILE A 106 2.84 4.20 -3.48
C ILE A 106 1.82 3.75 -4.53
N LEU A 107 0.93 2.85 -4.13
CA LEU A 107 -0.12 2.34 -5.01
C LEU A 107 -0.99 3.49 -5.54
N GLN A 108 -1.21 4.51 -4.72
CA GLN A 108 -2.00 5.68 -5.11
C GLN A 108 -1.38 6.39 -6.31
N LYS A 109 -0.10 6.73 -6.18
CA LYS A 109 0.63 7.42 -7.25
C LYS A 109 0.49 6.69 -8.59
N GLU A 110 0.62 5.36 -8.54
CA GLU A 110 0.50 4.54 -9.74
C GLU A 110 -0.97 4.14 -9.96
N ASP A 111 -1.74 5.06 -10.55
CA ASP A 111 -3.16 4.81 -10.82
C ASP A 111 -3.31 3.99 -12.10
N VAL A 112 -3.22 2.67 -11.96
CA VAL A 112 -3.37 1.77 -13.09
C VAL A 112 -4.83 1.36 -13.29
N LYS A 113 -5.32 1.52 -14.51
CA LYS A 113 -6.71 1.17 -14.84
C LYS A 113 -6.76 -0.14 -15.63
#